data_8F6X
#
_entry.id   8F6X
#
_cell.length_a   1.00
_cell.length_b   1.00
_cell.length_c   1.00
_cell.angle_alpha   90.00
_cell.angle_beta   90.00
_cell.angle_gamma   90.00
#
_symmetry.space_group_name_H-M   'P 1'
#
loop_
_entity.id
_entity.type
_entity.pdbx_description
1 polymer 'Structurally designed HMPV F protein HMPV_v3B_D12_DS454,Fibritin'
2 polymer 'MPE8 Single chain variable fragment'
3 non-polymer 2-acetamido-2-deoxy-beta-D-glucopyranose
#
loop_
_entity_poly.entity_id
_entity_poly.type
_entity_poly.pdbx_seq_one_letter_code
_entity_poly.pdbx_strand_id
1 'polypeptide(L)'
;MSWKVMIIISLLITPQHGLKESYLEESCSTITEGYLSVLRTGWYTNVFTLEVGDVENLTCTDGPSLIKTELDLTKSALRE
LKTCSADQGSGGSGATAAAVTAGIAIAKTIRLESEVNAIKGCLKTTNECVSTLGNGVRVLATAVRELKEFVSKNLTSAIN
KNKCDIPDLKMAVSFSQFNRRFLNVVRQFSDNAGITPAISLDLMTDAELARAVSYMPTSAGQIKLMLENRCMVRRKGFGI
LIGVYGSSVIYMVQLPIFGVIDTPCWIIKAAPSCSEKDGNYACLLREDQGWYCKNAGSTVYYPNDKDCETRGDHVFCDTA
AGINVAEQSRECNINISTTNYPCKVSTGRHPISMVALSPLGALVACYKGVSCSIGSNRVGIIKQLPKGCSYITNQDADTV
TIDNTVYQLSKVEGEQHVIKGRPVSSSFDPIKFPECQFNCALDQVFESIENSQALVDQSNKILNSAESAIGGYIPEAPRD
GQAYVRKDGEWVLLSTFLGGLVPRGSHHHHHHSAWSHPQFEK
;
A,B,C
2 'polypeptide(L)'
;MELGLRWVFLVAILEGVQCEVQLVESGGGLVKPGGSLRLSCAASGFTFSSYSMNWVRQAPGKGLEWVSSISASSSYSDYA
DSAKGRFTISRDNAKTSLFLQMNSLRAEDTAIYFCARARATGYSSITPYFDIWGQGTLVTVSSGTGGSGGGGSGGGGSGG
GASQSVVTQTPSVSGAPGQRVTISCTGSSSNIGAGYDVHWYQQLPGTAPKLLIYDNNNRPSGVPDRFSASKSGTSASLAI
TGLQAEDEADYYCQSYDRNLSGVFGTGTKVTVLGSGENLYFQSGGSGGHHHHHHHHSAWSHPQFEK
;
D,E,F
#
# COMPACT_ATOMS: atom_id res chain seq x y z
N LEU A 19 -3.18 -10.68 28.85
CA LEU A 19 -2.06 -11.10 28.03
C LEU A 19 -1.01 -11.81 28.88
N LYS A 20 -0.17 -12.62 28.24
CA LYS A 20 0.90 -13.32 28.94
C LYS A 20 1.98 -13.65 27.93
N GLU A 21 3.19 -13.13 28.14
CA GLU A 21 4.28 -13.28 27.19
C GLU A 21 5.37 -14.15 27.79
N SER A 22 5.77 -15.17 27.04
CA SER A 22 6.86 -16.06 27.43
C SER A 22 8.03 -15.85 26.47
N TYR A 23 9.20 -15.60 27.03
CA TYR A 23 10.43 -15.46 26.26
C TYR A 23 11.10 -16.83 26.18
N LEU A 24 11.02 -17.45 25.01
CA LEU A 24 11.67 -18.73 24.75
C LEU A 24 13.13 -18.46 24.42
N GLU A 25 14.02 -18.76 25.36
CA GLU A 25 15.45 -18.52 25.17
C GLU A 25 16.09 -19.55 24.25
N GLU A 26 15.45 -20.70 24.05
CA GLU A 26 16.01 -21.74 23.19
C GLU A 26 16.23 -21.23 21.78
N SER A 27 15.22 -20.57 21.21
CA SER A 27 15.29 -20.01 19.87
C SER A 27 15.30 -18.49 19.87
N CYS A 28 15.38 -17.86 21.04
CA CYS A 28 15.35 -16.41 21.18
C CYS A 28 14.11 -15.82 20.51
N SER A 29 12.96 -16.19 21.04
CA SER A 29 11.68 -15.74 20.51
C SER A 29 10.78 -15.35 21.68
N THR A 30 9.66 -14.70 21.34
CA THR A 30 8.64 -14.35 22.32
C THR A 30 7.29 -14.81 21.82
N ILE A 31 6.56 -15.54 22.65
CA ILE A 31 5.21 -15.99 22.34
C ILE A 31 4.26 -15.31 23.33
N THR A 32 3.34 -14.52 22.80
CA THR A 32 2.38 -13.78 23.60
C THR A 32 1.00 -14.38 23.40
N GLU A 33 0.46 -14.98 24.45
CA GLU A 33 -0.87 -15.56 24.48
C GLU A 33 -1.80 -14.66 25.27
N GLY A 34 -3.06 -15.09 25.38
CA GLY A 34 -4.08 -14.33 26.07
C GLY A 34 -5.00 -13.54 25.17
N TYR A 35 -4.76 -13.55 23.86
CA TYR A 35 -5.65 -12.90 22.92
C TYR A 35 -6.89 -13.75 22.68
N LEU A 36 -7.89 -13.15 22.04
CA LEU A 36 -9.13 -13.84 21.71
C LEU A 36 -9.45 -13.61 20.25
N SER A 37 -9.74 -14.68 19.52
CA SER A 37 -9.95 -14.59 18.08
C SER A 37 -11.29 -13.96 17.75
N VAL A 38 -11.31 -13.22 16.65
CA VAL A 38 -12.54 -12.84 15.95
C VAL A 38 -12.24 -13.10 14.48
N LEU A 39 -12.63 -14.27 13.99
CA LEU A 39 -12.29 -14.71 12.64
C LEU A 39 -13.49 -14.51 11.73
N ARG A 40 -13.30 -13.73 10.67
CA ARG A 40 -14.34 -13.56 9.67
C ARG A 40 -14.48 -14.85 8.87
N THR A 41 -15.69 -15.40 8.84
CA THR A 41 -15.95 -16.65 8.12
C THR A 41 -16.88 -16.48 6.93
N GLY A 42 -17.76 -15.49 6.93
CA GLY A 42 -18.71 -15.33 5.86
C GLY A 42 -18.93 -13.88 5.50
N TRP A 43 -19.79 -13.66 4.51
CA TRP A 43 -20.16 -12.34 4.05
C TRP A 43 -21.67 -12.17 4.10
N TYR A 44 -22.13 -10.99 4.46
CA TYR A 44 -23.54 -10.62 4.44
C TYR A 44 -23.71 -9.47 3.47
N THR A 45 -24.64 -9.63 2.52
CA THR A 45 -24.76 -8.71 1.39
C THR A 45 -25.88 -7.71 1.66
N ASN A 46 -25.54 -6.42 1.63
CA ASN A 46 -26.49 -5.33 1.75
C ASN A 46 -26.45 -4.54 0.46
N VAL A 47 -27.47 -4.68 -0.36
CA VAL A 47 -27.51 -4.07 -1.69
C VAL A 47 -28.21 -2.71 -1.57
N PHE A 48 -27.45 -1.63 -1.72
CA PHE A 48 -28.00 -0.29 -1.71
C PHE A 48 -28.35 0.16 -3.12
N THR A 49 -29.48 0.83 -3.25
CA THR A 49 -29.94 1.39 -4.52
C THR A 49 -30.08 2.90 -4.35
N LEU A 50 -28.98 3.62 -4.54
CA LEU A 50 -28.98 5.07 -4.43
C LEU A 50 -29.67 5.65 -5.66
N GLU A 51 -30.91 6.12 -5.48
CA GLU A 51 -31.69 6.66 -6.59
C GLU A 51 -31.37 8.14 -6.75
N VAL A 52 -30.92 8.52 -7.94
CA VAL A 52 -30.52 9.90 -8.21
C VAL A 52 -31.68 10.73 -8.75
N GLY A 53 -32.37 10.21 -9.77
CA GLY A 53 -33.49 10.89 -10.37
C GLY A 53 -33.23 11.19 -11.83
N ASP A 54 -34.09 12.04 -12.39
CA ASP A 54 -34.01 12.42 -13.80
C ASP A 54 -33.12 13.66 -13.99
N VAL A 55 -31.89 13.58 -13.49
CA VAL A 55 -30.96 14.70 -13.65
C VAL A 55 -30.54 14.85 -15.11
N GLU A 56 -30.49 13.74 -15.86
CA GLU A 56 -30.07 13.82 -17.26
C GLU A 56 -31.03 14.64 -18.09
N ASN A 57 -32.34 14.49 -17.86
CA ASN A 57 -33.33 15.25 -18.62
C ASN A 57 -33.22 16.74 -18.33
N LEU A 58 -32.98 17.11 -17.08
CA LEU A 58 -32.86 18.52 -16.72
C LEU A 58 -31.63 19.13 -17.38
N THR A 59 -31.79 20.37 -17.87
CA THR A 59 -30.71 21.07 -18.54
C THR A 59 -30.70 22.53 -18.11
N CYS A 60 -29.52 23.14 -18.17
CA CYS A 60 -29.34 24.55 -17.87
C CYS A 60 -28.68 25.23 -19.06
N THR A 61 -29.26 26.35 -19.50
CA THR A 61 -28.73 27.09 -20.64
C THR A 61 -28.11 28.43 -20.27
N ASP A 62 -28.42 28.97 -19.10
CA ASP A 62 -27.89 30.25 -18.67
C ASP A 62 -26.48 30.07 -18.11
N GLY A 63 -25.96 31.11 -17.48
CA GLY A 63 -24.66 31.04 -16.86
C GLY A 63 -24.71 30.34 -15.51
N PRO A 64 -23.62 30.38 -14.76
CA PRO A 64 -23.60 29.74 -13.44
C PRO A 64 -24.66 30.35 -12.53
N SER A 65 -25.38 29.48 -11.81
CA SER A 65 -26.45 29.93 -10.93
C SER A 65 -26.45 29.12 -9.63
N LEU A 66 -25.30 28.58 -9.25
CA LEU A 66 -25.12 27.71 -8.07
C LEU A 66 -25.84 26.38 -8.25
N ILE A 67 -26.55 26.21 -9.37
CA ILE A 67 -27.26 24.99 -9.67
C ILE A 67 -26.74 24.35 -10.95
N LYS A 68 -26.47 25.16 -11.98
CA LYS A 68 -25.91 24.62 -13.22
C LYS A 68 -24.57 23.95 -12.98
N THR A 69 -23.72 24.55 -12.14
CA THR A 69 -22.46 23.90 -11.81
C THR A 69 -22.68 22.58 -11.08
N GLU A 70 -23.60 22.58 -10.11
CA GLU A 70 -23.87 21.36 -9.35
C GLU A 70 -24.56 20.31 -10.21
N LEU A 71 -25.47 20.74 -11.08
CA LEU A 71 -26.11 19.80 -12.01
C LEU A 71 -25.08 19.20 -12.96
N ASP A 72 -24.14 20.02 -13.44
CA ASP A 72 -23.08 19.51 -14.30
C ASP A 72 -22.21 18.52 -13.56
N LEU A 73 -21.88 18.81 -12.30
CA LEU A 73 -21.10 17.88 -11.51
C LEU A 73 -21.83 16.56 -11.31
N THR A 74 -23.13 16.62 -11.02
CA THR A 74 -23.91 15.40 -10.85
C THR A 74 -23.97 14.59 -12.14
N LYS A 75 -24.18 15.26 -13.27
CA LYS A 75 -24.18 14.56 -14.56
C LYS A 75 -22.83 13.94 -14.85
N SER A 76 -21.75 14.65 -14.56
CA SER A 76 -20.41 14.10 -14.79
C SER A 76 -20.18 12.88 -13.93
N ALA A 77 -20.59 12.92 -12.67
CA ALA A 77 -20.45 11.75 -11.79
C ALA A 77 -21.27 10.58 -12.32
N LEU A 78 -22.51 10.84 -12.73
CA LEU A 78 -23.37 9.76 -13.20
C LEU A 78 -22.83 9.13 -14.47
N ARG A 79 -22.32 9.94 -15.39
CA ARG A 79 -21.74 9.40 -16.63
C ARG A 79 -20.37 8.80 -16.41
N GLU A 80 -19.67 9.17 -15.34
CA GLU A 80 -18.39 8.56 -15.03
C GLU A 80 -18.59 7.19 -14.41
N LEU A 81 -19.66 7.01 -13.64
CA LEU A 81 -19.93 5.71 -13.03
C LEU A 81 -20.23 4.63 -14.06
N LYS A 82 -20.73 5.01 -15.23
CA LYS A 82 -21.13 4.02 -16.22
C LYS A 82 -19.95 3.19 -16.70
N THR A 83 -18.80 3.84 -16.91
CA THR A 83 -17.66 3.15 -17.52
C THR A 83 -17.12 2.05 -16.61
N CYS A 84 -16.84 2.38 -15.35
CA CYS A 84 -16.18 1.44 -14.45
C CYS A 84 -17.20 0.81 -13.49
N SER A 85 -17.85 -0.23 -13.99
CA SER A 85 -18.59 -1.16 -13.15
C SER A 85 -17.64 -2.26 -12.70
N ALA A 86 -17.64 -2.54 -11.41
CA ALA A 86 -16.71 -3.54 -10.86
C ALA A 86 -16.92 -4.89 -11.54
N ASP A 87 -15.93 -5.30 -12.32
CA ASP A 87 -16.03 -6.49 -13.15
C ASP A 87 -15.15 -7.59 -12.57
N GLN A 88 -15.35 -8.81 -13.06
CA GLN A 88 -14.66 -9.98 -12.53
C GLN A 88 -13.15 -9.80 -12.62
N GLY A 89 -12.46 -10.11 -11.53
CA GLY A 89 -11.03 -9.96 -11.45
C GLY A 89 -10.28 -11.13 -12.07
N SER A 90 -8.97 -11.11 -11.89
CA SER A 90 -8.08 -12.13 -12.42
C SER A 90 -7.88 -13.31 -11.47
N GLY A 91 -8.46 -13.25 -10.28
CA GLY A 91 -8.29 -14.32 -9.31
C GLY A 91 -7.01 -14.17 -8.51
N GLY A 92 -6.78 -15.14 -7.64
CA GLY A 92 -5.61 -15.14 -6.79
C GLY A 92 -5.75 -16.14 -5.66
N SER A 93 -4.88 -15.99 -4.67
CA SER A 93 -4.86 -16.87 -3.51
C SER A 93 -4.97 -16.15 -2.18
N GLY A 94 -4.81 -14.83 -2.15
CA GLY A 94 -4.88 -14.09 -0.91
C GLY A 94 -6.30 -13.88 -0.43
N ALA A 95 -6.41 -13.26 0.75
CA ALA A 95 -7.72 -13.00 1.32
C ALA A 95 -8.51 -12.01 0.47
N THR A 96 -7.84 -10.97 -0.04
CA THR A 96 -8.54 -9.97 -0.84
C THR A 96 -9.07 -10.57 -2.14
N ALA A 97 -8.29 -11.45 -2.78
CA ALA A 97 -8.75 -12.07 -4.03
C ALA A 97 -9.97 -12.96 -3.78
N ALA A 98 -9.93 -13.77 -2.73
CA ALA A 98 -11.08 -14.63 -2.41
C ALA A 98 -12.30 -13.80 -2.05
N ALA A 99 -12.11 -12.72 -1.29
CA ALA A 99 -13.23 -11.86 -0.94
C ALA A 99 -13.84 -11.21 -2.18
N VAL A 100 -12.99 -10.73 -3.10
CA VAL A 100 -13.48 -10.10 -4.32
C VAL A 100 -14.24 -11.11 -5.17
N THR A 101 -13.70 -12.33 -5.29
CA THR A 101 -14.40 -13.35 -6.08
C THR A 101 -15.74 -13.71 -5.45
N ALA A 102 -15.78 -13.85 -4.13
CA ALA A 102 -17.04 -14.16 -3.45
C ALA A 102 -18.06 -13.05 -3.64
N GLY A 103 -17.62 -11.80 -3.54
CA GLY A 103 -18.54 -10.69 -3.76
C GLY A 103 -19.06 -10.62 -5.18
N ILE A 104 -18.16 -10.81 -6.16
CA ILE A 104 -18.57 -10.75 -7.56
C ILE A 104 -19.50 -11.91 -7.90
N ALA A 105 -19.40 -13.02 -7.16
CA ALA A 105 -20.31 -14.13 -7.40
C ALA A 105 -21.76 -13.71 -7.20
N ILE A 106 -22.04 -12.93 -6.15
CA ILE A 106 -23.39 -12.40 -5.94
C ILE A 106 -23.63 -11.18 -6.83
N ALA A 107 -22.58 -10.42 -7.13
CA ALA A 107 -22.75 -9.24 -7.98
C ALA A 107 -23.26 -9.61 -9.36
N LYS A 108 -22.74 -10.69 -9.94
CA LYS A 108 -23.19 -11.11 -11.27
C LYS A 108 -24.63 -11.59 -11.23
N THR A 109 -25.03 -12.26 -10.15
CA THR A 109 -26.43 -12.66 -10.01
C THR A 109 -27.34 -11.44 -9.90
N ILE A 110 -26.89 -10.42 -9.17
CA ILE A 110 -27.66 -9.18 -9.06
C ILE A 110 -27.76 -8.47 -10.40
N ARG A 111 -26.70 -8.54 -11.21
CA ARG A 111 -26.68 -7.84 -12.49
C ARG A 111 -27.79 -8.27 -13.42
N LEU A 112 -28.35 -9.46 -13.24
CA LEU A 112 -29.44 -9.92 -14.09
C LEU A 112 -30.66 -9.02 -13.92
N GLU A 113 -31.40 -8.85 -15.02
CA GLU A 113 -32.50 -7.89 -15.03
C GLU A 113 -33.62 -8.30 -14.08
N SER A 114 -33.87 -9.60 -13.95
CA SER A 114 -34.97 -10.07 -13.10
C SER A 114 -34.73 -9.71 -11.64
N GLU A 115 -33.53 -10.02 -11.13
CA GLU A 115 -33.24 -9.75 -9.72
C GLU A 115 -33.26 -8.27 -9.41
N VAL A 116 -32.63 -7.45 -10.27
CA VAL A 116 -32.60 -6.01 -10.02
C VAL A 116 -34.00 -5.41 -10.11
N ASN A 117 -34.81 -5.89 -11.07
CA ASN A 117 -36.18 -5.41 -11.18
C ASN A 117 -36.99 -5.77 -9.95
N ALA A 118 -36.84 -6.99 -9.45
CA ALA A 118 -37.57 -7.39 -8.25
C ALA A 118 -37.13 -6.58 -7.03
N ILE A 119 -35.82 -6.35 -6.90
CA ILE A 119 -35.32 -5.58 -5.77
C ILE A 119 -35.86 -4.15 -5.80
N LYS A 120 -35.79 -3.52 -6.97
CA LYS A 120 -36.31 -2.15 -7.09
C LYS A 120 -37.82 -2.11 -6.87
N GLY A 121 -38.53 -3.14 -7.33
CA GLY A 121 -39.96 -3.18 -7.12
C GLY A 121 -40.34 -3.29 -5.66
N CYS A 122 -39.64 -4.15 -4.91
CA CYS A 122 -39.99 -4.27 -3.50
C CYS A 122 -39.51 -3.06 -2.70
N LEU A 123 -38.44 -2.40 -3.17
CA LEU A 123 -37.94 -1.21 -2.49
C LEU A 123 -38.68 0.06 -2.91
N LYS A 124 -39.56 -0.02 -3.91
CA LYS A 124 -40.31 1.17 -4.32
C LYS A 124 -41.23 1.65 -3.20
N THR A 125 -41.85 0.73 -2.47
CA THR A 125 -42.81 1.10 -1.42
C THR A 125 -42.15 1.21 -0.05
N THR A 126 -41.19 0.35 0.26
CA THR A 126 -40.56 0.32 1.56
C THR A 126 -39.06 0.54 1.42
N ASN A 127 -38.45 1.02 2.51
CA ASN A 127 -37.03 1.33 2.53
C ASN A 127 -36.16 0.11 2.84
N GLU A 128 -36.75 -1.05 3.08
CA GLU A 128 -36.00 -2.25 3.42
C GLU A 128 -36.64 -3.48 2.79
N CYS A 129 -35.79 -4.39 2.31
CA CYS A 129 -36.25 -5.65 1.75
C CYS A 129 -35.32 -6.75 2.23
N VAL A 130 -35.87 -7.95 2.38
CA VAL A 130 -35.10 -9.15 2.70
C VAL A 130 -35.36 -10.12 1.55
N SER A 131 -34.48 -10.11 0.54
CA SER A 131 -34.74 -10.78 -0.72
C SER A 131 -33.84 -12.00 -0.89
N THR A 132 -34.43 -13.09 -1.35
CA THR A 132 -33.69 -14.31 -1.66
C THR A 132 -33.44 -14.36 -3.16
N LEU A 133 -32.17 -14.40 -3.55
CA LEU A 133 -31.81 -14.43 -4.95
C LEU A 133 -32.02 -15.83 -5.53
N GLY A 134 -31.92 -15.91 -6.85
CA GLY A 134 -31.98 -17.20 -7.51
C GLY A 134 -30.82 -18.10 -7.17
N ASN A 135 -29.69 -17.53 -6.76
CA ASN A 135 -28.55 -18.32 -6.30
C ASN A 135 -28.88 -19.04 -4.99
N GLY A 136 -29.87 -18.55 -4.24
CA GLY A 136 -30.23 -19.11 -2.96
C GLY A 136 -29.75 -18.31 -1.77
N VAL A 137 -28.85 -17.36 -1.96
CA VAL A 137 -28.37 -16.52 -0.88
C VAL A 137 -29.42 -15.47 -0.54
N ARG A 138 -29.41 -15.01 0.71
CA ARG A 138 -30.34 -13.99 1.18
C ARG A 138 -29.59 -12.68 1.36
N VAL A 139 -30.15 -11.60 0.82
CA VAL A 139 -29.52 -10.29 0.88
C VAL A 139 -30.52 -9.29 1.46
N LEU A 140 -29.99 -8.19 1.97
CA LEU A 140 -30.79 -7.11 2.52
C LEU A 140 -30.73 -5.93 1.57
N ALA A 141 -31.87 -5.56 0.99
CA ALA A 141 -31.92 -4.47 0.03
C ALA A 141 -32.33 -3.18 0.73
N THR A 142 -31.53 -2.13 0.54
CA THR A 142 -31.75 -0.84 1.17
C THR A 142 -31.83 0.23 0.11
N ALA A 143 -32.85 1.09 0.21
CA ALA A 143 -33.02 2.24 -0.66
C ALA A 143 -32.68 3.50 0.12
N VAL A 144 -31.81 4.33 -0.45
CA VAL A 144 -31.39 5.57 0.18
C VAL A 144 -31.87 6.73 -0.69
N ARG A 145 -33.04 6.56 -1.30
CA ARG A 145 -33.56 7.50 -2.27
C ARG A 145 -34.01 8.80 -1.62
N GLU A 146 -33.04 9.62 -1.20
CA GLU A 146 -33.31 10.95 -0.69
C GLU A 146 -32.99 12.03 -1.71
N LEU A 147 -31.93 11.85 -2.49
CA LEU A 147 -31.62 12.79 -3.57
C LEU A 147 -32.71 12.75 -4.65
N LYS A 148 -33.23 11.56 -4.94
CA LYS A 148 -34.27 11.43 -5.97
C LYS A 148 -35.52 12.20 -5.57
N GLU A 149 -35.89 12.14 -4.29
CA GLU A 149 -37.08 12.85 -3.82
C GLU A 149 -36.94 14.35 -4.07
N PHE A 150 -35.80 14.92 -3.65
CA PHE A 150 -35.58 16.35 -3.85
C PHE A 150 -35.54 16.70 -5.32
N VAL A 151 -34.87 15.89 -6.13
CA VAL A 151 -34.75 16.18 -7.56
C VAL A 151 -36.13 16.15 -8.23
N SER A 152 -36.95 15.16 -7.90
CA SER A 152 -38.23 14.96 -8.56
C SER A 152 -39.34 15.85 -8.00
N LYS A 153 -39.17 16.45 -6.82
CA LYS A 153 -40.20 17.31 -6.27
C LYS A 153 -39.81 18.78 -6.26
N ASN A 154 -38.66 19.13 -5.68
CA ASN A 154 -38.29 20.53 -5.52
C ASN A 154 -37.48 21.07 -6.69
N LEU A 155 -36.51 20.29 -7.18
CA LEU A 155 -35.64 20.79 -8.24
C LEU A 155 -36.41 21.00 -9.54
N THR A 156 -37.16 19.98 -9.97
CA THR A 156 -37.88 20.11 -11.24
C THR A 156 -38.99 21.15 -11.17
N SER A 157 -39.49 21.45 -9.96
CA SER A 157 -40.53 22.45 -9.83
C SER A 157 -40.04 23.85 -10.18
N ALA A 158 -38.80 24.17 -9.80
CA ALA A 158 -38.25 25.49 -10.03
C ALA A 158 -37.50 25.61 -11.37
N ILE A 159 -37.32 24.51 -12.08
CA ILE A 159 -36.57 24.51 -13.33
C ILE A 159 -37.46 24.01 -14.46
N ASN A 160 -38.75 24.37 -14.41
CA ASN A 160 -39.68 23.99 -15.47
C ASN A 160 -39.13 24.35 -16.84
N LYS A 161 -38.55 25.54 -16.97
CA LYS A 161 -37.88 25.97 -18.19
C LYS A 161 -36.39 25.73 -18.07
N ASN A 162 -35.65 26.11 -19.10
CA ASN A 162 -34.20 25.95 -19.12
C ASN A 162 -33.48 27.02 -18.30
N LYS A 163 -34.22 27.90 -17.63
CA LYS A 163 -33.62 28.94 -16.79
C LYS A 163 -33.41 28.39 -15.38
N CYS A 164 -32.15 28.31 -14.96
CA CYS A 164 -31.78 27.76 -13.66
C CYS A 164 -31.38 28.84 -12.67
N ASP A 165 -31.61 30.11 -12.99
CA ASP A 165 -31.21 31.22 -12.13
C ASP A 165 -32.34 31.63 -11.19
N ILE A 166 -32.78 30.68 -10.39
CA ILE A 166 -33.83 30.95 -9.41
C ILE A 166 -33.22 31.68 -8.22
N PRO A 167 -33.76 32.83 -7.82
CA PRO A 167 -33.13 33.65 -6.77
C PRO A 167 -33.47 33.25 -5.33
N ASP A 168 -34.04 32.07 -5.10
CA ASP A 168 -34.41 31.70 -3.73
C ASP A 168 -33.18 31.40 -2.89
N LEU A 169 -32.16 30.78 -3.49
CA LEU A 169 -30.88 30.44 -2.85
C LEU A 169 -31.06 29.30 -1.85
N LYS A 170 -32.31 28.91 -1.59
CA LYS A 170 -32.59 27.75 -0.76
C LYS A 170 -32.27 26.46 -1.50
N MET A 171 -32.68 26.37 -2.76
CA MET A 171 -32.49 25.15 -3.54
C MET A 171 -31.02 24.85 -3.76
N ALA A 172 -30.20 25.89 -3.98
CA ALA A 172 -28.79 25.68 -4.25
C ALA A 172 -28.09 25.00 -3.08
N VAL A 173 -28.23 25.56 -1.87
CA VAL A 173 -27.59 24.98 -0.71
C VAL A 173 -28.23 23.64 -0.35
N SER A 174 -29.55 23.50 -0.52
CA SER A 174 -30.19 22.23 -0.25
C SER A 174 -29.66 21.12 -1.16
N PHE A 175 -29.48 21.43 -2.44
CA PHE A 175 -28.95 20.44 -3.38
C PHE A 175 -27.47 20.18 -3.14
N SER A 176 -26.74 21.19 -2.64
CA SER A 176 -25.37 20.96 -2.22
C SER A 176 -25.31 19.96 -1.07
N GLN A 177 -26.23 20.09 -0.11
CA GLN A 177 -26.25 19.18 1.03
C GLN A 177 -26.69 17.78 0.61
N PHE A 178 -27.71 17.68 -0.25
CA PHE A 178 -28.31 16.39 -0.55
C PHE A 178 -27.40 15.52 -1.42
N ASN A 179 -26.68 16.13 -2.36
CA ASN A 179 -25.90 15.39 -3.33
C ASN A 179 -24.48 15.09 -2.87
N ARG A 180 -24.13 15.46 -1.64
CA ARG A 180 -22.77 15.20 -1.15
C ARG A 180 -22.49 13.70 -1.06
N ARG A 181 -23.45 12.92 -0.55
CA ARG A 181 -23.24 11.49 -0.41
C ARG A 181 -23.05 10.82 -1.76
N PHE A 182 -23.85 11.21 -2.75
CA PHE A 182 -23.71 10.63 -4.09
C PHE A 182 -22.35 10.94 -4.70
N LEU A 183 -21.89 12.19 -4.54
CA LEU A 183 -20.59 12.57 -5.07
C LEU A 183 -19.47 11.80 -4.37
N ASN A 184 -19.57 11.63 -3.06
CA ASN A 184 -18.55 10.86 -2.34
C ASN A 184 -18.54 9.41 -2.79
N VAL A 185 -19.72 8.82 -2.99
CA VAL A 185 -19.79 7.45 -3.47
C VAL A 185 -19.16 7.32 -4.84
N VAL A 186 -19.45 8.27 -5.74
CA VAL A 186 -18.87 8.26 -7.08
C VAL A 186 -17.35 8.37 -6.99
N ARG A 187 -16.86 9.27 -6.15
CA ARG A 187 -15.41 9.46 -6.01
C ARG A 187 -14.74 8.18 -5.53
N GLN A 188 -15.33 7.54 -4.51
CA GLN A 188 -14.74 6.32 -3.97
C GLN A 188 -14.73 5.21 -5.02
N PHE A 189 -15.84 5.04 -5.73
CA PHE A 189 -15.92 3.94 -6.70
C PHE A 189 -15.05 4.19 -7.92
N SER A 190 -14.85 5.46 -8.30
CA SER A 190 -13.97 5.76 -9.41
C SER A 190 -12.50 5.61 -9.02
N ASP A 191 -12.14 6.05 -7.81
CA ASP A 191 -10.77 5.91 -7.36
C ASP A 191 -10.39 4.44 -7.18
N ASN A 192 -11.32 3.63 -6.67
CA ASN A 192 -11.05 2.22 -6.38
C ASN A 192 -11.47 1.30 -7.51
N ALA A 193 -11.88 1.85 -8.66
CA ALA A 193 -12.26 1.07 -9.83
C ALA A 193 -13.43 0.14 -9.56
N GLY A 194 -14.33 0.56 -8.67
CA GLY A 194 -15.55 -0.17 -8.40
C GLY A 194 -15.51 -1.08 -7.18
N ILE A 195 -14.34 -1.33 -6.61
CA ILE A 195 -14.19 -2.20 -5.44
C ILE A 195 -13.41 -1.41 -4.39
N THR A 196 -14.14 -0.73 -3.51
CA THR A 196 -13.49 0.00 -2.43
C THR A 196 -12.88 -0.97 -1.42
N PRO A 197 -11.75 -0.61 -0.81
CA PRO A 197 -11.11 -1.54 0.14
C PRO A 197 -11.83 -1.64 1.47
N ALA A 198 -12.67 -0.67 1.83
CA ALA A 198 -13.33 -0.69 3.12
C ALA A 198 -14.64 0.09 3.03
N ILE A 199 -15.52 -0.16 3.98
CA ILE A 199 -16.81 0.52 4.05
C ILE A 199 -16.57 1.90 4.64
N SER A 200 -16.77 2.94 3.84
CA SER A 200 -16.56 4.30 4.30
C SER A 200 -17.80 4.82 5.02
N LEU A 201 -17.76 6.10 5.39
CA LEU A 201 -18.90 6.76 6.02
C LEU A 201 -19.91 7.27 5.01
N ASP A 202 -19.64 7.12 3.71
CA ASP A 202 -20.53 7.59 2.66
C ASP A 202 -21.35 6.48 2.04
N LEU A 203 -20.75 5.31 1.81
CA LEU A 203 -21.51 4.16 1.33
C LEU A 203 -22.56 3.73 2.34
N MET A 204 -22.19 3.71 3.62
CA MET A 204 -23.05 3.13 4.65
C MET A 204 -22.88 3.94 5.93
N THR A 205 -23.91 4.68 6.31
CA THR A 205 -23.86 5.54 7.50
C THR A 205 -23.97 4.70 8.77
N ASP A 206 -23.94 5.39 9.92
CA ASP A 206 -24.01 4.69 11.20
C ASP A 206 -25.36 4.01 11.40
N ALA A 207 -26.46 4.70 11.05
CA ALA A 207 -27.78 4.12 11.22
C ALA A 207 -27.96 2.89 10.35
N GLU A 208 -27.52 2.96 9.09
CA GLU A 208 -27.64 1.81 8.19
C GLU A 208 -26.77 0.66 8.67
N LEU A 209 -25.57 0.95 9.19
CA LEU A 209 -24.72 -0.10 9.73
C LEU A 209 -25.37 -0.78 10.92
N ALA A 210 -25.95 0.01 11.83
CA ALA A 210 -26.62 -0.58 13.00
C ALA A 210 -27.81 -1.43 12.57
N ARG A 211 -28.61 -0.94 11.61
CA ARG A 211 -29.76 -1.71 11.15
C ARG A 211 -29.33 -3.00 10.46
N ALA A 212 -28.28 -2.94 9.64
CA ALA A 212 -27.79 -4.14 8.98
C ALA A 212 -27.25 -5.15 9.97
N VAL A 213 -26.55 -4.68 11.01
CA VAL A 213 -26.08 -5.59 12.06
C VAL A 213 -27.26 -6.23 12.78
N SER A 214 -28.29 -5.43 13.09
CA SER A 214 -29.47 -5.97 13.76
C SER A 214 -30.25 -6.94 12.88
N TYR A 215 -30.15 -6.81 11.56
CA TYR A 215 -30.85 -7.71 10.64
C TYR A 215 -30.05 -8.95 10.29
N MET A 216 -28.80 -9.05 10.73
CA MET A 216 -27.96 -10.18 10.34
C MET A 216 -28.45 -11.46 11.01
N PRO A 217 -28.25 -12.61 10.36
CA PRO A 217 -28.54 -13.91 10.98
C PRO A 217 -27.34 -14.41 11.81
N THR A 218 -27.23 -13.88 13.03
CA THR A 218 -26.09 -14.20 13.88
C THR A 218 -26.53 -14.17 15.33
N SER A 219 -25.70 -14.77 16.20
CA SER A 219 -26.03 -14.88 17.60
C SER A 219 -25.85 -13.53 18.31
N ALA A 220 -26.28 -13.50 19.57
CA ALA A 220 -26.23 -12.26 20.34
C ALA A 220 -24.80 -11.81 20.62
N GLY A 221 -23.90 -12.77 20.85
CA GLY A 221 -22.53 -12.41 21.17
C GLY A 221 -21.83 -11.68 20.04
N GLN A 222 -21.96 -12.19 18.82
CA GLN A 222 -21.35 -11.53 17.66
C GLN A 222 -21.98 -10.17 17.42
N ILE A 223 -23.30 -10.06 17.61
CA ILE A 223 -23.97 -8.77 17.45
C ILE A 223 -23.42 -7.75 18.44
N LYS A 224 -23.28 -8.15 19.70
CA LYS A 224 -22.74 -7.25 20.71
C LYS A 224 -21.31 -6.86 20.40
N LEU A 225 -20.50 -7.84 19.99
CA LEU A 225 -19.09 -7.55 19.70
C LEU A 225 -18.96 -6.59 18.52
N MET A 226 -19.77 -6.78 17.47
CA MET A 226 -19.67 -5.90 16.32
C MET A 226 -20.30 -4.54 16.57
N LEU A 227 -21.25 -4.45 17.50
CA LEU A 227 -21.78 -3.14 17.88
C LEU A 227 -20.81 -2.38 18.77
N GLU A 228 -20.02 -3.09 19.56
CA GLU A 228 -18.97 -2.42 20.35
C GLU A 228 -17.79 -2.03 19.48
N ASN A 229 -17.24 -2.98 18.73
CA ASN A 229 -16.15 -2.71 17.80
C ASN A 229 -16.71 -2.35 16.42
N ARG A 230 -17.60 -1.35 16.38
CA ARG A 230 -18.23 -0.95 15.14
C ARG A 230 -17.23 -0.37 14.14
N CYS A 231 -16.08 0.07 14.61
CA CYS A 231 -15.09 0.70 13.74
C CYS A 231 -14.23 -0.33 13.02
N MET A 232 -14.35 -1.60 13.37
CA MET A 232 -13.68 -2.69 12.68
C MET A 232 -14.54 -3.36 11.62
N VAL A 233 -15.86 -3.33 11.78
CA VAL A 233 -16.76 -3.84 10.75
C VAL A 233 -16.62 -3.01 9.49
N ARG A 234 -16.39 -1.71 9.63
CA ARG A 234 -16.18 -0.83 8.48
C ARG A 234 -14.86 -1.09 7.77
N ARG A 235 -13.94 -1.82 8.38
CA ARG A 235 -12.65 -2.11 7.77
C ARG A 235 -12.50 -3.53 7.31
N LYS A 236 -13.23 -4.48 7.91
CA LYS A 236 -13.18 -5.86 7.46
C LYS A 236 -14.09 -6.12 6.27
N GLY A 237 -15.01 -5.20 5.96
CA GLY A 237 -15.87 -5.34 4.81
C GLY A 237 -15.41 -4.48 3.64
N PHE A 238 -16.22 -4.48 2.59
CA PHE A 238 -15.94 -3.68 1.40
C PHE A 238 -17.23 -3.52 0.61
N GLY A 239 -17.15 -2.71 -0.44
CA GLY A 239 -18.30 -2.44 -1.28
C GLY A 239 -17.99 -2.69 -2.75
N ILE A 240 -18.96 -3.27 -3.45
CA ILE A 240 -18.84 -3.56 -4.87
C ILE A 240 -19.97 -2.85 -5.60
N LEU A 241 -19.65 -2.35 -6.79
CA LEU A 241 -20.59 -1.57 -7.59
C LEU A 241 -21.26 -2.48 -8.62
N ILE A 242 -22.56 -2.70 -8.45
CA ILE A 242 -23.31 -3.43 -9.48
C ILE A 242 -23.42 -2.59 -10.74
N GLY A 243 -23.68 -1.29 -10.61
CA GLY A 243 -23.68 -0.40 -11.74
C GLY A 243 -24.84 0.56 -11.70
N VAL A 244 -24.94 1.36 -12.76
CA VAL A 244 -26.00 2.35 -12.89
C VAL A 244 -27.09 1.78 -13.79
N TYR A 245 -28.25 1.49 -13.21
CA TYR A 245 -29.39 0.99 -13.96
C TYR A 245 -30.46 2.08 -13.98
N GLY A 246 -30.82 2.52 -15.18
CA GLY A 246 -31.74 3.63 -15.32
C GLY A 246 -31.17 4.90 -14.70
N SER A 247 -31.72 5.30 -13.56
CA SER A 247 -31.21 6.42 -12.80
C SER A 247 -30.66 6.03 -11.44
N SER A 248 -30.66 4.75 -11.11
CA SER A 248 -30.28 4.27 -9.77
C SER A 248 -28.89 3.65 -9.82
N VAL A 249 -28.01 4.13 -8.95
CA VAL A 249 -26.69 3.54 -8.76
C VAL A 249 -26.84 2.43 -7.72
N ILE A 250 -26.66 1.18 -8.14
CA ILE A 250 -26.85 0.04 -7.28
C ILE A 250 -25.48 -0.56 -6.97
N TYR A 251 -25.21 -0.75 -5.68
CA TYR A 251 -23.92 -1.27 -5.23
C TYR A 251 -24.14 -2.09 -3.97
N MET A 252 -23.36 -3.16 -3.84
CA MET A 252 -23.51 -4.07 -2.71
C MET A 252 -22.36 -3.88 -1.72
N VAL A 253 -22.70 -3.95 -0.44
CA VAL A 253 -21.73 -3.86 0.65
C VAL A 253 -21.65 -5.22 1.33
N GLN A 254 -20.45 -5.75 1.48
CA GLN A 254 -20.23 -7.08 2.02
C GLN A 254 -19.73 -6.94 3.46
N LEU A 255 -20.67 -6.99 4.41
CA LEU A 255 -20.29 -6.96 5.81
C LEU A 255 -19.69 -8.30 6.22
N PRO A 256 -18.73 -8.30 7.13
CA PRO A 256 -18.14 -9.56 7.58
C PRO A 256 -19.05 -10.30 8.54
N ILE A 257 -18.91 -11.62 8.56
CA ILE A 257 -19.62 -12.49 9.48
C ILE A 257 -18.59 -13.34 10.21
N PHE A 258 -18.48 -13.13 11.52
CA PHE A 258 -17.46 -13.77 12.35
C PHE A 258 -18.05 -15.05 12.93
N GLY A 259 -17.95 -16.13 12.17
CA GLY A 259 -18.48 -17.40 12.65
C GLY A 259 -17.72 -17.94 13.85
N VAL A 260 -16.39 -17.89 13.79
CA VAL A 260 -15.53 -18.36 14.87
C VAL A 260 -15.13 -17.14 15.70
N ILE A 261 -15.43 -17.17 16.99
CA ILE A 261 -15.21 -16.03 17.86
C ILE A 261 -14.69 -16.52 19.21
N ASP A 262 -13.79 -15.73 19.79
CA ASP A 262 -13.36 -15.89 21.18
C ASP A 262 -12.64 -17.22 21.41
N THR A 263 -11.72 -17.56 20.51
CA THR A 263 -10.87 -18.73 20.70
C THR A 263 -9.42 -18.28 20.89
N PRO A 264 -8.61 -19.06 21.60
CA PRO A 264 -7.26 -18.60 21.96
C PRO A 264 -6.40 -18.31 20.73
N CYS A 265 -5.63 -17.23 20.82
CA CYS A 265 -4.65 -16.87 19.80
C CYS A 265 -3.36 -16.44 20.47
N TRP A 266 -2.28 -16.49 19.71
CA TRP A 266 -0.98 -16.07 20.23
C TRP A 266 -0.12 -15.57 19.09
N ILE A 267 0.70 -14.56 19.39
CA ILE A 267 1.62 -13.96 18.41
C ILE A 267 3.03 -14.42 18.74
N ILE A 268 3.78 -14.80 17.71
CA ILE A 268 5.14 -15.29 17.86
C ILE A 268 6.06 -14.32 17.12
N LYS A 269 7.02 -13.75 17.85
CA LYS A 269 8.02 -12.85 17.29
C LYS A 269 9.40 -13.44 17.54
N ALA A 270 10.33 -13.19 16.62
CA ALA A 270 11.64 -13.82 16.69
C ALA A 270 12.74 -12.81 16.39
N ALA A 271 13.91 -13.09 16.93
CA ALA A 271 15.14 -12.36 16.68
C ALA A 271 16.27 -13.35 16.43
N PRO A 272 17.29 -12.96 15.68
CA PRO A 272 18.38 -13.90 15.38
C PRO A 272 19.17 -14.26 16.62
N SER A 273 19.25 -15.55 16.91
CA SER A 273 20.06 -16.07 18.01
C SER A 273 21.40 -16.52 17.46
N CYS A 274 22.48 -16.01 18.05
CA CYS A 274 23.81 -16.11 17.45
C CYS A 274 24.80 -16.78 18.41
N SER A 275 25.82 -17.38 17.80
CA SER A 275 27.01 -17.84 18.49
C SER A 275 28.22 -17.40 17.68
N GLU A 276 29.24 -16.88 18.35
CA GLU A 276 30.35 -16.23 17.68
C GLU A 276 31.66 -16.83 18.17
N LYS A 277 32.61 -16.96 17.23
CA LYS A 277 33.95 -17.41 17.57
C LYS A 277 34.91 -16.96 16.47
N ASP A 278 36.09 -16.51 16.90
CA ASP A 278 37.16 -16.08 16.00
C ASP A 278 36.70 -15.01 15.02
N GLY A 279 35.81 -14.12 15.46
CA GLY A 279 35.31 -13.07 14.60
C GLY A 279 34.24 -13.49 13.62
N ASN A 280 33.80 -14.74 13.65
CA ASN A 280 32.80 -15.25 12.73
C ASN A 280 31.55 -15.64 13.52
N TYR A 281 30.39 -15.22 13.03
CA TYR A 281 29.11 -15.48 13.68
C TYR A 281 28.38 -16.62 12.99
N ALA A 282 27.38 -17.16 13.70
CA ALA A 282 26.49 -18.17 13.13
C ALA A 282 25.19 -18.10 13.90
N CYS A 283 24.08 -17.86 13.21
CA CYS A 283 22.83 -17.53 13.86
C CYS A 283 21.67 -18.26 13.20
N LEU A 284 20.60 -18.42 13.96
CA LEU A 284 19.33 -18.93 13.46
C LEU A 284 18.23 -17.90 13.73
N LEU A 285 17.36 -17.73 12.75
CA LEU A 285 16.21 -16.84 12.85
C LEU A 285 14.95 -17.60 12.46
N ARG A 286 13.91 -17.49 13.27
CA ARG A 286 12.67 -18.20 13.02
C ARG A 286 11.83 -17.45 11.98
N GLU A 287 11.40 -18.17 10.95
CA GLU A 287 10.55 -17.60 9.92
C GLU A 287 9.07 -17.81 10.21
N ASP A 288 8.72 -18.51 11.28
CA ASP A 288 7.32 -18.72 11.65
C ASP A 288 6.82 -17.64 12.60
N GLN A 289 7.01 -16.38 12.21
CA GLN A 289 6.53 -15.26 12.99
C GLN A 289 5.14 -14.86 12.52
N GLY A 290 4.37 -14.29 13.44
CA GLY A 290 3.04 -13.82 13.12
C GLY A 290 2.02 -14.38 14.07
N TRP A 291 0.76 -14.35 13.65
CA TRP A 291 -0.36 -14.73 14.48
C TRP A 291 -0.73 -16.20 14.27
N TYR A 292 -1.11 -16.87 15.35
CA TYR A 292 -1.67 -18.21 15.31
C TYR A 292 -2.97 -18.19 16.07
N CYS A 293 -3.98 -18.88 15.53
CA CYS A 293 -5.29 -18.95 16.15
C CYS A 293 -5.81 -20.37 16.03
N LYS A 294 -6.97 -20.62 16.63
CA LYS A 294 -7.59 -21.95 16.61
C LYS A 294 -9.06 -21.78 16.26
N ASN A 295 -9.41 -22.05 15.00
CA ASN A 295 -10.80 -21.95 14.58
C ASN A 295 -11.64 -23.05 15.22
N ALA A 296 -11.31 -24.31 14.92
CA ALA A 296 -11.96 -25.45 15.58
C ALA A 296 -10.97 -26.62 15.56
N GLY A 297 -10.21 -26.75 16.64
CA GLY A 297 -9.27 -27.86 16.76
C GLY A 297 -8.25 -27.94 15.65
N SER A 298 -7.82 -26.81 15.11
CA SER A 298 -6.86 -26.80 14.01
C SER A 298 -6.15 -25.45 14.01
N THR A 299 -4.85 -25.47 14.32
CA THR A 299 -4.08 -24.24 14.34
C THR A 299 -4.03 -23.60 12.96
N VAL A 300 -4.27 -22.29 12.91
CA VAL A 300 -4.25 -21.51 11.68
C VAL A 300 -3.23 -20.40 11.85
N TYR A 301 -2.30 -20.30 10.90
CA TYR A 301 -1.18 -19.37 10.99
C TYR A 301 -1.32 -18.31 9.91
N TYR A 302 -1.21 -17.04 10.31
CA TYR A 302 -1.32 -15.91 9.39
C TYR A 302 0.05 -15.28 9.20
N PRO A 303 0.69 -15.46 8.05
CA PRO A 303 2.07 -14.96 7.91
C PRO A 303 2.17 -13.45 7.84
N ASN A 304 1.32 -12.81 7.05
CA ASN A 304 1.38 -11.35 6.90
C ASN A 304 0.68 -10.68 8.07
N ASP A 305 1.35 -9.70 8.69
CA ASP A 305 0.80 -9.02 9.85
C ASP A 305 -0.37 -8.12 9.50
N LYS A 306 -0.62 -7.86 8.21
CA LYS A 306 -1.75 -7.04 7.82
C LYS A 306 -3.06 -7.80 7.79
N ASP A 307 -3.02 -9.14 7.81
CA ASP A 307 -4.26 -9.91 7.85
C ASP A 307 -4.93 -9.82 9.21
N CYS A 308 -4.16 -9.95 10.29
CA CYS A 308 -4.68 -9.93 11.64
C CYS A 308 -4.30 -8.62 12.31
N GLU A 309 -5.29 -7.97 12.93
CA GLU A 309 -5.03 -6.72 13.64
C GLU A 309 -5.80 -6.73 14.96
N THR A 310 -5.20 -6.17 16.00
CA THR A 310 -5.75 -6.27 17.34
C THR A 310 -6.44 -4.97 17.76
N ARG A 311 -7.51 -5.11 18.53
CA ARG A 311 -8.22 -3.98 19.14
C ARG A 311 -8.44 -4.34 20.61
N GLY A 312 -7.47 -4.02 21.43
CA GLY A 312 -7.49 -4.43 22.84
C GLY A 312 -6.88 -5.81 23.01
N ASP A 313 -7.65 -6.72 23.59
CA ASP A 313 -7.25 -8.12 23.66
C ASP A 313 -7.78 -8.96 22.51
N HIS A 314 -8.85 -8.50 21.87
CA HIS A 314 -9.37 -9.21 20.70
C HIS A 314 -8.47 -8.99 19.50
N VAL A 315 -8.30 -10.03 18.69
CA VAL A 315 -7.56 -9.95 17.44
C VAL A 315 -8.48 -10.37 16.32
N PHE A 316 -8.67 -9.49 15.35
CA PHE A 316 -9.55 -9.71 14.20
C PHE A 316 -8.73 -10.25 13.05
N CYS A 317 -9.21 -11.34 12.44
CA CYS A 317 -8.50 -12.01 11.38
C CYS A 317 -9.48 -12.43 10.29
N ASP A 318 -8.93 -12.75 9.12
CA ASP A 318 -9.71 -13.27 8.00
C ASP A 318 -9.27 -14.71 7.73
N THR A 319 -10.23 -15.63 7.71
CA THR A 319 -9.91 -17.04 7.51
C THR A 319 -9.43 -17.32 6.10
N ALA A 320 -9.70 -16.44 5.14
CA ALA A 320 -9.23 -16.66 3.77
C ALA A 320 -7.71 -16.63 3.69
N ALA A 321 -7.08 -15.70 4.40
CA ALA A 321 -5.62 -15.59 4.39
C ALA A 321 -4.95 -16.59 5.32
N GLY A 322 -5.72 -17.33 6.12
CA GLY A 322 -5.11 -18.26 7.05
C GLY A 322 -4.46 -19.43 6.34
N ILE A 323 -3.39 -19.94 6.96
CA ILE A 323 -2.67 -21.11 6.49
C ILE A 323 -2.79 -22.18 7.54
N ASN A 324 -3.40 -23.32 7.19
CA ASN A 324 -3.59 -24.39 8.16
C ASN A 324 -2.25 -24.97 8.55
N VAL A 325 -2.06 -25.17 9.85
CA VAL A 325 -0.82 -25.72 10.41
C VAL A 325 -1.20 -26.83 11.37
N ALA A 326 -0.49 -27.95 11.29
CA ALA A 326 -0.78 -29.09 12.14
C ALA A 326 -0.55 -28.74 13.61
N GLU A 327 -1.29 -29.42 14.48
CA GLU A 327 -1.18 -29.16 15.92
C GLU A 327 0.19 -29.53 16.48
N GLN A 328 1.00 -30.28 15.72
CA GLN A 328 2.34 -30.62 16.16
C GLN A 328 3.26 -29.43 16.22
N SER A 329 2.86 -28.28 15.65
CA SER A 329 3.68 -27.08 15.68
C SER A 329 3.87 -26.52 17.09
N ARG A 330 3.05 -26.94 18.06
CA ARG A 330 3.24 -26.50 19.43
C ARG A 330 4.58 -26.97 20.00
N GLU A 331 5.15 -28.04 19.45
CA GLU A 331 6.47 -28.50 19.87
C GLU A 331 7.56 -27.49 19.53
N CYS A 332 7.32 -26.61 18.56
CA CYS A 332 8.29 -25.59 18.19
C CYS A 332 8.48 -24.53 19.26
N ASN A 333 7.64 -24.51 20.30
CA ASN A 333 7.79 -23.57 21.40
C ASN A 333 8.16 -24.29 22.71
N ILE A 334 8.62 -25.54 22.63
CA ILE A 334 8.97 -26.31 23.81
C ILE A 334 10.44 -26.73 23.72
N ASN A 335 10.77 -27.51 22.69
CA ASN A 335 12.14 -28.03 22.54
C ASN A 335 12.38 -28.21 21.04
N ILE A 336 13.12 -27.27 20.45
CA ILE A 336 13.41 -27.32 19.02
C ILE A 336 14.65 -28.16 18.71
N SER A 337 15.55 -28.33 19.69
CA SER A 337 16.77 -29.09 19.44
C SER A 337 16.46 -30.54 19.09
N THR A 338 15.51 -31.15 19.79
CA THR A 338 15.12 -32.54 19.56
C THR A 338 13.65 -32.64 19.16
N THR A 339 13.17 -31.65 18.40
CA THR A 339 11.78 -31.64 17.97
C THR A 339 11.52 -32.71 16.92
N ASN A 340 10.26 -33.13 16.84
CA ASN A 340 9.82 -34.03 15.78
C ASN A 340 9.22 -33.26 14.61
N TYR A 341 8.31 -32.34 14.89
CA TYR A 341 7.79 -31.46 13.85
C TYR A 341 8.88 -30.53 13.36
N PRO A 342 9.07 -30.39 12.05
CA PRO A 342 10.15 -29.52 11.56
C PRO A 342 9.85 -28.04 11.74
N CYS A 343 10.57 -27.40 12.66
CA CYS A 343 10.43 -25.96 12.85
C CYS A 343 11.06 -25.21 11.69
N LYS A 344 10.40 -24.13 11.26
CA LYS A 344 10.86 -23.36 10.10
C LYS A 344 11.81 -22.26 10.59
N VAL A 345 13.11 -22.56 10.54
CA VAL A 345 14.15 -21.61 10.91
C VAL A 345 15.16 -21.54 9.78
N SER A 346 15.87 -20.42 9.72
CA SER A 346 16.90 -20.19 8.71
C SER A 346 18.21 -19.83 9.40
N THR A 347 19.29 -20.46 8.96
CA THR A 347 20.61 -20.26 9.54
C THR A 347 21.46 -19.42 8.60
N GLY A 348 22.13 -18.42 9.15
CA GLY A 348 23.01 -17.57 8.38
C GLY A 348 24.06 -16.94 9.26
N ARG A 349 25.08 -16.38 8.61
CA ARG A 349 26.16 -15.71 9.31
C ARG A 349 26.09 -14.21 9.03
N HIS A 350 26.92 -13.45 9.78
CA HIS A 350 26.97 -12.00 9.69
C HIS A 350 25.58 -11.43 9.99
N PRO A 351 25.15 -11.46 11.26
CA PRO A 351 23.75 -11.15 11.59
C PRO A 351 23.41 -9.68 11.52
N ILE A 352 22.18 -9.35 11.92
CA ILE A 352 21.66 -7.99 11.90
C ILE A 352 21.27 -7.61 13.33
N SER A 353 21.69 -6.43 13.77
CA SER A 353 21.33 -5.91 15.07
C SER A 353 19.99 -5.18 14.96
N MET A 354 18.99 -5.64 15.71
CA MET A 354 17.67 -5.03 15.62
C MET A 354 16.89 -5.29 16.90
N VAL A 355 15.85 -4.50 17.10
CA VAL A 355 14.96 -4.60 18.25
C VAL A 355 13.58 -4.99 17.73
N ALA A 356 13.06 -6.11 18.23
CA ALA A 356 11.70 -6.53 17.91
C ALA A 356 10.80 -6.22 19.10
N LEU A 357 9.83 -5.34 18.89
CA LEU A 357 8.97 -4.85 19.96
C LEU A 357 7.83 -5.83 20.16
N SER A 358 7.93 -6.64 21.21
CA SER A 358 6.85 -7.53 21.58
C SER A 358 5.68 -6.72 22.12
N PRO A 359 4.47 -7.29 22.13
CA PRO A 359 3.32 -6.54 22.68
C PRO A 359 3.51 -6.09 24.12
N LEU A 360 4.14 -6.91 24.96
CA LEU A 360 4.40 -6.51 26.34
C LEU A 360 5.80 -5.93 26.50
N GLY A 361 6.83 -6.70 26.19
CA GLY A 361 8.19 -6.22 26.30
C GLY A 361 8.85 -5.99 24.96
N ALA A 362 10.15 -6.31 24.86
CA ALA A 362 10.85 -6.18 23.59
C ALA A 362 12.13 -7.01 23.67
N LEU A 363 12.48 -7.67 22.58
CA LEU A 363 13.70 -8.46 22.53
C LEU A 363 14.68 -7.82 21.56
N VAL A 364 15.89 -7.57 22.05
CA VAL A 364 16.92 -6.87 21.29
C VAL A 364 18.05 -7.84 20.98
N ALA A 365 18.51 -7.81 19.72
CA ALA A 365 19.60 -8.69 19.28
C ALA A 365 20.61 -7.81 18.57
N CYS A 366 21.65 -7.38 19.29
CA CYS A 366 22.69 -6.54 18.75
C CYS A 366 24.03 -7.23 18.88
N TYR A 367 24.80 -7.23 17.78
CA TYR A 367 26.04 -7.96 17.67
C TYR A 367 27.11 -7.05 17.07
N LYS A 368 28.33 -7.57 17.02
CA LYS A 368 29.48 -6.84 16.48
C LYS A 368 29.68 -5.57 17.33
N GLY A 369 30.21 -4.51 16.73
CA GLY A 369 30.43 -3.27 17.46
C GLY A 369 29.23 -2.36 17.48
N VAL A 370 28.21 -2.73 18.24
CA VAL A 370 26.97 -1.96 18.36
C VAL A 370 26.73 -1.67 19.83
N SER A 371 26.55 -0.39 20.15
CA SER A 371 26.25 0.02 21.52
C SER A 371 24.81 -0.32 21.86
N CYS A 372 24.62 -0.97 23.01
CA CYS A 372 23.32 -1.44 23.44
C CYS A 372 23.11 -1.08 24.90
N SER A 373 21.92 -0.54 25.21
CA SER A 373 21.65 -0.16 26.60
C SER A 373 20.15 -0.11 26.83
N ILE A 374 19.76 -0.25 28.09
CA ILE A 374 18.40 -0.01 28.54
C ILE A 374 18.43 0.98 29.69
N GLY A 375 17.39 1.78 29.79
CA GLY A 375 17.29 2.76 30.84
C GLY A 375 15.88 3.29 30.97
N SER A 376 15.52 3.70 32.18
CA SER A 376 14.21 4.26 32.46
C SER A 376 14.21 5.76 32.16
N ASN A 377 13.06 6.40 32.39
CA ASN A 377 12.94 7.83 32.17
C ASN A 377 13.43 8.67 33.33
N ARG A 378 13.67 8.07 34.50
CA ARG A 378 14.11 8.79 35.68
C ARG A 378 15.52 8.40 36.12
N VAL A 379 15.80 7.10 36.25
CA VAL A 379 17.11 6.66 36.72
C VAL A 379 18.19 6.99 35.71
N GLY A 380 17.84 7.09 34.43
CA GLY A 380 18.81 7.26 33.38
C GLY A 380 19.13 5.94 32.70
N ILE A 381 20.36 5.84 32.21
CA ILE A 381 20.84 4.61 31.60
C ILE A 381 20.96 3.56 32.70
N ILE A 382 20.07 2.56 32.67
CA ILE A 382 20.06 1.55 33.71
C ILE A 382 21.23 0.59 33.57
N LYS A 383 21.43 0.04 32.38
CA LYS A 383 22.51 -0.92 32.19
C LYS A 383 22.81 -1.08 30.71
N GLN A 384 23.94 -1.73 30.43
CA GLN A 384 24.35 -2.12 29.09
C GLN A 384 23.93 -3.56 28.82
N LEU A 385 23.96 -3.92 27.54
CA LEU A 385 23.51 -5.27 27.17
C LEU A 385 24.71 -6.13 26.80
N PRO A 386 24.85 -7.31 27.40
CA PRO A 386 25.89 -8.25 26.95
C PRO A 386 25.60 -8.73 25.55
N LYS A 387 26.66 -9.07 24.82
CA LYS A 387 26.51 -9.54 23.46
C LYS A 387 25.63 -10.78 23.41
N GLY A 388 24.69 -10.79 22.48
CA GLY A 388 23.65 -11.81 22.44
C GLY A 388 22.29 -11.18 22.62
N CYS A 389 21.24 -11.89 22.19
CA CYS A 389 19.90 -11.31 22.26
C CYS A 389 19.34 -11.44 23.67
N SER A 390 18.63 -10.40 24.09
CA SER A 390 18.10 -10.31 25.45
C SER A 390 16.66 -9.81 25.41
N TYR A 391 15.89 -10.28 26.38
CA TYR A 391 14.48 -9.89 26.54
C TYR A 391 14.38 -8.84 27.64
N ILE A 392 13.63 -7.77 27.35
CA ILE A 392 13.50 -6.63 28.25
C ILE A 392 12.01 -6.40 28.47
N THR A 393 11.56 -6.57 29.71
CA THR A 393 10.18 -6.28 30.04
C THR A 393 9.95 -4.77 30.07
N ASN A 394 8.68 -4.38 29.97
CA ASN A 394 8.31 -2.97 30.03
C ASN A 394 8.14 -2.46 31.45
N GLN A 395 8.33 -3.32 32.46
CA GLN A 395 8.27 -2.89 33.85
C GLN A 395 9.63 -2.50 34.40
N ASP A 396 10.68 -3.24 34.05
CA ASP A 396 12.02 -2.97 34.54
C ASP A 396 12.79 -2.00 33.66
N ALA A 397 12.20 -1.55 32.55
CA ALA A 397 12.85 -0.58 31.68
C ALA A 397 11.79 0.19 30.92
N ASP A 398 12.16 1.39 30.47
CA ASP A 398 11.25 2.25 29.72
C ASP A 398 11.81 2.73 28.38
N THR A 399 13.09 2.50 28.10
CA THR A 399 13.71 2.98 26.89
C THR A 399 14.88 2.08 26.53
N VAL A 400 14.98 1.71 25.26
CA VAL A 400 16.05 0.86 24.76
C VAL A 400 16.83 1.64 23.71
N THR A 401 18.14 1.75 23.91
CA THR A 401 19.00 2.51 23.00
C THR A 401 19.94 1.54 22.29
N ILE A 402 19.91 1.57 20.96
CA ILE A 402 20.83 0.79 20.13
C ILE A 402 21.65 1.79 19.33
N ASP A 403 22.94 1.88 19.65
CA ASP A 403 23.82 2.88 19.05
C ASP A 403 23.26 4.27 19.28
N ASN A 404 22.53 4.81 18.30
CA ASN A 404 21.86 6.09 18.45
C ASN A 404 20.35 6.00 18.42
N THR A 405 19.78 4.96 17.82
CA THR A 405 18.33 4.83 17.75
C THR A 405 17.75 4.54 19.13
N VAL A 406 16.63 5.19 19.43
CA VAL A 406 15.97 5.07 20.72
C VAL A 406 14.57 4.52 20.49
N TYR A 407 14.22 3.46 21.21
CA TYR A 407 12.91 2.84 21.15
C TYR A 407 12.23 3.00 22.50
N GLN A 408 10.95 3.38 22.48
CA GLN A 408 10.14 3.50 23.68
C GLN A 408 9.27 2.25 23.82
N LEU A 409 9.37 1.59 24.97
CA LEU A 409 8.64 0.36 25.19
C LEU A 409 7.18 0.65 25.49
N SER A 410 6.36 -0.40 25.43
CA SER A 410 4.93 -0.27 25.68
C SER A 410 4.66 0.00 27.15
N LYS A 411 3.42 0.41 27.44
CA LYS A 411 2.99 0.68 28.80
C LYS A 411 1.91 -0.29 29.27
N VAL A 412 1.66 -1.37 28.52
CA VAL A 412 0.67 -2.35 28.92
C VAL A 412 1.26 -3.27 29.99
N GLU A 413 0.37 -3.88 30.76
CA GLU A 413 0.75 -4.77 31.85
C GLU A 413 0.35 -6.20 31.52
N GLY A 414 1.21 -7.15 31.88
CA GLY A 414 0.94 -8.55 31.62
C GLY A 414 1.86 -9.42 32.44
N GLU A 415 1.72 -10.73 32.23
CA GLU A 415 2.53 -11.72 32.94
C GLU A 415 3.69 -12.13 32.05
N GLN A 416 4.91 -11.75 32.45
CA GLN A 416 6.12 -12.08 31.70
C GLN A 416 6.78 -13.30 32.32
N HIS A 417 7.10 -14.28 31.48
CA HIS A 417 7.81 -15.49 31.88
C HIS A 417 9.02 -15.67 30.99
N VAL A 418 10.02 -16.40 31.51
CA VAL A 418 11.23 -16.71 30.75
C VAL A 418 11.44 -18.21 30.80
N ILE A 419 11.45 -18.86 29.63
CA ILE A 419 11.70 -20.29 29.55
C ILE A 419 13.22 -20.47 29.51
N LYS A 420 13.81 -20.69 30.69
CA LYS A 420 15.27 -20.74 30.80
C LYS A 420 15.83 -21.95 30.06
N GLY A 421 16.98 -21.75 29.42
CA GLY A 421 17.61 -22.83 28.70
C GLY A 421 18.84 -22.32 27.96
N ARG A 422 19.41 -23.21 27.16
CA ARG A 422 20.60 -22.91 26.37
C ARG A 422 20.23 -22.61 24.94
N PRO A 423 20.80 -21.56 24.35
CA PRO A 423 20.51 -21.24 22.94
C PRO A 423 20.91 -22.40 22.03
N VAL A 424 20.07 -22.65 21.03
CA VAL A 424 20.30 -23.77 20.12
C VAL A 424 21.52 -23.51 19.25
N SER A 425 21.61 -22.31 18.66
CA SER A 425 22.70 -22.01 17.75
C SER A 425 24.06 -22.03 18.44
N SER A 426 24.09 -21.97 19.77
CA SER A 426 25.34 -22.07 20.51
C SER A 426 25.92 -23.47 20.53
N SER A 427 25.18 -24.48 20.05
CA SER A 427 25.64 -25.86 20.16
C SER A 427 25.69 -26.57 18.80
N PHE A 428 25.71 -25.84 17.70
CA PHE A 428 25.74 -26.42 16.37
C PHE A 428 26.98 -26.01 15.57
N ASP A 429 28.15 -26.02 16.22
CA ASP A 429 29.42 -25.81 15.54
C ASP A 429 29.44 -24.52 14.71
N PRO A 430 29.56 -23.36 15.35
CA PRO A 430 29.46 -22.09 14.62
C PRO A 430 30.56 -21.86 13.58
N ILE A 431 31.45 -22.85 13.39
CA ILE A 431 32.51 -22.70 12.41
C ILE A 431 31.92 -22.57 11.00
N LYS A 432 30.98 -23.45 10.65
CA LYS A 432 30.38 -23.44 9.33
C LYS A 432 28.95 -23.92 9.41
N PHE A 433 28.16 -23.54 8.41
CA PHE A 433 26.77 -23.95 8.30
C PHE A 433 26.42 -24.13 6.84
N PRO A 434 25.39 -24.93 6.53
CA PRO A 434 24.97 -25.07 5.12
C PRO A 434 24.41 -23.81 4.51
N GLU A 435 24.09 -22.79 5.31
CA GLU A 435 23.55 -21.51 4.83
C GLU A 435 22.24 -21.71 4.07
N CYS A 436 21.23 -22.19 4.80
CA CYS A 436 19.88 -22.34 4.29
C CYS A 436 19.04 -21.18 4.82
N GLN A 437 18.29 -20.54 3.93
CA GLN A 437 17.73 -19.23 4.27
C GLN A 437 16.23 -19.07 4.08
N PHE A 438 15.65 -19.69 3.05
CA PHE A 438 14.25 -19.38 2.73
C PHE A 438 13.26 -20.32 3.40
N ASN A 439 13.32 -21.61 3.06
CA ASN A 439 12.39 -22.61 3.58
C ASN A 439 13.23 -23.77 4.11
N CYS A 440 13.51 -23.74 5.41
CA CYS A 440 14.49 -24.64 6.00
C CYS A 440 13.96 -25.13 7.35
N ALA A 441 14.45 -26.29 7.77
CA ALA A 441 14.06 -26.90 9.03
C ALA A 441 15.29 -27.14 9.90
N LEU A 442 15.07 -27.17 11.21
CA LEU A 442 16.14 -27.47 12.15
C LEU A 442 16.21 -28.94 12.52
N ASP A 443 15.12 -29.69 12.34
CA ASP A 443 15.13 -31.12 12.66
C ASP A 443 15.86 -31.94 11.60
N GLN A 444 15.77 -31.55 10.33
CA GLN A 444 16.32 -32.34 9.24
C GLN A 444 17.39 -31.61 8.45
N VAL A 445 17.15 -30.36 8.05
CA VAL A 445 18.10 -29.66 7.19
C VAL A 445 19.40 -29.37 7.95
N PHE A 446 19.30 -29.05 9.23
CA PHE A 446 20.45 -28.69 10.05
C PHE A 446 20.78 -29.79 11.05
N GLU A 447 20.66 -31.04 10.63
CA GLU A 447 20.97 -32.19 11.48
C GLU A 447 22.44 -32.22 11.86
N LEU B 19 -12.49 -16.62 -22.89
CA LEU B 19 -11.44 -17.20 -22.05
C LEU B 19 -11.35 -18.71 -22.25
N LYS B 20 -10.20 -19.28 -21.92
CA LYS B 20 -10.00 -20.72 -22.02
C LYS B 20 -8.91 -21.13 -21.06
N GLU B 21 -9.24 -21.99 -20.10
CA GLU B 21 -8.31 -22.38 -19.05
C GLU B 21 -7.90 -23.83 -19.21
N SER B 22 -6.60 -24.07 -19.21
CA SER B 22 -6.03 -25.41 -19.29
C SER B 22 -5.33 -25.74 -17.98
N TYR B 23 -5.69 -26.87 -17.39
CA TYR B 23 -5.07 -27.36 -16.17
C TYR B 23 -3.92 -28.29 -16.57
N LEU B 24 -2.70 -27.80 -16.42
CA LEU B 24 -1.49 -28.59 -16.67
C LEU B 24 -1.24 -29.44 -15.43
N GLU B 25 -1.55 -30.73 -15.53
CA GLU B 25 -1.41 -31.63 -14.40
C GLU B 25 0.04 -32.03 -14.15
N GLU B 26 0.92 -31.88 -15.15
CA GLU B 26 2.32 -32.25 -14.97
C GLU B 26 2.98 -31.43 -13.87
N SER B 27 2.73 -30.12 -13.87
CA SER B 27 3.29 -29.22 -12.87
C SER B 27 2.25 -28.68 -11.91
N CYS B 28 1.01 -29.16 -12.01
CA CYS B 28 -0.10 -28.68 -11.19
C CYS B 28 -0.25 -27.17 -11.29
N SER B 29 -0.56 -26.71 -12.50
CA SER B 29 -0.72 -25.29 -12.76
C SER B 29 -1.95 -25.10 -13.64
N THR B 30 -2.40 -23.84 -13.74
CA THR B 30 -3.49 -23.47 -14.62
C THR B 30 -3.04 -22.30 -15.49
N ILE B 31 -3.19 -22.44 -16.80
CA ILE B 31 -2.90 -21.37 -17.75
C ILE B 31 -4.21 -20.93 -18.38
N THR B 32 -4.56 -19.67 -18.20
CA THR B 32 -5.80 -19.12 -18.72
C THR B 32 -5.46 -18.16 -19.85
N GLU B 33 -5.84 -18.52 -21.07
CA GLU B 33 -5.65 -17.73 -22.26
C GLU B 33 -6.99 -17.12 -22.69
N GLY B 34 -6.95 -16.38 -23.80
CA GLY B 34 -8.13 -15.70 -24.30
C GLY B 34 -8.23 -14.24 -23.92
N TYR B 35 -7.27 -13.72 -23.16
CA TYR B 35 -7.25 -12.30 -22.82
C TYR B 35 -6.69 -11.50 -23.99
N LEU B 36 -6.85 -10.18 -23.90
CA LEU B 36 -6.35 -9.26 -24.91
C LEU B 36 -5.57 -8.14 -24.24
N SER B 37 -4.37 -7.88 -24.72
CA SER B 37 -3.48 -6.92 -24.09
C SER B 37 -3.93 -5.49 -24.36
N VAL B 38 -3.71 -4.63 -23.37
CA VAL B 38 -3.69 -3.18 -23.54
C VAL B 38 -2.46 -2.72 -22.78
N LEU B 39 -1.35 -2.55 -23.49
CA LEU B 39 -0.06 -2.23 -22.87
C LEU B 39 0.22 -0.74 -23.02
N ARG B 40 0.41 -0.05 -21.91
CA ARG B 40 0.79 1.36 -21.96
C ARG B 40 2.23 1.47 -22.41
N THR B 41 2.44 2.18 -23.53
CA THR B 41 3.77 2.36 -24.08
C THR B 41 4.32 3.76 -23.93
N GLY B 42 3.45 4.78 -23.90
CA GLY B 42 3.93 6.15 -23.84
C GLY B 42 3.09 7.01 -22.90
N TRP B 43 3.49 8.27 -22.81
CA TRP B 43 2.78 9.25 -22.00
C TRP B 43 2.39 10.45 -22.86
N TYR B 44 1.24 11.03 -22.54
CA TYR B 44 0.76 12.26 -23.16
C TYR B 44 0.57 13.30 -22.08
N THR B 45 1.15 14.48 -22.28
CA THR B 45 1.23 15.50 -21.25
C THR B 45 0.14 16.55 -21.45
N ASN B 46 -0.69 16.71 -20.42
CA ASN B 46 -1.73 17.74 -20.38
C ASN B 46 -1.40 18.66 -19.21
N VAL B 47 -0.93 19.87 -19.53
CA VAL B 47 -0.47 20.81 -18.51
C VAL B 47 -1.64 21.72 -18.16
N PHE B 48 -2.18 21.56 -16.95
CA PHE B 48 -3.25 22.40 -16.46
C PHE B 48 -2.68 23.59 -15.70
N THR B 49 -3.28 24.75 -15.92
CA THR B 49 -2.87 25.99 -15.24
C THR B 49 -4.08 26.51 -14.47
N LEU B 50 -4.26 26.01 -13.25
CA LEU B 50 -5.38 26.46 -12.41
C LEU B 50 -5.05 27.84 -11.86
N GLU B 51 -5.70 28.86 -12.41
CA GLU B 51 -5.44 30.24 -12.01
C GLU B 51 -6.35 30.58 -10.83
N VAL B 52 -5.74 31.05 -9.74
CA VAL B 52 -6.48 31.34 -8.52
C VAL B 52 -6.88 32.81 -8.46
N GLY B 53 -5.94 33.71 -8.71
CA GLY B 53 -6.19 35.14 -8.68
C GLY B 53 -5.39 35.82 -7.59
N ASP B 54 -5.73 37.08 -7.36
CA ASP B 54 -5.03 37.89 -6.36
C ASP B 54 -5.65 37.76 -4.98
N VAL B 55 -5.75 36.51 -4.51
CA VAL B 55 -6.30 36.28 -3.18
C VAL B 55 -5.36 36.79 -2.09
N GLU B 56 -4.05 36.80 -2.36
CA GLU B 56 -3.10 37.26 -1.36
C GLU B 56 -3.30 38.73 -1.01
N ASN B 57 -3.57 39.57 -2.02
CA ASN B 57 -3.75 40.98 -1.77
C ASN B 57 -5.01 41.24 -0.94
N LEU B 58 -6.09 40.50 -1.20
CA LEU B 58 -7.32 40.67 -0.45
C LEU B 58 -7.13 40.26 1.00
N THR B 59 -7.66 41.06 1.93
CA THR B 59 -7.51 40.79 3.35
C THR B 59 -8.84 41.04 4.05
N CYS B 60 -9.02 40.34 5.18
CA CYS B 60 -10.20 40.50 6.02
C CYS B 60 -9.76 40.70 7.46
N THR B 61 -10.37 41.66 8.14
CA THR B 61 -10.06 41.96 9.53
C THR B 61 -11.24 41.84 10.48
N ASP B 62 -12.45 41.66 9.96
CA ASP B 62 -13.64 41.53 10.81
C ASP B 62 -13.74 40.10 11.34
N GLY B 63 -14.87 39.76 11.92
CA GLY B 63 -15.11 38.42 12.40
C GLY B 63 -15.46 37.47 11.28
N PRO B 64 -15.73 36.22 11.65
CA PRO B 64 -16.14 35.23 10.63
C PRO B 64 -17.40 35.65 9.90
N SER B 65 -17.27 35.91 8.61
CA SER B 65 -18.37 36.43 7.79
C SER B 65 -18.66 35.54 6.60
N LEU B 66 -18.37 34.24 6.73
CA LEU B 66 -18.53 33.21 5.71
C LEU B 66 -17.56 33.39 4.55
N ILE B 67 -16.77 34.47 4.53
CA ILE B 67 -15.78 34.71 3.49
C ILE B 67 -14.37 34.76 4.05
N LYS B 68 -14.20 35.39 5.22
CA LYS B 68 -12.87 35.48 5.83
C LYS B 68 -12.32 34.09 6.14
N THR B 69 -13.16 33.19 6.65
CA THR B 69 -12.72 31.82 6.88
C THR B 69 -12.32 31.14 5.58
N GLU B 70 -13.13 31.30 4.53
CA GLU B 70 -12.84 30.65 3.26
C GLU B 70 -11.64 31.30 2.58
N LEU B 71 -11.50 32.63 2.69
CA LEU B 71 -10.32 33.28 2.16
C LEU B 71 -9.06 32.82 2.87
N ASP B 72 -9.15 32.66 4.20
CA ASP B 72 -8.01 32.15 4.96
C ASP B 72 -7.66 30.72 4.54
N LEU B 73 -8.67 29.89 4.31
CA LEU B 73 -8.41 28.53 3.85
C LEU B 73 -7.76 28.53 2.48
N THR B 74 -8.22 29.39 1.57
CA THR B 74 -7.61 29.49 0.25
C THR B 74 -6.16 29.94 0.34
N LYS B 75 -5.89 30.95 1.19
CA LYS B 75 -4.52 31.42 1.37
C LYS B 75 -3.64 30.33 1.96
N SER B 76 -4.16 29.58 2.93
CA SER B 76 -3.40 28.48 3.52
C SER B 76 -3.08 27.42 2.48
N ALA B 77 -4.05 27.08 1.63
CA ALA B 77 -3.80 26.10 0.58
C ALA B 77 -2.75 26.60 -0.40
N LEU B 78 -2.84 27.88 -0.80
CA LEU B 78 -1.88 28.43 -1.75
C LEU B 78 -0.48 28.46 -1.17
N ARG B 79 -0.35 28.81 0.11
CA ARG B 79 0.97 28.85 0.74
C ARG B 79 1.49 27.45 1.04
N GLU B 80 0.59 26.48 1.19
CA GLU B 80 1.02 25.09 1.40
C GLU B 80 1.51 24.46 0.11
N LEU B 81 0.92 24.85 -1.03
CA LEU B 81 1.35 24.28 -2.30
C LEU B 81 2.77 24.66 -2.69
N LYS B 82 3.33 25.70 -2.08
CA LYS B 82 4.67 26.16 -2.47
C LYS B 82 5.73 25.11 -2.20
N THR B 83 5.65 24.44 -1.06
CA THR B 83 6.69 23.50 -0.64
C THR B 83 6.48 22.09 -1.16
N CYS B 84 5.29 21.75 -1.66
CA CYS B 84 5.03 20.41 -2.18
C CYS B 84 5.39 20.26 -3.65
N SER B 85 6.33 21.07 -4.15
CA SER B 85 6.79 20.91 -5.53
C SER B 85 7.39 19.53 -5.71
N ALA B 86 7.00 18.85 -6.80
CA ALA B 86 7.44 17.48 -7.05
C ALA B 86 8.88 17.51 -7.53
N ASP B 87 9.81 17.47 -6.58
CA ASP B 87 11.23 17.46 -6.92
C ASP B 87 11.64 16.11 -7.49
N GLN B 88 12.81 16.10 -8.12
CA GLN B 88 13.31 14.88 -8.76
C GLN B 88 13.45 13.75 -7.75
N GLY B 89 12.97 12.57 -8.13
CA GLY B 89 13.02 11.42 -7.25
C GLY B 89 14.39 10.79 -7.18
N SER B 90 14.46 9.69 -6.43
CA SER B 90 15.71 8.96 -6.23
C SER B 90 15.95 7.89 -7.30
N GLY B 91 15.01 7.70 -8.22
CA GLY B 91 15.15 6.68 -9.24
C GLY B 91 14.71 5.31 -8.77
N GLY B 92 14.89 4.33 -9.64
CA GLY B 92 14.51 2.97 -9.33
C GLY B 92 14.43 2.14 -10.59
N SER B 93 13.81 0.97 -10.45
CA SER B 93 13.66 0.03 -11.55
C SER B 93 12.21 -0.36 -11.82
N GLY B 94 11.28 -0.05 -10.92
CA GLY B 94 9.89 -0.41 -11.11
C GLY B 94 9.18 0.48 -12.10
N ALA B 95 7.91 0.14 -12.37
CA ALA B 95 7.11 0.91 -13.30
C ALA B 95 6.87 2.32 -12.78
N THR B 96 6.58 2.46 -11.49
CA THR B 96 6.28 3.78 -10.94
C THR B 96 7.51 4.68 -10.96
N ALA B 97 8.70 4.10 -10.73
CA ALA B 97 9.92 4.91 -10.77
C ALA B 97 10.20 5.42 -12.17
N ALA B 98 10.08 4.54 -13.18
CA ALA B 98 10.30 4.96 -14.55
C ALA B 98 9.25 5.99 -14.99
N ALA B 99 8.00 5.80 -14.59
CA ALA B 99 6.96 6.76 -14.93
C ALA B 99 7.23 8.11 -14.28
N VAL B 100 7.64 8.12 -13.02
CA VAL B 100 7.95 9.36 -12.32
C VAL B 100 9.13 10.07 -12.99
N THR B 101 10.17 9.33 -13.34
CA THR B 101 11.32 9.93 -14.01
C THR B 101 10.93 10.51 -15.36
N ALA B 102 10.12 9.78 -16.13
CA ALA B 102 9.69 10.30 -17.42
C ALA B 102 8.86 11.56 -17.27
N GLY B 103 7.96 11.59 -16.28
CA GLY B 103 7.18 12.79 -16.05
C GLY B 103 8.02 13.98 -15.61
N ILE B 104 8.97 13.75 -14.70
CA ILE B 104 9.82 14.83 -14.22
C ILE B 104 10.72 15.34 -15.34
N ALA B 105 11.06 14.49 -16.31
CA ALA B 105 11.87 14.94 -17.43
C ALA B 105 11.21 16.10 -18.18
N ILE B 106 9.90 16.02 -18.38
CA ILE B 106 9.18 17.13 -18.99
C ILE B 106 8.81 18.20 -17.97
N ALA B 107 8.62 17.82 -16.71
CA ALA B 107 8.30 18.79 -15.67
C ALA B 107 9.42 19.81 -15.51
N LYS B 108 10.67 19.36 -15.55
CA LYS B 108 11.80 20.28 -15.41
C LYS B 108 11.89 21.22 -16.60
N THR B 109 11.58 20.73 -17.80
CA THR B 109 11.54 21.61 -18.97
C THR B 109 10.44 22.64 -18.83
N ILE B 110 9.29 22.25 -18.29
CA ILE B 110 8.20 23.19 -18.06
C ILE B 110 8.59 24.22 -17.00
N ARG B 111 9.36 23.81 -16.00
CA ARG B 111 9.71 24.70 -14.89
C ARG B 111 10.47 25.94 -15.37
N LEU B 112 11.12 25.86 -16.52
CA LEU B 112 11.87 27.00 -17.04
C LEU B 112 10.92 28.15 -17.37
N GLU B 113 11.43 29.38 -17.22
CA GLU B 113 10.58 30.56 -17.32
C GLU B 113 10.02 30.74 -18.73
N SER B 114 10.80 30.38 -19.76
CA SER B 114 10.35 30.59 -21.13
C SER B 114 9.11 29.75 -21.44
N GLU B 115 9.16 28.46 -21.09
CA GLU B 115 8.04 27.57 -21.41
C GLU B 115 6.77 27.98 -20.66
N VAL B 116 6.89 28.25 -19.36
CA VAL B 116 5.72 28.64 -18.58
C VAL B 116 5.15 29.96 -19.07
N ASN B 117 6.03 30.92 -19.39
CA ASN B 117 5.55 32.20 -19.90
C ASN B 117 4.82 32.03 -21.23
N ALA B 118 5.37 31.20 -22.13
CA ALA B 118 4.72 30.98 -23.41
C ALA B 118 3.38 30.28 -23.24
N ILE B 119 3.32 29.29 -22.35
CA ILE B 119 2.06 28.57 -22.13
C ILE B 119 1.00 29.50 -21.57
N LYS B 120 1.37 30.31 -20.58
CA LYS B 120 0.41 31.24 -20.00
C LYS B 120 -0.02 32.29 -21.02
N GLY B 121 0.91 32.75 -21.85
CA GLY B 121 0.56 33.72 -22.87
C GLY B 121 -0.41 33.17 -23.90
N CYS B 122 -0.20 31.92 -24.33
CA CYS B 122 -1.11 31.35 -25.32
C CYS B 122 -2.44 30.97 -24.70
N LEU B 123 -2.46 30.65 -23.40
CA LEU B 123 -3.69 30.32 -22.70
C LEU B 123 -4.43 31.54 -22.18
N LYS B 124 -3.83 32.74 -22.27
CA LYS B 124 -4.52 33.95 -21.83
C LYS B 124 -5.75 34.23 -22.68
N THR B 125 -5.66 34.00 -23.98
CA THR B 125 -6.75 34.33 -24.89
C THR B 125 -7.71 33.16 -25.10
N THR B 126 -7.20 31.93 -25.16
CA THR B 126 -8.00 30.75 -25.43
C THR B 126 -7.82 29.73 -24.33
N ASN B 127 -8.75 28.77 -24.27
CA ASN B 127 -8.80 27.78 -23.22
C ASN B 127 -7.97 26.53 -23.52
N GLU B 128 -7.39 26.43 -24.71
CA GLU B 128 -6.61 25.25 -25.06
C GLU B 128 -5.45 25.64 -25.97
N CYS B 129 -4.33 24.95 -25.79
CA CYS B 129 -3.14 25.15 -26.61
C CYS B 129 -2.53 23.80 -26.95
N VAL B 130 -1.87 23.73 -28.09
CA VAL B 130 -1.09 22.57 -28.49
C VAL B 130 0.34 23.07 -28.68
N SER B 131 1.17 22.96 -27.65
CA SER B 131 2.45 23.63 -27.61
C SER B 131 3.60 22.64 -27.68
N THR B 132 4.62 22.98 -28.46
CA THR B 132 5.83 22.18 -28.58
C THR B 132 6.91 22.82 -27.71
N LEU B 133 7.46 22.04 -26.78
CA LEU B 133 8.48 22.53 -25.88
C LEU B 133 9.84 22.51 -26.57
N GLY B 134 10.85 23.04 -25.86
CA GLY B 134 12.21 22.96 -26.35
C GLY B 134 12.77 21.56 -26.39
N ASN B 135 12.22 20.65 -25.57
CA ASN B 135 12.61 19.25 -25.60
C ASN B 135 12.14 18.52 -26.84
N GLY B 136 11.27 19.14 -27.65
CA GLY B 136 10.72 18.52 -28.83
C GLY B 136 9.43 17.77 -28.62
N VAL B 137 8.98 17.62 -27.38
CA VAL B 137 7.72 16.93 -27.09
C VAL B 137 6.57 17.90 -27.25
N ARG B 138 5.41 17.37 -27.62
CA ARG B 138 4.19 18.14 -27.81
C ARG B 138 3.26 17.90 -26.63
N VAL B 139 2.75 18.99 -26.03
CA VAL B 139 1.89 18.92 -24.88
C VAL B 139 0.62 19.70 -25.16
N LEU B 140 -0.43 19.38 -24.40
CA LEU B 140 -1.71 20.06 -24.49
C LEU B 140 -1.87 20.93 -23.25
N ALA B 141 -1.94 22.24 -23.45
CA ALA B 141 -2.06 23.19 -22.35
C ALA B 141 -3.54 23.52 -22.14
N THR B 142 -4.01 23.32 -20.91
CA THR B 142 -5.41 23.56 -20.56
C THR B 142 -5.47 24.58 -19.43
N ALA B 143 -6.36 25.55 -19.57
CA ALA B 143 -6.60 26.56 -18.56
C ALA B 143 -7.98 26.31 -17.94
N VAL B 144 -8.01 26.25 -16.61
CA VAL B 144 -9.26 26.02 -15.88
C VAL B 144 -9.55 27.25 -15.04
N ARG B 145 -9.19 28.42 -15.57
CA ARG B 145 -9.27 29.67 -14.82
C ARG B 145 -10.72 30.12 -14.62
N GLU B 146 -11.45 29.40 -13.76
CA GLU B 146 -12.79 29.79 -13.34
C GLU B 146 -12.80 30.46 -11.98
N LEU B 147 -11.97 29.98 -11.04
CA LEU B 147 -11.86 30.63 -9.75
C LEU B 147 -11.26 32.03 -9.89
N LYS B 148 -10.27 32.18 -10.77
CA LYS B 148 -9.64 33.49 -10.97
C LYS B 148 -10.63 34.50 -11.48
N GLU B 149 -11.50 34.09 -12.41
CA GLU B 149 -12.49 35.00 -12.97
C GLU B 149 -13.44 35.50 -11.87
N PHE B 150 -13.93 34.58 -11.04
CA PHE B 150 -14.81 34.97 -9.94
C PHE B 150 -14.10 35.89 -8.95
N VAL B 151 -12.86 35.56 -8.60
CA VAL B 151 -12.11 36.36 -7.63
C VAL B 151 -11.90 37.77 -8.17
N SER B 152 -11.55 37.88 -9.45
CA SER B 152 -11.24 39.19 -10.01
C SER B 152 -12.50 40.01 -10.26
N LYS B 153 -13.61 39.37 -10.64
CA LYS B 153 -14.78 40.12 -11.04
C LYS B 153 -15.74 40.37 -9.87
N ASN B 154 -16.11 39.34 -9.14
CA ASN B 154 -17.11 39.47 -8.09
C ASN B 154 -16.51 39.75 -6.71
N LEU B 155 -15.51 38.96 -6.30
CA LEU B 155 -15.01 39.06 -4.93
C LEU B 155 -14.36 40.42 -4.67
N THR B 156 -13.53 40.88 -5.60
CA THR B 156 -12.86 42.16 -5.40
C THR B 156 -13.86 43.31 -5.40
N SER B 157 -14.92 43.20 -6.20
CA SER B 157 -15.93 44.26 -6.24
C SER B 157 -16.67 44.39 -4.91
N ALA B 158 -16.97 43.26 -4.27
CA ALA B 158 -17.71 43.29 -3.01
C ALA B 158 -16.83 43.57 -1.81
N ILE B 159 -15.51 43.44 -1.96
CA ILE B 159 -14.58 43.65 -0.86
C ILE B 159 -13.59 44.76 -1.21
N ASN B 160 -14.08 45.78 -1.94
CA ASN B 160 -13.25 46.94 -2.21
C ASN B 160 -12.63 47.50 -0.93
N LYS B 161 -13.43 47.59 0.13
CA LYS B 161 -12.92 47.99 1.44
C LYS B 161 -12.50 46.74 2.22
N ASN B 162 -12.10 46.95 3.47
CA ASN B 162 -11.67 45.86 4.33
C ASN B 162 -12.84 45.17 5.02
N LYS B 163 -14.06 45.64 4.81
CA LYS B 163 -15.25 45.03 5.42
C LYS B 163 -15.66 43.83 4.57
N CYS B 164 -15.51 42.64 5.14
CA CYS B 164 -15.85 41.39 4.46
C CYS B 164 -17.21 40.85 4.85
N ASP B 165 -17.98 41.58 5.64
CA ASP B 165 -19.29 41.13 6.12
C ASP B 165 -20.39 41.61 5.18
N ILE B 166 -20.30 41.20 3.93
CA ILE B 166 -21.33 41.53 2.94
C ILE B 166 -22.58 40.69 3.23
N PRO B 167 -23.76 41.30 3.32
CA PRO B 167 -24.96 40.56 3.72
C PRO B 167 -25.71 39.88 2.58
N ASP B 168 -25.13 39.78 1.39
CA ASP B 168 -25.84 39.18 0.27
C ASP B 168 -25.94 37.67 0.42
N LEU B 169 -24.87 37.03 0.92
CA LEU B 169 -24.79 35.60 1.19
C LEU B 169 -24.71 34.81 -0.12
N LYS B 170 -24.89 35.50 -1.24
CA LYS B 170 -24.63 34.89 -2.55
C LYS B 170 -23.15 34.61 -2.73
N MET B 171 -22.31 35.57 -2.35
CA MET B 171 -20.87 35.45 -2.57
C MET B 171 -20.28 34.29 -1.78
N ALA B 172 -20.74 34.08 -0.55
CA ALA B 172 -20.17 33.03 0.28
C ALA B 172 -20.39 31.66 -0.33
N VAL B 173 -21.64 31.34 -0.70
CA VAL B 173 -21.93 30.03 -1.26
C VAL B 173 -21.31 29.89 -2.66
N SER B 174 -21.29 30.98 -3.44
CA SER B 174 -20.64 30.91 -4.75
C SER B 174 -19.15 30.62 -4.61
N PHE B 175 -18.48 31.26 -3.66
CA PHE B 175 -17.07 30.99 -3.41
C PHE B 175 -16.87 29.56 -2.92
N SER B 176 -17.79 29.07 -2.08
CA SER B 176 -17.69 27.68 -1.63
C SER B 176 -17.78 26.72 -2.81
N GLN B 177 -18.65 27.01 -3.77
CA GLN B 177 -18.77 26.13 -4.93
C GLN B 177 -17.55 26.22 -5.83
N PHE B 178 -17.04 27.43 -6.07
CA PHE B 178 -16.00 27.61 -7.08
C PHE B 178 -14.65 27.09 -6.61
N ASN B 179 -14.32 27.28 -5.33
CA ASN B 179 -12.99 26.94 -4.83
C ASN B 179 -12.86 25.50 -4.36
N ARG B 180 -13.90 24.68 -4.52
CA ARG B 180 -13.83 23.29 -4.09
C ARG B 180 -12.77 22.52 -4.87
N ARG B 181 -12.72 22.72 -6.19
CA ARG B 181 -11.76 22.01 -7.01
C ARG B 181 -10.33 22.37 -6.63
N PHE B 182 -10.07 23.65 -6.38
CA PHE B 182 -8.73 24.07 -5.98
C PHE B 182 -8.33 23.45 -4.65
N LEU B 183 -9.25 23.43 -3.69
CA LEU B 183 -8.95 22.82 -2.39
C LEU B 183 -8.68 21.32 -2.52
N ASN B 184 -9.46 20.63 -3.35
CA ASN B 184 -9.23 19.21 -3.56
C ASN B 184 -7.88 18.96 -4.21
N VAL B 185 -7.51 19.79 -5.19
CA VAL B 185 -6.21 19.67 -5.83
C VAL B 185 -5.09 19.87 -4.81
N VAL B 186 -5.24 20.89 -3.96
CA VAL B 186 -4.23 21.15 -2.93
C VAL B 186 -4.11 19.96 -1.99
N ARG B 187 -5.24 19.41 -1.56
CA ARG B 187 -5.22 18.28 -0.64
C ARG B 187 -4.53 17.07 -1.27
N GLN B 188 -4.85 16.78 -2.54
CA GLN B 188 -4.23 15.63 -3.20
C GLN B 188 -2.73 15.82 -3.34
N PHE B 189 -2.30 17.01 -3.78
CA PHE B 189 -0.89 17.24 -4.01
C PHE B 189 -0.10 17.31 -2.71
N SER B 190 -0.72 17.78 -1.63
CA SER B 190 -0.03 17.80 -0.34
C SER B 190 0.07 16.40 0.25
N ASP B 191 -1.01 15.61 0.15
CA ASP B 191 -0.99 14.25 0.67
C ASP B 191 0.01 13.39 -0.09
N ASN B 192 0.09 13.55 -1.41
CA ASN B 192 0.93 12.72 -2.25
C ASN B 192 2.30 13.35 -2.53
N ALA B 193 2.62 14.47 -1.88
CA ALA B 193 3.91 15.13 -2.02
C ALA B 193 4.19 15.57 -3.45
N GLY B 194 3.14 15.97 -4.17
CA GLY B 194 3.28 16.52 -5.50
C GLY B 194 3.16 15.52 -6.63
N ILE B 195 3.09 14.23 -6.33
CA ILE B 195 2.95 13.19 -7.36
C ILE B 195 1.79 12.29 -6.91
N THR B 196 0.59 12.57 -7.40
CA THR B 196 -0.55 11.74 -7.07
C THR B 196 -0.44 10.39 -7.77
N PRO B 197 -0.94 9.32 -7.15
CA PRO B 197 -0.82 7.99 -7.78
C PRO B 197 -1.77 7.77 -8.94
N ALA B 198 -2.84 8.55 -9.05
CA ALA B 198 -3.81 8.35 -10.12
C ALA B 198 -4.53 9.66 -10.39
N ILE B 199 -5.18 9.73 -11.55
CA ILE B 199 -5.94 10.91 -11.95
C ILE B 199 -7.28 10.87 -11.22
N SER B 200 -7.48 11.84 -10.33
CA SER B 200 -8.73 11.92 -9.58
C SER B 200 -9.79 12.64 -10.41
N LEU B 201 -10.96 12.86 -9.82
CA LEU B 201 -12.02 13.63 -10.46
C LEU B 201 -11.85 15.13 -10.29
N ASP B 202 -10.84 15.57 -9.55
CA ASP B 202 -10.60 16.98 -9.28
C ASP B 202 -9.50 17.57 -10.15
N LEU B 203 -8.43 16.80 -10.41
CA LEU B 203 -7.38 17.28 -11.31
C LEU B 203 -7.91 17.50 -12.71
N MET B 204 -8.67 16.53 -13.23
CA MET B 204 -9.14 16.56 -14.61
C MET B 204 -10.54 15.93 -14.65
N THR B 205 -11.54 16.75 -14.98
CA THR B 205 -12.92 16.30 -14.99
C THR B 205 -13.20 15.41 -16.20
N ASP B 206 -14.44 14.95 -16.32
CA ASP B 206 -14.82 14.06 -17.41
C ASP B 206 -14.73 14.77 -18.76
N ALA B 207 -15.18 16.03 -18.82
CA ALA B 207 -15.11 16.77 -20.08
C ALA B 207 -13.67 16.98 -20.52
N GLU B 208 -12.79 17.35 -19.58
CA GLU B 208 -11.39 17.54 -19.92
C GLU B 208 -10.73 16.23 -20.32
N LEU B 209 -11.09 15.13 -19.66
CA LEU B 209 -10.57 13.83 -20.06
C LEU B 209 -11.00 13.47 -21.48
N ALA B 210 -12.27 13.69 -21.81
CA ALA B 210 -12.75 13.38 -23.15
C ALA B 210 -12.05 14.26 -24.19
N ARG B 211 -11.88 15.55 -23.89
CA ARG B 211 -11.21 16.45 -24.83
C ARG B 211 -9.76 16.06 -25.03
N ALA B 212 -9.07 15.70 -23.94
CA ALA B 212 -7.67 15.29 -24.06
C ALA B 212 -7.54 14.00 -24.84
N VAL B 213 -8.45 13.05 -24.64
CA VAL B 213 -8.43 11.81 -25.41
C VAL B 213 -8.67 12.10 -26.88
N SER B 214 -9.62 12.98 -27.19
CA SER B 214 -9.88 13.36 -28.57
C SER B 214 -8.71 14.12 -29.20
N TYR B 215 -7.89 14.79 -28.38
CA TYR B 215 -6.74 15.52 -28.88
C TYR B 215 -5.48 14.67 -28.99
N MET B 216 -5.50 13.44 -28.49
CA MET B 216 -4.31 12.61 -28.49
C MET B 216 -3.95 12.17 -29.90
N PRO B 217 -2.65 11.98 -30.17
CA PRO B 217 -2.21 11.43 -31.46
C PRO B 217 -2.18 9.90 -31.46
N THR B 218 -3.36 9.30 -31.64
CA THR B 218 -3.49 7.85 -31.59
C THR B 218 -4.61 7.41 -32.52
N SER B 219 -4.63 6.11 -32.80
CA SER B 219 -5.57 5.56 -33.77
C SER B 219 -6.98 5.51 -33.19
N ALA B 220 -7.94 5.25 -34.08
CA ALA B 220 -9.35 5.28 -33.69
C ALA B 220 -9.68 4.19 -32.68
N GLY B 221 -9.11 3.01 -32.84
CA GLY B 221 -9.40 1.91 -31.93
C GLY B 221 -8.96 2.21 -30.50
N GLN B 222 -7.77 2.79 -30.34
CA GLN B 222 -7.29 3.16 -29.02
C GLN B 222 -8.17 4.26 -28.41
N ILE B 223 -8.61 5.21 -29.24
CA ILE B 223 -9.51 6.26 -28.74
C ILE B 223 -10.81 5.65 -28.24
N LYS B 224 -11.37 4.71 -29.01
CA LYS B 224 -12.61 4.07 -28.60
C LYS B 224 -12.43 3.29 -27.30
N LEU B 225 -11.33 2.54 -27.20
CA LEU B 225 -11.08 1.74 -26.00
C LEU B 225 -10.90 2.64 -24.78
N MET B 226 -10.17 3.74 -24.93
CA MET B 226 -9.95 4.63 -23.80
C MET B 226 -11.19 5.43 -23.44
N LEU B 227 -12.08 5.66 -24.41
CA LEU B 227 -13.34 6.32 -24.09
C LEU B 227 -14.30 5.37 -23.39
N GLU B 228 -14.26 4.08 -23.71
CA GLU B 228 -15.11 3.12 -23.01
C GLU B 228 -14.66 2.94 -21.57
N ASN B 229 -13.36 2.72 -21.36
CA ASN B 229 -12.80 2.49 -20.03
C ASN B 229 -12.14 3.76 -19.50
N ARG B 230 -12.99 4.66 -18.99
CA ARG B 230 -12.51 5.91 -18.43
C ARG B 230 -11.88 5.75 -17.04
N CYS B 231 -12.29 4.75 -16.26
CA CYS B 231 -11.72 4.54 -14.94
C CYS B 231 -10.47 3.69 -14.95
N MET B 232 -10.03 3.21 -16.11
CA MET B 232 -8.73 2.57 -16.24
C MET B 232 -7.71 3.51 -16.88
N VAL B 233 -8.18 4.54 -17.59
CA VAL B 233 -7.33 5.65 -18.00
C VAL B 233 -7.07 6.62 -16.84
N ARG B 234 -7.98 6.72 -15.89
CA ARG B 234 -7.79 7.54 -14.70
C ARG B 234 -6.93 6.86 -13.64
N ARG B 235 -6.57 5.60 -13.85
CA ARG B 235 -5.77 4.87 -12.89
C ARG B 235 -4.39 4.47 -13.42
N LYS B 236 -4.17 4.51 -14.72
CA LYS B 236 -2.85 4.28 -15.28
C LYS B 236 -2.02 5.54 -15.38
N GLY B 237 -2.67 6.71 -15.41
CA GLY B 237 -1.98 7.98 -15.43
C GLY B 237 -1.74 8.52 -14.03
N PHE B 238 -1.18 9.72 -13.98
CA PHE B 238 -0.91 10.39 -12.72
C PHE B 238 -0.71 11.88 -12.99
N GLY B 239 -0.56 12.63 -11.91
CA GLY B 239 -0.37 14.07 -12.01
C GLY B 239 0.88 14.51 -11.25
N ILE B 240 1.57 15.49 -11.82
CA ILE B 240 2.78 16.04 -11.24
C ILE B 240 2.61 17.55 -11.12
N LEU B 241 2.98 18.10 -9.96
CA LEU B 241 2.83 19.53 -9.69
C LEU B 241 4.08 20.26 -10.16
N ILE B 242 3.94 21.05 -11.23
CA ILE B 242 5.04 21.92 -11.64
C ILE B 242 5.31 22.97 -10.58
N GLY B 243 4.26 23.59 -10.05
CA GLY B 243 4.43 24.53 -8.97
C GLY B 243 3.52 25.75 -9.04
N VAL B 244 3.65 26.66 -8.09
CA VAL B 244 2.84 27.86 -8.04
C VAL B 244 3.67 29.00 -8.61
N TYR B 245 3.30 29.47 -9.80
CA TYR B 245 3.96 30.60 -10.45
C TYR B 245 3.04 31.79 -10.41
N GLY B 246 3.48 32.87 -9.76
CA GLY B 246 2.63 34.02 -9.56
C GLY B 246 1.40 33.66 -8.76
N SER B 247 0.25 33.63 -9.42
CA SER B 247 -1.01 33.21 -8.79
C SER B 247 -1.57 31.93 -9.39
N SER B 248 -0.87 31.31 -10.34
CA SER B 248 -1.37 30.15 -11.06
C SER B 248 -0.66 28.89 -10.58
N VAL B 249 -1.45 27.89 -10.18
CA VAL B 249 -0.92 26.57 -9.84
C VAL B 249 -0.87 25.75 -11.12
N ILE B 250 0.34 25.43 -11.57
CA ILE B 250 0.54 24.71 -12.82
C ILE B 250 0.95 23.28 -12.48
N TYR B 251 0.24 22.31 -13.06
CA TYR B 251 0.53 20.91 -12.80
C TYR B 251 0.26 20.12 -14.06
N MET B 252 1.08 19.11 -14.31
CA MET B 252 0.94 18.28 -15.50
C MET B 252 0.25 16.97 -15.17
N VAL B 253 -0.49 16.45 -16.14
CA VAL B 253 -1.17 15.16 -16.03
C VAL B 253 -0.68 14.28 -17.16
N GLN B 254 -0.23 13.08 -16.81
CA GLN B 254 0.40 12.16 -17.78
C GLN B 254 -0.59 11.07 -18.11
N LEU B 255 -1.36 11.26 -19.17
CA LEU B 255 -2.27 10.22 -19.63
C LEU B 255 -1.48 9.10 -20.31
N PRO B 256 -1.96 7.87 -20.22
CA PRO B 256 -1.25 6.76 -20.89
C PRO B 256 -1.57 6.67 -22.36
N ILE B 257 -0.62 6.15 -23.11
CA ILE B 257 -0.78 5.88 -24.54
C ILE B 257 -0.46 4.41 -24.75
N PHE B 258 -1.47 3.65 -25.19
CA PHE B 258 -1.40 2.20 -25.34
C PHE B 258 -0.96 1.88 -26.76
N GLY B 259 0.36 1.83 -26.97
CA GLY B 259 0.86 1.52 -28.30
C GLY B 259 0.55 0.10 -28.73
N VAL B 260 0.74 -0.88 -27.84
CA VAL B 260 0.47 -2.27 -28.13
C VAL B 260 -0.92 -2.60 -27.62
N ILE B 261 -1.76 -3.14 -28.50
CA ILE B 261 -3.15 -3.41 -28.17
C ILE B 261 -3.60 -4.68 -28.87
N ASP B 262 -4.56 -5.37 -28.26
CA ASP B 262 -5.24 -6.51 -28.88
C ASP B 262 -4.29 -7.67 -29.18
N THR B 263 -3.28 -7.87 -28.33
CA THR B 263 -2.41 -9.02 -28.53
C THR B 263 -2.65 -10.07 -27.45
N PRO B 264 -2.45 -11.35 -27.76
CA PRO B 264 -2.82 -12.41 -26.80
C PRO B 264 -2.05 -12.30 -25.49
N CYS B 265 -2.75 -12.60 -24.40
CA CYS B 265 -2.16 -12.67 -23.07
C CYS B 265 -2.70 -13.90 -22.36
N TRP B 266 -1.97 -14.35 -21.35
CA TRP B 266 -2.40 -15.50 -20.56
C TRP B 266 -1.84 -15.38 -19.14
N ILE B 267 -2.63 -15.82 -18.18
CA ILE B 267 -2.26 -15.78 -16.76
C ILE B 267 -1.96 -17.19 -16.30
N ILE B 268 -0.83 -17.36 -15.61
CA ILE B 268 -0.38 -18.66 -15.13
C ILE B 268 -0.43 -18.64 -13.61
N LYS B 269 -1.13 -19.61 -13.03
CA LYS B 269 -1.22 -19.79 -11.60
C LYS B 269 -0.74 -21.18 -11.24
N ALA B 270 -0.13 -21.31 -10.06
CA ALA B 270 0.51 -22.56 -9.68
C ALA B 270 0.14 -22.93 -8.25
N ALA B 271 0.19 -24.23 -7.97
CA ALA B 271 0.00 -24.81 -6.65
C ALA B 271 1.07 -25.85 -6.39
N PRO B 272 1.42 -26.09 -5.13
CA PRO B 272 2.50 -27.06 -4.83
C PRO B 272 2.08 -28.48 -5.16
N SER B 273 2.74 -29.08 -6.15
CA SER B 273 2.53 -30.48 -6.48
C SER B 273 3.48 -31.33 -5.63
N CYS B 274 2.93 -32.36 -5.00
CA CYS B 274 3.65 -33.12 -3.98
C CYS B 274 3.63 -34.61 -4.28
N SER B 275 4.69 -35.29 -3.82
CA SER B 275 4.74 -36.74 -3.73
C SER B 275 5.32 -37.09 -2.37
N GLU B 276 4.70 -38.04 -1.68
CA GLU B 276 5.10 -38.33 -0.31
C GLU B 276 5.08 -39.84 -0.06
N LYS B 277 5.93 -40.26 0.88
CA LYS B 277 5.91 -41.64 1.37
C LYS B 277 6.55 -41.66 2.74
N ASP B 278 6.04 -42.56 3.59
CA ASP B 278 6.54 -42.75 4.96
C ASP B 278 6.51 -41.46 5.76
N GLY B 279 5.55 -40.59 5.47
CA GLY B 279 5.42 -39.33 6.17
C GLY B 279 6.34 -38.23 5.67
N ASN B 280 7.17 -38.50 4.66
CA ASN B 280 8.09 -37.52 4.11
C ASN B 280 7.59 -37.05 2.75
N TYR B 281 7.55 -35.74 2.56
CA TYR B 281 7.01 -35.12 1.36
C TYR B 281 8.12 -34.59 0.46
N ALA B 282 7.76 -34.29 -0.77
CA ALA B 282 8.63 -33.58 -1.71
C ALA B 282 7.73 -32.85 -2.69
N CYS B 283 7.83 -31.53 -2.74
CA CYS B 283 6.88 -30.70 -3.48
C CYS B 283 7.61 -29.67 -4.30
N LEU B 284 6.97 -29.26 -5.39
CA LEU B 284 7.46 -28.19 -6.25
C LEU B 284 6.32 -27.20 -6.53
N LEU B 285 6.65 -25.92 -6.50
CA LEU B 285 5.72 -24.85 -6.81
C LEU B 285 6.38 -23.89 -7.79
N ARG B 286 5.70 -23.56 -8.87
CA ARG B 286 6.29 -22.74 -9.92
C ARG B 286 6.35 -21.27 -9.48
N GLU B 287 7.51 -20.64 -9.67
CA GLU B 287 7.61 -19.20 -9.44
C GLU B 287 6.98 -18.38 -10.55
N ASP B 288 6.87 -18.94 -11.76
CA ASP B 288 6.46 -18.15 -12.92
C ASP B 288 4.95 -17.97 -12.95
N GLN B 289 4.39 -17.51 -11.84
CA GLN B 289 2.99 -17.12 -11.79
C GLN B 289 2.85 -15.65 -12.15
N GLY B 290 1.69 -15.30 -12.69
CA GLY B 290 1.46 -13.94 -13.11
C GLY B 290 1.04 -13.85 -14.56
N TRP B 291 1.23 -12.68 -15.17
CA TRP B 291 0.72 -12.44 -16.51
C TRP B 291 1.83 -12.58 -17.55
N TYR B 292 1.45 -13.02 -18.74
CA TYR B 292 2.32 -13.03 -19.90
C TYR B 292 1.59 -12.40 -21.05
N CYS B 293 2.29 -11.57 -21.82
CA CYS B 293 1.70 -10.90 -22.98
C CYS B 293 2.73 -10.91 -24.10
N LYS B 294 2.32 -10.40 -25.26
CA LYS B 294 3.18 -10.36 -26.44
C LYS B 294 3.08 -8.97 -27.05
N ASN B 295 4.07 -8.13 -26.80
CA ASN B 295 4.07 -6.79 -27.38
C ASN B 295 4.30 -6.86 -28.89
N ALA B 296 5.45 -7.39 -29.30
CA ALA B 296 5.72 -7.63 -30.73
C ALA B 296 6.73 -8.77 -30.83
N GLY B 297 6.22 -9.97 -31.04
CA GLY B 297 7.09 -11.14 -31.21
C GLY B 297 8.06 -11.37 -30.06
N SER B 298 7.67 -11.01 -28.83
CA SER B 298 8.56 -11.16 -27.69
C SER B 298 7.71 -11.26 -26.43
N THR B 299 7.71 -12.43 -25.80
CA THR B 299 6.91 -12.62 -24.59
C THR B 299 7.40 -11.71 -23.48
N VAL B 300 6.46 -11.06 -22.79
CA VAL B 300 6.75 -10.16 -21.70
C VAL B 300 6.02 -10.68 -20.47
N TYR B 301 6.76 -10.81 -19.36
CA TYR B 301 6.26 -11.46 -18.15
C TYR B 301 6.10 -10.43 -17.05
N TYR B 302 4.90 -10.33 -16.48
CA TYR B 302 4.61 -9.46 -15.37
C TYR B 302 4.39 -10.30 -14.12
N PRO B 303 5.31 -10.29 -13.15
CA PRO B 303 5.16 -11.12 -11.96
C PRO B 303 4.13 -10.58 -10.97
N ASN B 304 4.15 -9.28 -10.73
CA ASN B 304 3.26 -8.67 -9.74
C ASN B 304 1.84 -8.57 -10.29
N ASP B 305 0.87 -9.01 -9.49
CA ASP B 305 -0.53 -8.94 -9.90
C ASP B 305 -1.06 -7.51 -9.90
N LYS B 306 -0.35 -6.57 -9.28
CA LYS B 306 -0.77 -5.17 -9.29
C LYS B 306 -0.35 -4.43 -10.54
N ASP B 307 0.56 -4.99 -11.35
CA ASP B 307 0.96 -4.35 -12.59
C ASP B 307 -0.13 -4.45 -13.65
N CYS B 308 -0.79 -5.61 -13.74
CA CYS B 308 -1.81 -5.86 -14.74
C CYS B 308 -3.17 -5.97 -14.07
N GLU B 309 -4.16 -5.28 -14.61
CA GLU B 309 -5.52 -5.29 -14.08
C GLU B 309 -6.49 -5.68 -15.20
N THR B 310 -7.41 -6.58 -14.90
CA THR B 310 -8.34 -7.09 -15.90
C THR B 310 -9.67 -6.36 -15.81
N ARG B 311 -10.16 -5.91 -16.97
CA ARG B 311 -11.48 -5.27 -17.08
C ARG B 311 -12.24 -5.97 -18.21
N GLY B 312 -12.92 -7.07 -17.88
CA GLY B 312 -13.56 -7.89 -18.89
C GLY B 312 -12.61 -8.95 -19.39
N ASP B 313 -12.47 -9.05 -20.71
CA ASP B 313 -11.43 -9.90 -21.29
C ASP B 313 -10.14 -9.14 -21.55
N HIS B 314 -10.18 -7.81 -21.50
CA HIS B 314 -8.98 -7.01 -21.68
C HIS B 314 -8.17 -6.97 -20.40
N VAL B 315 -6.85 -7.02 -20.54
CA VAL B 315 -5.92 -6.87 -19.42
C VAL B 315 -5.03 -5.68 -19.70
N PHE B 316 -5.04 -4.70 -18.79
CA PHE B 316 -4.27 -3.48 -18.92
C PHE B 316 -2.97 -3.64 -18.15
N CYS B 317 -1.84 -3.36 -18.82
CA CYS B 317 -0.53 -3.56 -18.24
C CYS B 317 0.36 -2.37 -18.57
N ASP B 318 1.45 -2.25 -17.83
CA ASP B 318 2.47 -1.22 -18.06
C ASP B 318 3.75 -1.89 -18.51
N THR B 319 4.27 -1.46 -19.67
CA THR B 319 5.47 -2.07 -20.22
C THR B 319 6.71 -1.78 -19.39
N ALA B 320 6.67 -0.76 -18.53
CA ALA B 320 7.83 -0.45 -17.69
C ALA B 320 8.11 -1.58 -16.70
N ALA B 321 7.06 -2.14 -16.11
CA ALA B 321 7.23 -3.25 -15.16
C ALA B 321 7.41 -4.60 -15.85
N GLY B 322 7.25 -4.66 -17.17
CA GLY B 322 7.37 -5.92 -17.85
C GLY B 322 8.79 -6.45 -17.83
N ILE B 323 8.93 -7.73 -17.51
CA ILE B 323 10.21 -8.42 -17.52
C ILE B 323 10.25 -9.27 -18.77
N ASN B 324 11.15 -8.94 -19.69
CA ASN B 324 11.24 -9.67 -20.95
C ASN B 324 11.68 -11.10 -20.70
N VAL B 325 10.99 -12.05 -21.33
CA VAL B 325 11.29 -13.46 -21.21
C VAL B 325 11.36 -14.06 -22.60
N ALA B 326 12.26 -15.03 -22.77
CA ALA B 326 12.47 -15.64 -24.07
C ALA B 326 11.24 -16.41 -24.53
N GLU B 327 11.08 -16.50 -25.86
CA GLU B 327 9.96 -17.23 -26.42
C GLU B 327 9.99 -18.72 -26.06
N GLN B 328 11.16 -19.24 -25.70
CA GLN B 328 11.27 -20.64 -25.30
C GLN B 328 10.57 -20.92 -23.97
N SER B 329 10.15 -19.88 -23.24
CA SER B 329 9.45 -20.09 -21.98
C SER B 329 8.10 -20.78 -22.15
N ARG B 330 7.57 -20.81 -23.37
CA ARG B 330 6.32 -21.52 -23.63
C ARG B 330 6.46 -23.03 -23.42
N GLU B 331 7.70 -23.53 -23.41
CA GLU B 331 7.94 -24.95 -23.16
C GLU B 331 7.61 -25.35 -21.72
N CYS B 332 7.53 -24.39 -20.80
CA CYS B 332 7.18 -24.70 -19.42
C CYS B 332 5.76 -25.27 -19.30
N ASN B 333 4.92 -25.05 -20.31
CA ASN B 333 3.53 -25.50 -20.28
C ASN B 333 3.30 -26.74 -21.16
N ILE B 334 4.37 -27.40 -21.58
CA ILE B 334 4.25 -28.57 -22.45
C ILE B 334 4.83 -29.80 -21.75
N ASN B 335 6.13 -29.76 -21.44
CA ASN B 335 6.80 -30.89 -20.80
C ASN B 335 8.01 -30.35 -20.06
N ILE B 336 7.91 -30.30 -18.72
CA ILE B 336 9.03 -29.83 -17.91
C ILE B 336 10.00 -30.96 -17.55
N SER B 337 9.56 -32.22 -17.61
CA SER B 337 10.43 -33.33 -17.26
C SER B 337 11.63 -33.40 -18.20
N THR B 338 11.40 -33.22 -19.50
CA THR B 338 12.45 -33.26 -20.51
C THR B 338 12.55 -31.93 -21.24
N THR B 339 12.33 -30.84 -20.52
CA THR B 339 12.38 -29.51 -21.14
C THR B 339 13.81 -29.14 -21.52
N ASN B 340 13.93 -28.31 -22.56
CA ASN B 340 15.20 -27.74 -22.94
C ASN B 340 15.41 -26.37 -22.30
N TYR B 341 14.41 -25.51 -22.36
CA TYR B 341 14.47 -24.24 -21.66
C TYR B 341 14.39 -24.48 -20.16
N PRO B 342 15.27 -23.88 -19.36
CA PRO B 342 15.22 -24.09 -17.91
C PRO B 342 13.98 -23.46 -17.29
N CYS B 343 13.17 -24.28 -16.62
CA CYS B 343 11.92 -23.84 -16.04
C CYS B 343 12.09 -23.69 -14.53
N LYS B 344 11.60 -22.57 -13.99
CA LYS B 344 11.82 -22.22 -12.60
C LYS B 344 10.81 -22.90 -11.69
N VAL B 345 11.31 -23.60 -10.66
CA VAL B 345 10.48 -24.23 -9.65
C VAL B 345 11.14 -24.09 -8.29
N SER B 346 10.35 -23.78 -7.27
CA SER B 346 10.80 -23.77 -5.88
C SER B 346 10.35 -25.08 -5.24
N THR B 347 11.29 -25.84 -4.73
CA THR B 347 11.00 -27.12 -4.12
C THR B 347 11.02 -27.02 -2.61
N GLY B 348 10.47 -28.04 -1.96
CA GLY B 348 10.46 -28.07 -0.52
C GLY B 348 9.84 -29.34 0.01
N ARG B 349 9.70 -29.38 1.33
CA ARG B 349 9.05 -30.49 2.02
C ARG B 349 8.10 -29.91 3.06
N HIS B 350 7.18 -30.77 3.53
CA HIS B 350 6.16 -30.38 4.49
C HIS B 350 5.33 -29.24 3.90
N PRO B 351 4.49 -29.53 2.91
CA PRO B 351 3.90 -28.46 2.09
C PRO B 351 2.83 -27.64 2.80
N ILE B 352 2.22 -26.75 2.04
CA ILE B 352 1.17 -25.85 2.53
C ILE B 352 -0.12 -26.16 1.78
N SER B 353 -1.20 -26.34 2.52
CA SER B 353 -2.52 -26.58 1.95
C SER B 353 -3.17 -25.24 1.62
N MET B 354 -3.52 -25.05 0.35
CA MET B 354 -4.10 -23.77 -0.05
C MET B 354 -4.90 -23.95 -1.33
N VAL B 355 -5.76 -22.97 -1.59
CA VAL B 355 -6.61 -22.92 -2.78
C VAL B 355 -6.19 -21.72 -3.60
N ALA B 356 -5.82 -21.96 -4.87
CA ALA B 356 -5.52 -20.88 -5.79
C ALA B 356 -6.71 -20.72 -6.73
N LEU B 357 -7.36 -19.56 -6.66
CA LEU B 357 -8.59 -19.29 -7.41
C LEU B 357 -8.21 -18.84 -8.82
N SER B 358 -8.29 -19.76 -9.78
CA SER B 358 -8.08 -19.41 -11.16
C SER B 358 -9.23 -18.54 -11.66
N PRO B 359 -9.01 -17.78 -12.75
CA PRO B 359 -10.10 -16.94 -13.26
C PRO B 359 -11.35 -17.72 -13.62
N LEU B 360 -11.21 -18.95 -14.13
CA LEU B 360 -12.39 -19.77 -14.45
C LEU B 360 -12.74 -20.71 -13.30
N GLY B 361 -11.82 -21.58 -12.94
CA GLY B 361 -12.07 -22.52 -11.85
C GLY B 361 -11.23 -22.24 -10.63
N ALA B 362 -10.70 -23.30 -10.01
CA ALA B 362 -9.82 -23.15 -8.86
C ALA B 362 -9.07 -24.46 -8.66
N LEU B 363 -7.79 -24.37 -8.31
CA LEU B 363 -6.99 -25.55 -8.03
C LEU B 363 -6.62 -25.59 -6.55
N VAL B 364 -6.95 -26.70 -5.91
CA VAL B 364 -6.77 -26.86 -4.47
C VAL B 364 -5.68 -27.88 -4.23
N ALA B 365 -4.77 -27.56 -3.32
CA ALA B 365 -3.66 -28.45 -2.97
C ALA B 365 -3.61 -28.56 -1.46
N CYS B 366 -4.20 -29.62 -0.91
CA CYS B 366 -4.22 -29.84 0.53
C CYS B 366 -3.62 -31.20 0.85
N TYR B 367 -2.72 -31.22 1.82
CA TYR B 367 -1.97 -32.41 2.20
C TYR B 367 -2.04 -32.58 3.72
N LYS B 368 -1.46 -33.67 4.20
CA LYS B 368 -1.46 -34.02 5.62
C LYS B 368 -2.91 -34.18 6.08
N GLY B 369 -3.19 -33.90 7.35
CA GLY B 369 -4.53 -34.04 7.88
C GLY B 369 -5.39 -32.81 7.71
N VAL B 370 -5.82 -32.53 6.49
CA VAL B 370 -6.67 -31.38 6.18
C VAL B 370 -7.91 -31.89 5.47
N SER B 371 -9.08 -31.54 6.01
CA SER B 371 -10.34 -31.94 5.40
C SER B 371 -10.61 -31.11 4.15
N CYS B 372 -10.95 -31.77 3.05
CA CYS B 372 -11.10 -31.10 1.77
C CYS B 372 -12.34 -31.62 1.07
N SER B 373 -13.16 -30.71 0.54
CA SER B 373 -14.40 -31.13 -0.10
C SER B 373 -14.85 -30.08 -1.10
N ILE B 374 -15.68 -30.51 -2.04
CA ILE B 374 -16.38 -29.64 -2.97
C ILE B 374 -17.87 -29.93 -2.88
N GLY B 375 -18.67 -28.89 -3.03
CA GLY B 375 -20.12 -29.04 -3.00
C GLY B 375 -20.80 -27.84 -3.61
N SER B 376 -21.97 -28.08 -4.19
CA SER B 376 -22.76 -27.02 -4.80
C SER B 376 -23.64 -26.34 -3.75
N ASN B 377 -24.45 -25.38 -4.20
CA ASN B 377 -25.33 -24.64 -3.32
C ASN B 377 -26.70 -25.29 -3.16
N ARG B 378 -27.01 -26.33 -3.94
CA ARG B 378 -28.32 -26.98 -3.88
C ARG B 378 -28.25 -28.47 -3.63
N VAL B 379 -27.07 -29.09 -3.73
CA VAL B 379 -26.93 -30.52 -3.52
C VAL B 379 -26.22 -30.84 -2.20
N GLY B 380 -25.48 -29.90 -1.63
CA GLY B 380 -24.68 -30.17 -0.46
C GLY B 380 -23.25 -30.54 -0.83
N ILE B 381 -22.58 -31.21 0.09
CA ILE B 381 -21.20 -31.65 -0.14
C ILE B 381 -21.22 -32.66 -1.28
N ILE B 382 -20.64 -32.27 -2.43
CA ILE B 382 -20.66 -33.15 -3.60
C ILE B 382 -19.70 -34.30 -3.41
N LYS B 383 -18.46 -34.01 -3.00
CA LYS B 383 -17.47 -35.06 -2.84
C LYS B 383 -16.30 -34.55 -2.03
N GLN B 384 -15.42 -35.49 -1.65
CA GLN B 384 -14.19 -35.20 -0.93
C GLN B 384 -13.01 -35.23 -1.90
N LEU B 385 -11.94 -34.52 -1.52
CA LEU B 385 -10.78 -34.45 -2.39
C LEU B 385 -9.76 -35.53 -2.02
N PRO B 386 -9.35 -36.37 -2.95
CA PRO B 386 -8.22 -37.26 -2.68
C PRO B 386 -6.95 -36.46 -2.48
N LYS B 387 -6.05 -37.02 -1.67
CA LYS B 387 -4.80 -36.34 -1.35
C LYS B 387 -4.01 -36.05 -2.62
N GLY B 388 -3.53 -34.81 -2.74
CA GLY B 388 -2.94 -34.33 -3.97
C GLY B 388 -3.72 -33.17 -4.54
N CYS B 389 -3.08 -32.36 -5.37
CA CYS B 389 -3.73 -31.17 -5.91
C CYS B 389 -4.72 -31.55 -7.00
N SER B 390 -5.85 -30.84 -7.04
CA SER B 390 -6.93 -31.13 -7.95
C SER B 390 -7.50 -29.83 -8.52
N TYR B 391 -8.01 -29.92 -9.75
CA TYR B 391 -8.62 -28.80 -10.44
C TYR B 391 -10.14 -28.94 -10.40
N ILE B 392 -10.82 -27.84 -10.08
CA ILE B 392 -12.26 -27.81 -9.92
C ILE B 392 -12.81 -26.70 -10.81
N THR B 393 -13.63 -27.07 -11.78
CA THR B 393 -14.27 -26.07 -12.64
C THR B 393 -15.43 -25.41 -11.88
N ASN B 394 -15.92 -24.31 -12.44
CA ASN B 394 -17.05 -23.61 -11.84
C ASN B 394 -18.39 -24.17 -12.26
N GLN B 395 -18.40 -25.19 -13.12
CA GLN B 395 -19.64 -25.83 -13.56
C GLN B 395 -20.02 -27.05 -12.73
N ASP B 396 -19.05 -27.86 -12.32
CA ASP B 396 -19.33 -29.05 -11.54
C ASP B 396 -19.34 -28.80 -10.03
N ALA B 397 -18.97 -27.59 -9.59
CA ALA B 397 -18.98 -27.27 -8.18
C ALA B 397 -19.17 -25.77 -8.01
N ASP B 398 -19.75 -25.39 -6.88
CA ASP B 398 -19.99 -23.99 -6.56
C ASP B 398 -19.29 -23.52 -5.30
N THR B 399 -18.77 -24.43 -4.48
CA THR B 399 -18.16 -24.06 -3.21
C THR B 399 -17.09 -25.09 -2.85
N VAL B 400 -15.96 -24.62 -2.35
CA VAL B 400 -14.84 -25.48 -1.96
C VAL B 400 -14.56 -25.26 -0.48
N THR B 401 -14.54 -26.35 0.28
CA THR B 401 -14.33 -26.28 1.72
C THR B 401 -12.97 -26.90 2.04
N ILE B 402 -12.13 -26.14 2.72
CA ILE B 402 -10.84 -26.60 3.20
C ILE B 402 -10.88 -26.52 4.72
N ASP B 403 -10.96 -27.67 5.38
CA ASP B 403 -11.16 -27.73 6.83
C ASP B 403 -12.42 -26.96 7.22
N ASN B 404 -12.26 -25.70 7.61
CA ASN B 404 -13.39 -24.84 7.92
C ASN B 404 -13.53 -23.67 6.97
N THR B 405 -12.46 -23.24 6.31
CA THR B 405 -12.53 -22.14 5.38
C THR B 405 -13.37 -22.52 4.16
N VAL B 406 -14.20 -21.59 3.70
CA VAL B 406 -15.10 -21.81 2.58
C VAL B 406 -14.77 -20.79 1.49
N TYR B 407 -14.54 -21.28 0.27
CA TYR B 407 -14.28 -20.44 -0.89
C TYR B 407 -15.42 -20.58 -1.89
N GLN B 408 -15.85 -19.45 -2.45
CA GLN B 408 -16.89 -19.42 -3.46
C GLN B 408 -16.23 -19.26 -4.83
N LEU B 409 -16.54 -20.17 -5.74
CA LEU B 409 -15.92 -20.14 -7.06
C LEU B 409 -16.58 -19.08 -7.94
N SER B 410 -15.92 -18.77 -9.04
CA SER B 410 -16.43 -17.75 -9.96
C SER B 410 -17.67 -18.25 -10.69
N LYS B 411 -18.37 -17.32 -11.33
CA LYS B 411 -19.56 -17.62 -12.11
C LYS B 411 -19.38 -17.34 -13.59
N VAL B 412 -18.14 -17.22 -14.05
CA VAL B 412 -17.86 -16.97 -15.46
C VAL B 412 -17.82 -18.30 -16.20
N GLU B 413 -18.10 -18.24 -17.49
CA GLU B 413 -18.12 -19.42 -18.35
C GLU B 413 -16.93 -19.39 -19.31
N GLY B 414 -16.41 -20.56 -19.61
CA GLY B 414 -15.27 -20.67 -20.51
C GLY B 414 -15.03 -22.12 -20.87
N GLU B 415 -13.95 -22.33 -21.63
CA GLU B 415 -13.56 -23.65 -22.09
C GLU B 415 -12.47 -24.20 -21.16
N GLN B 416 -12.82 -25.21 -20.37
CA GLN B 416 -11.89 -25.84 -19.45
C GLN B 416 -11.32 -27.11 -20.09
N HIS B 417 -10.00 -27.23 -20.07
CA HIS B 417 -9.30 -28.40 -20.57
C HIS B 417 -8.37 -28.92 -19.48
N VAL B 418 -8.04 -30.21 -19.56
CA VAL B 418 -7.12 -30.84 -18.63
C VAL B 418 -6.05 -31.55 -19.45
N ILE B 419 -4.79 -31.12 -19.29
CA ILE B 419 -3.67 -31.75 -19.99
C ILE B 419 -3.26 -32.97 -19.17
N LYS B 420 -3.81 -34.13 -19.53
CA LYS B 420 -3.58 -35.35 -18.75
C LYS B 420 -2.12 -35.75 -18.81
N GLY B 421 -1.63 -36.29 -17.71
CA GLY B 421 -0.25 -36.72 -17.63
C GLY B 421 0.09 -37.18 -16.22
N ARG B 422 1.40 -37.38 -16.01
CA ARG B 422 1.89 -37.80 -14.70
C ARG B 422 2.57 -36.64 -14.00
N PRO B 423 2.30 -36.43 -12.71
CA PRO B 423 2.97 -35.33 -12.00
C PRO B 423 4.48 -35.52 -12.00
N VAL B 424 5.20 -34.39 -12.15
CA VAL B 424 6.65 -34.45 -12.22
C VAL B 424 7.24 -34.84 -10.88
N SER B 425 6.76 -34.20 -9.79
CA SER B 425 7.31 -34.46 -8.47
C SER B 425 7.08 -35.90 -8.03
N SER B 426 6.18 -36.62 -8.68
CA SER B 426 5.97 -38.03 -8.38
C SER B 426 7.15 -38.90 -8.77
N SER B 427 8.11 -38.37 -9.55
CA SER B 427 9.24 -39.17 -10.02
C SER B 427 10.58 -38.59 -9.57
N PHE B 428 10.61 -37.81 -8.49
CA PHE B 428 11.87 -37.21 -8.04
C PHE B 428 12.24 -37.63 -6.62
N ASP B 429 12.11 -38.92 -6.30
CA ASP B 429 12.60 -39.50 -5.06
C ASP B 429 12.10 -38.74 -3.84
N PRO B 430 10.83 -38.92 -3.45
CA PRO B 430 10.28 -38.12 -2.34
C PRO B 430 10.96 -38.36 -1.00
N ILE B 431 11.79 -39.41 -0.87
CA ILE B 431 12.46 -39.66 0.41
C ILE B 431 13.41 -38.53 0.76
N LYS B 432 14.29 -38.16 -0.18
CA LYS B 432 15.24 -37.08 0.03
C LYS B 432 15.42 -36.35 -1.29
N PHE B 433 15.53 -35.03 -1.23
CA PHE B 433 15.59 -34.24 -2.45
C PHE B 433 16.61 -33.14 -2.21
N PRO B 434 17.28 -32.66 -3.27
CA PRO B 434 18.35 -31.66 -3.07
C PRO B 434 17.91 -30.37 -2.39
N GLU B 435 16.64 -29.98 -2.50
CA GLU B 435 16.10 -28.82 -1.77
C GLU B 435 16.75 -27.51 -2.18
N CYS B 436 16.56 -27.13 -3.44
CA CYS B 436 16.92 -25.80 -3.92
C CYS B 436 15.65 -24.95 -3.97
N GLN B 437 15.63 -23.85 -3.22
CA GLN B 437 14.40 -23.13 -2.95
C GLN B 437 14.23 -21.89 -3.82
N PHE B 438 15.15 -20.93 -3.77
CA PHE B 438 14.93 -19.62 -4.36
C PHE B 438 15.52 -19.58 -5.76
N ASN B 439 14.66 -19.45 -6.77
CA ASN B 439 15.05 -19.28 -8.17
C ASN B 439 16.00 -20.38 -8.62
N CYS B 440 15.49 -21.61 -8.60
CA CYS B 440 16.23 -22.77 -9.07
C CYS B 440 15.48 -23.39 -10.24
N ALA B 441 16.19 -23.65 -11.33
CA ALA B 441 15.57 -24.25 -12.50
C ALA B 441 15.27 -25.73 -12.24
N LEU B 442 14.73 -26.39 -13.26
CA LEU B 442 14.43 -27.82 -13.17
C LEU B 442 15.23 -28.67 -14.14
N ASP B 443 15.63 -28.12 -15.28
CA ASP B 443 16.37 -28.89 -16.27
C ASP B 443 17.76 -29.26 -15.77
N GLN B 444 18.39 -28.38 -14.99
CA GLN B 444 19.76 -28.60 -14.54
C GLN B 444 19.93 -28.64 -13.03
N VAL B 445 19.13 -27.90 -12.26
CA VAL B 445 19.28 -27.91 -10.81
C VAL B 445 18.82 -29.24 -10.24
N PHE B 446 17.75 -29.82 -10.78
CA PHE B 446 17.15 -31.03 -10.25
C PHE B 446 17.26 -32.20 -11.23
N GLU B 447 18.44 -32.36 -11.83
CA GLU B 447 18.69 -33.43 -12.77
C GLU B 447 18.63 -34.79 -12.08
N LEU C 19 25.47 16.46 -6.57
CA LEU C 19 25.50 15.00 -6.62
C LEU C 19 26.73 14.52 -7.37
N LYS C 20 27.07 13.25 -7.19
CA LYS C 20 28.22 12.66 -7.88
C LYS C 20 27.99 11.16 -7.96
N GLU C 21 27.91 10.62 -9.16
CA GLU C 21 27.60 9.21 -9.37
C GLU C 21 28.81 8.49 -9.96
N SER C 22 29.21 7.40 -9.30
CA SER C 22 30.30 6.55 -9.76
C SER C 22 29.76 5.18 -10.14
N TYR C 23 30.10 4.74 -11.35
CA TYR C 23 29.71 3.43 -11.85
C TYR C 23 30.87 2.46 -11.58
N LEU C 24 30.70 1.60 -10.59
CA LEU C 24 31.67 0.56 -10.28
C LEU C 24 31.45 -0.60 -11.23
N GLU C 25 32.41 -0.83 -12.13
CA GLU C 25 32.32 -1.90 -13.10
C GLU C 25 32.72 -3.26 -12.53
N GLU C 26 33.37 -3.28 -11.36
CA GLU C 26 33.73 -4.56 -10.74
C GLU C 26 32.49 -5.37 -10.41
N SER C 27 31.47 -4.72 -9.85
CA SER C 27 30.20 -5.38 -9.54
C SER C 27 29.05 -4.83 -10.37
N CYS C 28 29.31 -3.90 -11.29
CA CYS C 28 28.29 -3.30 -12.14
C CYS C 28 27.18 -2.66 -11.29
N SER C 29 27.57 -1.66 -10.52
CA SER C 29 26.63 -0.99 -9.63
C SER C 29 26.98 0.50 -9.55
N THR C 30 25.95 1.34 -9.46
CA THR C 30 26.13 2.78 -9.39
C THR C 30 25.93 3.26 -7.96
N ILE C 31 26.92 4.00 -7.45
CA ILE C 31 26.84 4.63 -6.15
C ILE C 31 26.74 6.14 -6.36
N THR C 32 25.69 6.75 -5.82
CA THR C 32 25.46 8.18 -5.97
C THR C 32 25.61 8.83 -4.61
N GLU C 33 26.63 9.67 -4.47
CA GLU C 33 26.92 10.43 -3.28
C GLU C 33 26.55 11.90 -3.50
N GLY C 34 26.72 12.70 -2.46
CA GLY C 34 26.39 14.10 -2.50
C GLY C 34 25.09 14.47 -1.84
N TYR C 35 24.33 13.51 -1.35
CA TYR C 35 23.10 13.79 -0.63
C TYR C 35 23.41 14.24 0.80
N LEU C 36 22.39 14.76 1.47
CA LEU C 36 22.52 15.22 2.85
C LEU C 36 21.37 14.63 3.67
N SER C 37 21.70 14.04 4.81
CA SER C 37 20.72 13.34 5.62
C SER C 37 19.82 14.31 6.35
N VAL C 38 18.56 13.90 6.52
CA VAL C 38 17.65 14.47 7.50
C VAL C 38 17.00 13.27 8.17
N LEU C 39 17.54 12.86 9.32
CA LEU C 39 17.11 11.64 9.99
C LEU C 39 16.19 12.02 11.15
N ARG C 40 14.98 11.49 11.13
CA ARG C 40 14.04 11.69 12.23
C ARG C 40 14.49 10.86 13.43
N THR C 41 14.84 11.52 14.52
CA THR C 41 15.32 10.84 15.71
C THR C 41 14.30 10.82 16.84
N GLY C 42 13.39 11.80 16.91
CA GLY C 42 12.45 11.86 18.02
C GLY C 42 11.07 12.28 17.56
N TRP C 43 10.16 12.34 18.53
CA TRP C 43 8.80 12.77 18.30
C TRP C 43 8.47 13.94 19.23
N TYR C 44 7.59 14.83 18.74
CA TYR C 44 7.10 15.95 19.52
C TYR C 44 5.58 15.90 19.49
N THR C 45 4.95 15.94 20.67
CA THR C 45 3.54 15.68 20.81
C THR C 45 2.75 16.98 20.88
N ASN C 46 1.81 17.15 19.96
CA ASN C 46 0.89 18.29 19.94
C ASN C 46 -0.52 17.73 20.13
N VAL C 47 -1.06 17.88 21.34
CA VAL C 47 -2.35 17.32 21.70
C VAL C 47 -3.43 18.34 21.36
N PHE C 48 -4.21 18.06 20.31
CA PHE C 48 -5.34 18.90 19.95
C PHE C 48 -6.59 18.42 20.64
N THR C 49 -7.38 19.39 21.13
CA THR C 49 -8.66 19.10 21.80
C THR C 49 -9.76 19.80 21.01
N LEU C 50 -10.26 19.14 19.97
CA LEU C 50 -11.32 19.70 19.15
C LEU C 50 -12.62 19.63 19.92
N GLU C 51 -13.10 20.77 20.41
CA GLU C 51 -14.33 20.83 21.18
C GLU C 51 -15.50 21.00 20.23
N VAL C 52 -16.50 20.13 20.35
CA VAL C 52 -17.66 20.12 19.47
C VAL C 52 -18.83 20.87 20.08
N GLY C 53 -19.16 20.59 21.33
CA GLY C 53 -20.24 21.24 22.02
C GLY C 53 -21.33 20.26 22.40
N ASP C 54 -22.47 20.80 22.81
CA ASP C 54 -23.61 19.99 23.25
C ASP C 54 -24.53 19.68 22.07
N VAL C 55 -23.94 19.07 21.04
CA VAL C 55 -24.73 18.68 19.88
C VAL C 55 -25.68 17.54 20.23
N GLU C 56 -25.27 16.65 21.14
CA GLU C 56 -26.11 15.51 21.50
C GLU C 56 -27.41 15.95 22.12
N ASN C 57 -27.37 16.98 22.98
CA ASN C 57 -28.57 17.45 23.65
C ASN C 57 -29.58 18.02 22.66
N LEU C 58 -29.09 18.74 21.65
CA LEU C 58 -29.97 19.35 20.65
C LEU C 58 -30.69 18.26 19.85
N THR C 59 -31.94 18.52 19.52
CA THR C 59 -32.75 17.59 18.75
C THR C 59 -33.59 18.37 17.74
N CYS C 60 -33.89 17.71 16.62
CA CYS C 60 -34.74 18.27 15.58
C CYS C 60 -35.85 17.26 15.28
N THR C 61 -37.09 17.75 15.25
CA THR C 61 -38.24 16.90 14.97
C THR C 61 -38.93 17.23 13.66
N ASP C 62 -38.64 18.36 13.05
CA ASP C 62 -39.28 18.76 11.80
C ASP C 62 -38.61 18.06 10.63
N GLY C 63 -38.91 18.49 9.41
CA GLY C 63 -38.31 17.93 8.22
C GLY C 63 -36.91 18.48 7.99
N PRO C 64 -36.30 18.09 6.88
CA PRO C 64 -34.95 18.60 6.56
C PRO C 64 -34.97 20.11 6.37
N SER C 65 -34.28 20.81 7.28
CA SER C 65 -34.25 22.27 7.29
C SER C 65 -32.82 22.79 7.13
N LEU C 66 -31.97 22.02 6.44
CA LEU C 66 -30.57 22.35 6.19
C LEU C 66 -29.75 22.31 7.47
N ILE C 67 -30.41 22.05 8.62
CA ILE C 67 -29.74 21.94 9.90
C ILE C 67 -29.94 20.57 10.52
N LYS C 68 -31.15 20.01 10.41
CA LYS C 68 -31.40 18.68 10.94
C LYS C 68 -30.52 17.63 10.27
N THR C 69 -30.34 17.74 8.95
CA THR C 69 -29.45 16.82 8.25
C THR C 69 -28.02 16.95 8.75
N GLU C 70 -27.54 18.19 8.90
CA GLU C 70 -26.16 18.38 9.33
C GLU C 70 -25.99 18.06 10.80
N LEU C 71 -27.00 18.35 11.62
CA LEU C 71 -26.95 17.94 13.03
C LEU C 71 -26.90 16.43 13.14
N ASP C 72 -27.69 15.73 12.33
CA ASP C 72 -27.66 14.27 12.33
C ASP C 72 -26.30 13.75 11.88
N LEU C 73 -25.71 14.38 10.87
CA LEU C 73 -24.38 13.98 10.41
C LEU C 73 -23.34 14.19 11.51
N THR C 74 -23.41 15.32 12.21
CA THR C 74 -22.47 15.58 13.31
C THR C 74 -22.65 14.56 14.42
N LYS C 75 -23.90 14.24 14.77
CA LYS C 75 -24.15 13.24 15.80
C LYS C 75 -23.62 11.87 15.38
N SER C 76 -23.82 11.50 14.12
CA SER C 76 -23.32 10.23 13.62
C SER C 76 -21.79 10.19 13.68
N ALA C 77 -21.14 11.29 13.30
CA ALA C 77 -19.68 11.34 13.37
C ALA C 77 -19.19 11.21 14.81
N LEU C 78 -19.84 11.92 15.75
CA LEU C 78 -19.43 11.85 17.13
C LEU C 78 -19.63 10.45 17.71
N ARG C 79 -20.74 9.80 17.34
CA ARG C 79 -21.00 8.45 17.82
C ARG C 79 -20.01 7.45 17.20
N GLU C 80 -19.64 7.66 15.94
CA GLU C 80 -18.68 6.78 15.29
C GLU C 80 -17.29 6.92 15.90
N LEU C 81 -16.93 8.12 16.31
CA LEU C 81 -15.60 8.34 16.88
C LEU C 81 -15.37 7.56 18.17
N LYS C 82 -16.44 7.13 18.85
CA LYS C 82 -16.27 6.41 20.11
C LYS C 82 -15.56 5.08 19.90
N THR C 83 -15.89 4.38 18.82
CA THR C 83 -15.38 3.03 18.59
C THR C 83 -14.07 3.00 17.82
N CYS C 84 -13.60 4.13 17.31
CA CYS C 84 -12.33 4.19 16.58
C CYS C 84 -11.18 4.66 17.47
N SER C 85 -11.24 4.37 18.77
CA SER C 85 -10.12 4.70 19.65
C SER C 85 -8.90 3.89 19.27
N ALA C 86 -7.76 4.55 19.19
CA ALA C 86 -6.51 3.92 18.76
C ALA C 86 -5.98 3.06 19.89
N ASP C 87 -6.44 1.81 19.95
CA ASP C 87 -6.00 0.89 20.98
C ASP C 87 -4.57 0.43 20.72
N GLN C 88 -3.96 -0.14 21.74
CA GLN C 88 -2.57 -0.58 21.65
C GLN C 88 -2.41 -1.61 20.54
N GLY C 89 -1.37 -1.43 19.72
CA GLY C 89 -1.12 -2.32 18.61
C GLY C 89 -0.49 -3.62 19.04
N SER C 90 -0.21 -4.46 18.04
CA SER C 90 0.38 -5.77 18.26
C SER C 90 1.90 -5.76 18.27
N GLY C 91 2.51 -4.59 18.05
CA GLY C 91 3.96 -4.50 18.01
C GLY C 91 4.54 -4.88 16.67
N GLY C 92 5.86 -4.88 16.60
CA GLY C 92 6.55 -5.22 15.38
C GLY C 92 8.00 -4.77 15.44
N SER C 93 8.63 -4.73 14.27
CA SER C 93 10.03 -4.33 14.15
C SER C 93 10.26 -3.20 13.16
N GLY C 94 9.29 -2.85 12.33
CA GLY C 94 9.47 -1.80 11.35
C GLY C 94 9.39 -0.41 11.96
N ALA C 95 9.61 0.59 11.11
CA ALA C 95 9.55 1.98 11.56
C ALA C 95 8.14 2.35 12.00
N THR C 96 7.13 1.92 11.25
CA THR C 96 5.76 2.28 11.59
C THR C 96 5.34 1.64 12.91
N ALA C 97 5.75 0.40 13.18
CA ALA C 97 5.39 -0.26 14.43
C ALA C 97 6.04 0.46 15.62
N ALA C 98 7.32 0.80 15.50
CA ALA C 98 8.00 1.50 16.59
C ALA C 98 7.38 2.88 16.81
N ALA C 99 7.07 3.60 15.73
CA ALA C 99 6.44 4.90 15.87
C ALA C 99 5.08 4.80 16.53
N VAL C 100 4.28 3.80 16.14
CA VAL C 100 2.96 3.61 16.75
C VAL C 100 3.09 3.29 18.23
N THR C 101 4.03 2.41 18.58
CA THR C 101 4.23 2.07 19.99
C THR C 101 4.66 3.29 20.79
N ALA C 102 5.59 4.09 20.24
CA ALA C 102 6.04 5.28 20.94
C ALA C 102 4.88 6.27 21.12
N GLY C 103 4.04 6.44 20.10
CA GLY C 103 2.91 7.34 20.24
C GLY C 103 1.90 6.85 21.27
N ILE C 104 1.61 5.55 21.25
CA ILE C 104 0.64 4.99 22.20
C ILE C 104 1.19 5.06 23.63
N ALA C 105 2.51 5.07 23.78
CA ALA C 105 3.10 5.22 25.11
C ALA C 105 2.64 6.53 25.78
N ILE C 106 2.63 7.63 25.01
CA ILE C 106 2.11 8.88 25.54
C ILE C 106 0.59 8.92 25.49
N ALA C 107 -0.02 8.21 24.53
CA ALA C 107 -1.48 8.19 24.43
C ALA C 107 -2.12 7.60 25.69
N LYS C 108 -1.53 6.53 26.21
CA LYS C 108 -2.09 5.90 27.41
C LYS C 108 -1.92 6.80 28.63
N THR C 109 -0.82 7.54 28.71
CA THR C 109 -0.65 8.52 29.78
C THR C 109 -1.68 9.62 29.68
N ILE C 110 -1.96 10.09 28.46
CA ILE C 110 -2.97 11.13 28.26
C ILE C 110 -4.36 10.61 28.61
N ARG C 111 -4.63 9.32 28.33
CA ARG C 111 -5.95 8.76 28.56
C ARG C 111 -6.38 8.83 30.03
N LEU C 112 -5.43 8.98 30.95
CA LEU C 112 -5.78 9.10 32.36
C LEU C 112 -6.61 10.37 32.59
N GLU C 113 -7.54 10.27 33.54
CA GLU C 113 -8.49 11.36 33.75
C GLU C 113 -7.80 12.62 34.26
N SER C 114 -6.78 12.47 35.11
CA SER C 114 -6.10 13.64 35.66
C SER C 114 -5.43 14.44 34.56
N GLU C 115 -4.73 13.76 33.64
CA GLU C 115 -4.00 14.47 32.60
C GLU C 115 -4.93 15.22 31.66
N VAL C 116 -6.00 14.55 31.21
CA VAL C 116 -6.94 15.20 30.30
C VAL C 116 -7.67 16.33 30.99
N ASN C 117 -8.02 16.15 32.26
CA ASN C 117 -8.68 17.21 33.01
C ASN C 117 -7.77 18.43 33.14
N ALA C 118 -6.49 18.21 33.46
CA ALA C 118 -5.55 19.33 33.57
C ALA C 118 -5.36 20.02 32.23
N ILE C 119 -5.26 19.25 31.15
CA ILE C 119 -5.06 19.84 29.83
C ILE C 119 -6.27 20.71 29.46
N LYS C 120 -7.48 20.18 29.66
CA LYS C 120 -8.68 20.95 29.34
C LYS C 120 -8.81 22.17 30.24
N GLY C 121 -8.42 22.05 31.51
CA GLY C 121 -8.47 23.20 32.40
C GLY C 121 -7.53 24.30 31.98
N CYS C 122 -6.30 23.95 31.57
CA CYS C 122 -5.36 24.98 31.14
C CYS C 122 -5.75 25.55 29.79
N LEU C 123 -6.40 24.75 28.94
CA LEU C 123 -6.82 25.23 27.63
C LEU C 123 -8.18 25.93 27.67
N LYS C 124 -8.86 25.93 28.80
CA LYS C 124 -10.14 26.63 28.89
C LYS C 124 -9.98 28.13 28.72
N THR C 125 -8.91 28.70 29.29
CA THR C 125 -8.70 30.14 29.23
C THR C 125 -7.83 30.56 28.05
N THR C 126 -6.80 29.79 27.74
CA THR C 126 -5.86 30.12 26.68
C THR C 126 -5.91 29.08 25.57
N ASN C 127 -5.46 29.48 24.39
CA ASN C 127 -5.49 28.63 23.21
C ASN C 127 -4.25 27.73 23.08
N GLU C 128 -3.28 27.88 23.98
CA GLU C 128 -2.07 27.07 23.90
C GLU C 128 -1.56 26.78 25.31
N CYS C 129 -1.01 25.58 25.49
CA CYS C 129 -0.41 25.17 26.76
C CYS C 129 0.89 24.43 26.46
N VAL C 130 1.83 24.52 27.39
CA VAL C 130 3.06 23.73 27.35
C VAL C 130 3.06 22.91 28.63
N SER C 131 2.55 21.68 28.55
CA SER C 131 2.26 20.89 29.74
C SER C 131 3.21 19.71 29.86
N THR C 132 3.67 19.45 31.08
CA THR C 132 4.53 18.31 31.38
C THR C 132 3.67 17.21 32.00
N LEU C 133 3.68 16.04 31.37
CA LEU C 133 2.89 14.92 31.84
C LEU C 133 3.58 14.26 33.03
N GLY C 134 2.86 13.32 33.67
CA GLY C 134 3.46 12.53 34.73
C GLY C 134 4.56 11.62 34.25
N ASN C 135 4.56 11.26 32.96
CA ASN C 135 5.64 10.47 32.38
C ASN C 135 6.94 11.27 32.33
N GLY C 136 6.87 12.59 32.38
CA GLY C 136 8.02 13.45 32.29
C GLY C 136 8.21 14.12 30.95
N VAL C 137 7.50 13.67 29.92
CA VAL C 137 7.60 14.28 28.59
C VAL C 137 6.82 15.58 28.58
N ARG C 138 7.24 16.50 27.72
CA ARG C 138 6.60 17.80 27.56
C ARG C 138 5.84 17.82 26.25
N VAL C 139 4.57 18.24 26.29
CA VAL C 139 3.71 18.27 25.12
C VAL C 139 3.12 19.66 24.98
N LEU C 140 2.67 19.97 23.76
CA LEU C 140 2.03 21.24 23.45
C LEU C 140 0.54 20.99 23.26
N ALA C 141 -0.28 21.59 24.12
CA ALA C 141 -1.73 21.40 24.07
C ALA C 141 -2.35 22.54 23.27
N THR C 142 -3.10 22.19 22.22
CA THR C 142 -3.75 23.16 21.34
C THR C 142 -5.25 22.92 21.38
N ALA C 143 -6.00 24.02 21.51
CA ALA C 143 -7.45 23.99 21.47
C ALA C 143 -7.93 24.64 20.18
N VAL C 144 -8.80 23.94 19.45
CA VAL C 144 -9.32 24.44 18.18
C VAL C 144 -10.83 24.63 18.34
N ARG C 145 -11.25 25.03 19.54
CA ARG C 145 -12.66 25.12 19.88
C ARG C 145 -13.33 26.30 19.16
N GLU C 146 -13.55 26.17 17.85
CA GLU C 146 -14.31 27.13 17.08
C GLU C 146 -15.73 26.67 16.79
N LEU C 147 -15.91 25.38 16.50
CA LEU C 147 -17.25 24.84 16.34
C LEU C 147 -18.01 24.88 17.66
N LYS C 148 -17.32 24.63 18.78
CA LYS C 148 -17.98 24.57 20.07
C LYS C 148 -18.60 25.92 20.44
N GLU C 149 -17.88 27.01 20.18
CA GLU C 149 -18.39 28.33 20.54
C GLU C 149 -19.69 28.64 19.78
N PHE C 150 -19.66 28.41 18.46
CA PHE C 150 -20.83 28.65 17.63
C PHE C 150 -22.00 27.79 18.09
N VAL C 151 -21.74 26.50 18.30
CA VAL C 151 -22.79 25.58 18.74
C VAL C 151 -23.36 26.01 20.08
N SER C 152 -22.49 26.43 21.00
CA SER C 152 -22.95 26.74 22.35
C SER C 152 -23.79 28.01 22.38
N LYS C 153 -23.36 29.07 21.70
CA LYS C 153 -24.06 30.34 21.85
C LYS C 153 -25.03 30.64 20.71
N ASN C 154 -24.58 30.57 19.45
CA ASN C 154 -25.38 31.14 18.39
C ASN C 154 -25.88 30.11 17.40
N LEU C 155 -25.49 28.84 17.58
CA LEU C 155 -26.31 27.77 17.03
C LEU C 155 -27.54 27.51 17.89
N THR C 156 -27.38 27.47 19.21
CA THR C 156 -28.48 27.11 20.11
C THR C 156 -29.44 28.25 20.38
N SER C 157 -29.08 29.47 20.00
CA SER C 157 -29.92 30.63 20.29
C SER C 157 -31.26 30.55 19.54
N ALA C 158 -31.23 30.07 18.30
CA ALA C 158 -32.44 29.95 17.48
C ALA C 158 -33.12 28.60 17.60
N ILE C 159 -32.57 27.68 18.39
CA ILE C 159 -33.14 26.34 18.50
C ILE C 159 -33.57 26.12 19.95
N ASN C 160 -34.02 27.18 20.61
CA ASN C 160 -34.55 27.05 21.96
C ASN C 160 -35.68 26.03 22.02
N LYS C 161 -36.57 26.07 21.04
CA LYS C 161 -37.61 25.05 20.92
C LYS C 161 -37.11 23.90 20.04
N ASN C 162 -38.02 23.00 19.70
CA ASN C 162 -37.67 21.86 18.85
C ASN C 162 -37.80 22.16 17.36
N LYS C 163 -38.11 23.40 16.99
CA LYS C 163 -38.27 23.79 15.59
C LYS C 163 -36.92 24.23 15.04
N CYS C 164 -36.40 23.48 14.08
CA CYS C 164 -35.11 23.76 13.47
C CYS C 164 -35.23 24.44 12.12
N ASP C 165 -36.43 24.88 11.74
CA ASP C 165 -36.67 25.49 10.43
C ASP C 165 -36.56 27.02 10.51
N ILE C 166 -35.37 27.47 10.87
CA ILE C 166 -35.12 28.93 10.93
C ILE C 166 -34.99 29.47 9.51
N PRO C 167 -35.68 30.56 9.17
CA PRO C 167 -35.69 31.03 7.78
C PRO C 167 -34.54 31.96 7.38
N ASP C 168 -33.59 32.26 8.27
CA ASP C 168 -32.52 33.18 7.88
C ASP C 168 -31.51 32.53 6.94
N LEU C 169 -31.30 31.21 7.08
CA LEU C 169 -30.54 30.40 6.12
C LEU C 169 -29.03 30.68 6.23
N LYS C 170 -28.65 31.70 6.99
CA LYS C 170 -27.22 32.01 7.12
C LYS C 170 -26.54 31.03 8.06
N MET C 171 -27.23 30.63 9.14
CA MET C 171 -26.63 29.69 10.08
C MET C 171 -26.42 28.32 9.45
N ALA C 172 -27.25 27.93 8.47
CA ALA C 172 -27.07 26.64 7.83
C ALA C 172 -25.73 26.56 7.12
N VAL C 173 -25.44 27.56 6.27
CA VAL C 173 -24.16 27.56 5.56
C VAL C 173 -23.01 27.83 6.52
N SER C 174 -23.24 28.62 7.57
CA SER C 174 -22.20 28.83 8.56
C SER C 174 -21.82 27.52 9.26
N PHE C 175 -22.83 26.73 9.62
CA PHE C 175 -22.58 25.44 10.26
C PHE C 175 -21.89 24.50 9.28
N SER C 176 -22.28 24.56 8.00
CA SER C 176 -21.60 23.76 6.99
C SER C 176 -20.12 24.12 6.90
N GLN C 177 -19.80 25.41 6.99
CA GLN C 177 -18.40 25.84 6.95
C GLN C 177 -17.66 25.43 8.22
N PHE C 178 -18.32 25.51 9.38
CA PHE C 178 -17.61 25.33 10.64
C PHE C 178 -17.29 23.87 10.92
N ASN C 179 -18.20 22.95 10.60
CA ASN C 179 -18.01 21.55 10.96
C ASN C 179 -17.27 20.74 9.90
N ARG C 180 -16.79 21.38 8.83
CA ARG C 180 -16.07 20.66 7.80
C ARG C 180 -14.80 20.02 8.35
N ARG C 181 -14.06 20.76 9.18
CA ARG C 181 -12.84 20.21 9.77
C ARG C 181 -13.14 19.03 10.67
N PHE C 182 -14.19 19.13 11.48
CA PHE C 182 -14.57 18.03 12.36
C PHE C 182 -14.96 16.79 11.58
N LEU C 183 -15.75 16.97 10.52
CA LEU C 183 -16.15 15.83 9.70
C LEU C 183 -14.95 15.20 9.01
N ASN C 184 -14.02 16.02 8.51
CA ASN C 184 -12.82 15.46 7.88
C ASN C 184 -11.98 14.69 8.88
N VAL C 185 -11.85 15.21 10.11
CA VAL C 185 -11.11 14.50 11.15
C VAL C 185 -11.77 13.17 11.46
N VAL C 186 -13.09 13.16 11.58
CA VAL C 186 -13.83 11.92 11.85
C VAL C 186 -13.59 10.92 10.73
N ARG C 187 -13.68 11.38 9.48
CA ARG C 187 -13.49 10.49 8.34
C ARG C 187 -12.10 9.88 8.34
N GLN C 188 -11.08 10.71 8.57
CA GLN C 188 -9.71 10.21 8.57
C GLN C 188 -9.49 9.19 9.69
N PHE C 189 -9.97 9.50 10.89
CA PHE C 189 -9.74 8.60 12.02
C PHE C 189 -10.55 7.32 11.90
N SER C 190 -11.71 7.37 11.25
CA SER C 190 -12.48 6.15 11.04
C SER C 190 -11.87 5.29 9.93
N ASP C 191 -11.38 5.93 8.86
CA ASP C 191 -10.75 5.17 7.78
C ASP C 191 -9.45 4.52 8.25
N ASN C 192 -8.67 5.23 9.06
CA ASN C 192 -7.37 4.73 9.50
C ASN C 192 -7.42 4.03 10.85
N ALA C 193 -8.62 3.81 11.40
CA ALA C 193 -8.82 3.08 12.65
C ALA C 193 -8.14 3.79 13.83
N GLY C 194 -8.04 5.12 13.77
CA GLY C 194 -7.52 5.90 14.86
C GLY C 194 -6.07 6.32 14.73
N ILE C 195 -5.32 5.75 13.79
CA ILE C 195 -3.92 6.08 13.58
C ILE C 195 -3.76 6.43 12.10
N THR C 196 -3.87 7.72 11.78
CA THR C 196 -3.67 8.17 10.41
C THR C 196 -2.20 8.02 10.02
N PRO C 197 -1.93 7.72 8.74
CA PRO C 197 -0.53 7.56 8.32
C PRO C 197 0.23 8.86 8.16
N ALA C 198 -0.45 10.00 8.06
CA ALA C 198 0.23 11.27 7.85
C ALA C 198 -0.64 12.40 8.38
N ILE C 199 0.00 13.55 8.61
CA ILE C 199 -0.71 14.73 9.10
C ILE C 199 -1.35 15.42 7.90
N SER C 200 -2.67 15.30 7.77
CA SER C 200 -3.39 15.92 6.68
C SER C 200 -3.58 17.42 6.96
N LEU C 201 -4.24 18.09 6.01
CA LEU C 201 -4.54 19.51 6.18
C LEU C 201 -5.69 19.75 7.15
N ASP C 202 -6.38 18.70 7.59
CA ASP C 202 -7.51 18.83 8.48
C ASP C 202 -7.15 18.64 9.95
N LEU C 203 -6.23 17.74 10.26
CA LEU C 203 -5.79 17.55 11.64
C LEU C 203 -5.12 18.82 12.16
N MET C 204 -4.14 19.34 11.41
CA MET C 204 -3.39 20.51 11.83
C MET C 204 -3.18 21.40 10.62
N THR C 205 -3.74 22.61 10.67
CA THR C 205 -3.63 23.55 9.56
C THR C 205 -2.20 24.09 9.47
N ASP C 206 -1.96 24.91 8.45
CA ASP C 206 -0.61 25.44 8.23
C ASP C 206 -0.20 26.38 9.35
N ALA C 207 -1.13 27.21 9.84
CA ALA C 207 -0.80 28.12 10.93
C ALA C 207 -0.43 27.35 12.20
N GLU C 208 -1.22 26.33 12.53
CA GLU C 208 -0.92 25.53 13.72
C GLU C 208 0.36 24.74 13.55
N LEU C 209 0.63 24.24 12.34
CA LEU C 209 1.89 23.56 12.09
C LEU C 209 3.08 24.49 12.28
N ALA C 210 2.99 25.72 11.76
CA ALA C 210 4.06 26.67 11.93
C ALA C 210 4.25 27.04 13.39
N ARG C 211 3.15 27.23 14.12
CA ARG C 211 3.25 27.55 15.55
C ARG C 211 3.89 26.41 16.33
N ALA C 212 3.50 25.17 16.03
CA ALA C 212 4.09 24.02 16.70
C ALA C 212 5.57 23.90 16.39
N VAL C 213 5.96 24.15 15.14
CA VAL C 213 7.38 24.12 14.78
C VAL C 213 8.13 25.20 15.54
N SER C 214 7.56 26.40 15.64
CA SER C 214 8.22 27.48 16.37
C SER C 214 8.30 27.18 17.86
N TYR C 215 7.38 26.37 18.38
CA TYR C 215 7.38 26.01 19.80
C TYR C 215 8.28 24.82 20.11
N MET C 216 8.84 24.15 19.10
CA MET C 216 9.60 22.95 19.36
C MET C 216 10.95 23.28 19.99
N PRO C 217 11.50 22.35 20.79
CA PRO C 217 12.86 22.51 21.32
C PRO C 217 13.93 21.95 20.38
N THR C 218 14.27 22.74 19.36
CA THR C 218 15.24 22.33 18.36
C THR C 218 16.01 23.55 17.89
N SER C 219 17.14 23.28 17.22
CA SER C 219 18.04 24.34 16.79
C SER C 219 17.43 25.11 15.62
N ALA C 220 18.08 26.23 15.28
CA ALA C 220 17.57 27.10 14.22
C ALA C 220 17.66 26.43 12.85
N GLY C 221 18.69 25.62 12.64
CA GLY C 221 18.85 24.97 11.34
C GLY C 221 17.72 24.02 11.02
N GLN C 222 17.36 23.17 11.99
CA GLN C 222 16.23 22.25 11.79
C GLN C 222 14.93 23.02 11.61
N ILE C 223 14.75 24.12 12.36
CA ILE C 223 13.54 24.92 12.24
C ILE C 223 13.42 25.49 10.83
N LYS C 224 14.51 26.04 10.31
CA LYS C 224 14.49 26.56 8.95
C LYS C 224 14.23 25.47 7.93
N LEU C 225 14.91 24.32 8.09
CA LEU C 225 14.75 23.24 7.12
C LEU C 225 13.32 22.74 7.07
N MET C 226 12.69 22.55 8.24
CA MET C 226 11.34 22.01 8.22
C MET C 226 10.27 23.08 8.11
N LEU C 227 10.63 24.36 8.15
CA LEU C 227 9.72 25.40 7.71
C LEU C 227 9.76 25.59 6.21
N GLU C 228 10.88 25.24 5.56
CA GLU C 228 10.95 25.22 4.11
C GLU C 228 10.47 23.91 3.51
N ASN C 229 10.18 22.90 4.33
CA ASN C 229 9.78 21.58 3.87
C ASN C 229 8.59 21.06 4.65
N ARG C 230 7.56 21.89 4.81
CA ARG C 230 6.36 21.47 5.52
C ARG C 230 5.70 20.27 4.85
N CYS C 231 5.83 20.15 3.52
CA CYS C 231 5.14 19.11 2.78
C CYS C 231 5.74 17.73 3.05
N MET C 232 6.93 17.67 3.65
CA MET C 232 7.52 16.42 4.11
C MET C 232 7.35 16.20 5.60
N VAL C 233 7.27 17.28 6.39
CA VAL C 233 6.94 17.15 7.80
C VAL C 233 5.54 16.60 7.97
N ARG C 234 4.61 17.02 7.10
CA ARG C 234 3.25 16.48 7.13
C ARG C 234 3.20 15.00 6.75
N ARG C 235 4.27 14.45 6.18
CA ARG C 235 4.30 13.05 5.80
C ARG C 235 5.12 12.20 6.75
N LYS C 236 6.10 12.79 7.44
CA LYS C 236 6.90 12.03 8.39
C LYS C 236 6.22 11.88 9.75
N GLY C 237 5.18 12.67 10.01
CA GLY C 237 4.43 12.56 11.24
C GLY C 237 3.14 11.78 11.06
N PHE C 238 2.36 11.72 12.14
CA PHE C 238 1.07 11.04 12.12
C PHE C 238 0.25 11.54 13.30
N GLY C 239 -0.98 11.07 13.37
CA GLY C 239 -1.88 11.45 14.45
C GLY C 239 -2.54 10.25 15.08
N ILE C 240 -2.72 10.32 16.39
CA ILE C 240 -3.33 9.25 17.17
C ILE C 240 -4.51 9.82 17.94
N LEU C 241 -5.64 9.11 17.90
CA LEU C 241 -6.87 9.58 18.53
C LEU C 241 -6.92 9.08 19.97
N ILE C 242 -6.85 10.01 20.92
CA ILE C 242 -7.06 9.64 22.32
C ILE C 242 -8.51 9.22 22.54
N GLY C 243 -9.45 9.98 22.00
CA GLY C 243 -10.84 9.60 22.03
C GLY C 243 -11.73 10.78 22.35
N VAL C 244 -13.00 10.49 22.56
CA VAL C 244 -14.01 11.51 22.84
C VAL C 244 -14.26 11.51 24.34
N TYR C 245 -13.91 12.61 25.00
CA TYR C 245 -14.19 12.80 26.43
C TYR C 245 -15.20 13.91 26.57
N GLY C 246 -16.35 13.60 27.16
CA GLY C 246 -17.43 14.57 27.23
C GLY C 246 -17.90 14.96 25.84
N SER C 247 -17.58 16.18 25.43
CA SER C 247 -17.89 16.65 24.09
C SER C 247 -16.64 16.96 23.28
N SER C 248 -15.45 16.73 23.82
CA SER C 248 -14.20 17.10 23.19
C SER C 248 -13.51 15.88 22.59
N VAL C 249 -13.18 15.96 21.31
CA VAL C 249 -12.41 14.93 20.64
C VAL C 249 -10.93 15.28 20.82
N ILE C 250 -10.21 14.47 21.59
CA ILE C 250 -8.83 14.72 21.92
C ILE C 250 -7.96 13.74 21.15
N TYR C 251 -6.94 14.27 20.46
CA TYR C 251 -6.04 13.45 19.66
C TYR C 251 -4.70 14.15 19.57
N MET C 252 -3.61 13.39 19.57
CA MET C 252 -2.29 14.00 19.46
C MET C 252 -1.72 13.79 18.07
N VAL C 253 -0.93 14.78 17.64
CA VAL C 253 -0.16 14.71 16.40
C VAL C 253 1.32 14.61 16.79
N GLN C 254 2.00 13.65 16.20
CA GLN C 254 3.40 13.36 16.53
C GLN C 254 4.28 13.94 15.42
N LEU C 255 4.73 15.17 15.61
CA LEU C 255 5.64 15.77 14.65
C LEU C 255 7.03 15.15 14.78
N PRO C 256 7.78 15.06 13.69
CA PRO C 256 9.12 14.49 13.76
C PRO C 256 10.15 15.51 14.23
N ILE C 257 11.16 15.02 14.93
CA ILE C 257 12.29 15.82 15.37
C ILE C 257 13.53 15.20 14.74
N PHE C 258 14.19 15.97 13.87
CA PHE C 258 15.32 15.50 13.09
C PHE C 258 16.60 15.82 13.87
N GLY C 259 17.09 14.85 14.63
CA GLY C 259 18.30 15.04 15.41
C GLY C 259 19.54 15.10 14.54
N VAL C 260 19.82 14.01 13.82
CA VAL C 260 20.95 13.97 12.91
C VAL C 260 20.56 14.67 11.62
N ILE C 261 21.31 15.70 11.24
CA ILE C 261 20.97 16.52 10.08
C ILE C 261 22.25 16.83 9.29
N ASP C 262 22.10 16.81 7.97
CA ASP C 262 23.14 17.27 7.05
C ASP C 262 24.42 16.44 7.17
N THR C 263 24.26 15.11 7.21
CA THR C 263 25.39 14.21 7.17
C THR C 263 25.41 13.45 5.84
N PRO C 264 26.57 13.05 5.35
CA PRO C 264 26.65 12.46 4.01
C PRO C 264 25.82 11.18 3.89
N CYS C 265 25.17 11.04 2.73
CA CYS C 265 24.42 9.84 2.39
C CYS C 265 24.72 9.48 0.95
N TRP C 266 24.47 8.21 0.62
CA TRP C 266 24.68 7.73 -0.74
C TRP C 266 23.73 6.58 -1.04
N ILE C 267 23.26 6.53 -2.28
CA ILE C 267 22.33 5.50 -2.72
C ILE C 267 23.06 4.54 -3.66
N ILE C 268 22.92 3.24 -3.41
CA ILE C 268 23.60 2.20 -4.19
C ILE C 268 22.54 1.43 -4.96
N LYS C 269 22.69 1.38 -6.28
CA LYS C 269 21.81 0.61 -7.14
C LYS C 269 22.65 -0.41 -7.91
N ALA C 270 22.06 -1.58 -8.18
CA ALA C 270 22.81 -2.68 -8.76
C ALA C 270 22.01 -3.33 -9.89
N ALA C 271 22.75 -3.94 -10.81
CA ALA C 271 22.22 -4.70 -11.94
C ALA C 271 22.97 -6.01 -12.04
N PRO C 272 22.35 -7.05 -12.63
CA PRO C 272 23.02 -8.35 -12.71
C PRO C 272 24.21 -8.34 -13.65
N SER C 273 25.41 -8.47 -13.10
CA SER C 273 26.62 -8.60 -13.90
C SER C 273 26.82 -10.06 -14.26
N CYS C 274 27.02 -10.34 -15.56
CA CYS C 274 26.99 -11.70 -16.07
C CYS C 274 28.25 -12.02 -16.86
N SER C 275 28.61 -13.30 -16.85
CA SER C 275 29.58 -13.88 -17.75
C SER C 275 29.00 -15.19 -18.27
N GLU C 276 29.13 -15.44 -19.57
CA GLU C 276 28.49 -16.60 -20.16
C GLU C 276 29.37 -17.22 -21.22
N LYS C 277 29.17 -18.52 -21.44
CA LYS C 277 29.80 -19.23 -22.55
C LYS C 277 28.97 -20.47 -22.85
N ASP C 278 28.93 -20.84 -24.14
CA ASP C 278 28.22 -22.02 -24.62
C ASP C 278 26.75 -21.99 -24.21
N GLY C 279 26.16 -20.80 -24.13
CA GLY C 279 24.78 -20.65 -23.73
C GLY C 279 24.50 -20.75 -22.26
N ASN C 280 25.53 -20.91 -21.43
CA ASN C 280 25.38 -21.00 -19.98
C ASN C 280 25.90 -19.72 -19.33
N TYR C 281 25.10 -19.16 -18.44
CA TYR C 281 25.38 -17.88 -17.81
C TYR C 281 25.78 -18.06 -16.35
N ALA C 282 26.36 -17.01 -15.79
CA ALA C 282 26.63 -16.92 -14.36
C ALA C 282 26.68 -15.45 -13.99
N CYS C 283 25.84 -15.03 -13.05
CA CYS C 283 25.64 -13.61 -12.78
C CYS C 283 25.55 -13.37 -11.28
N LEU C 284 25.93 -12.15 -10.89
CA LEU C 284 25.79 -11.68 -9.52
C LEU C 284 25.07 -10.34 -9.50
N LEU C 285 24.18 -10.17 -8.53
CA LEU C 285 23.47 -8.92 -8.29
C LEU C 285 23.62 -8.57 -6.82
N ARG C 286 23.99 -7.33 -6.52
CA ARG C 286 24.15 -6.92 -5.14
C ARG C 286 22.78 -6.74 -4.50
N GLU C 287 22.53 -7.46 -3.40
CA GLU C 287 21.27 -7.27 -2.68
C GLU C 287 21.26 -5.97 -1.90
N ASP C 288 22.43 -5.47 -1.51
CA ASP C 288 22.53 -4.29 -0.66
C ASP C 288 22.32 -3.02 -1.49
N GLN C 289 21.11 -2.91 -2.02
CA GLN C 289 20.69 -1.71 -2.74
C GLN C 289 19.83 -0.84 -1.82
N GLY C 290 19.95 0.46 -1.99
CA GLY C 290 19.19 1.38 -1.17
C GLY C 290 20.07 2.47 -0.63
N TRP C 291 19.60 3.11 0.43
CA TRP C 291 20.24 4.29 0.99
C TRP C 291 21.18 3.91 2.13
N TYR C 292 22.30 4.61 2.21
CA TYR C 292 23.22 4.53 3.34
C TYR C 292 23.45 5.94 3.85
N CYS C 293 23.46 6.10 5.16
CA CYS C 293 23.68 7.38 5.79
C CYS C 293 24.62 7.20 6.97
N LYS C 294 24.99 8.31 7.60
CA LYS C 294 25.91 8.30 8.74
C LYS C 294 25.31 9.18 9.83
N ASN C 295 24.69 8.55 10.83
CA ASN C 295 24.10 9.32 11.93
C ASN C 295 25.19 9.96 12.78
N ALA C 296 26.03 9.14 13.42
CA ALA C 296 27.20 9.65 14.14
C ALA C 296 28.26 8.55 14.11
N GLY C 297 29.14 8.63 13.11
CA GLY C 297 30.23 7.67 13.00
C GLY C 297 29.79 6.23 12.91
N SER C 298 28.69 5.96 12.23
CA SER C 298 28.18 4.59 12.11
C SER C 298 27.26 4.53 10.90
N THR C 299 27.67 3.75 9.88
CA THR C 299 26.86 3.62 8.69
C THR C 299 25.52 2.95 9.01
N VAL C 300 24.45 3.52 8.48
CA VAL C 300 23.09 3.03 8.66
C VAL C 300 22.49 2.77 7.29
N TYR C 301 21.99 1.56 7.08
CA TYR C 301 21.49 1.11 5.78
C TYR C 301 19.98 0.96 5.84
N TYR C 302 19.29 1.55 4.86
CA TYR C 302 17.83 1.49 4.79
C TYR C 302 17.45 0.63 3.59
N PRO C 303 16.99 -0.61 3.80
CA PRO C 303 16.71 -1.48 2.64
C PRO C 303 15.47 -1.08 1.87
N ASN C 304 14.38 -0.74 2.56
CA ASN C 304 13.15 -0.38 1.89
C ASN C 304 13.26 1.01 1.27
N ASP C 305 12.85 1.13 0.02
CA ASP C 305 12.93 2.42 -0.68
C ASP C 305 11.88 3.41 -0.17
N LYS C 306 10.85 2.95 0.54
CA LYS C 306 9.85 3.83 1.10
C LYS C 306 10.27 4.46 2.43
N ASP C 307 11.39 4.01 3.01
CA ASP C 307 11.85 4.59 4.27
C ASP C 307 12.47 5.96 4.04
N CYS C 308 13.18 6.14 2.94
CA CYS C 308 13.89 7.38 2.63
C CYS C 308 13.27 8.04 1.41
N GLU C 309 13.02 9.34 1.50
CA GLU C 309 12.43 10.10 0.39
C GLU C 309 13.30 11.31 0.11
N THR C 310 13.63 11.54 -1.15
CA THR C 310 14.52 12.62 -1.54
C THR C 310 13.72 13.86 -1.94
N ARG C 311 14.10 15.01 -1.41
CA ARG C 311 13.49 16.30 -1.74
C ARG C 311 14.62 17.26 -2.09
N GLY C 312 15.03 17.24 -3.35
CA GLY C 312 16.19 18.03 -3.77
C GLY C 312 17.46 17.23 -3.61
N ASP C 313 18.42 17.79 -2.86
CA ASP C 313 19.61 17.04 -2.48
C ASP C 313 19.47 16.40 -1.11
N HIS C 314 18.52 16.87 -0.29
CA HIS C 314 18.27 16.28 1.02
C HIS C 314 17.51 14.97 0.88
N VAL C 315 17.85 14.01 1.74
CA VAL C 315 17.13 12.75 1.83
C VAL C 315 16.60 12.60 3.25
N PHE C 316 15.28 12.44 3.38
CA PHE C 316 14.62 12.33 4.66
C PHE C 316 14.43 10.86 4.99
N CYS C 317 14.90 10.45 6.16
CA CYS C 317 14.86 9.05 6.55
C CYS C 317 14.41 8.95 8.00
N ASP C 318 13.99 7.75 8.39
CA ASP C 318 13.58 7.44 9.75
C ASP C 318 14.58 6.46 10.36
N THR C 319 15.14 6.83 11.51
CA THR C 319 16.14 5.99 12.16
C THR C 319 15.56 4.68 12.69
N ALA C 320 14.24 4.60 12.85
CA ALA C 320 13.63 3.36 13.33
C ALA C 320 13.80 2.23 12.31
N ALA C 321 13.63 2.54 11.03
CA ALA C 321 13.79 1.53 9.98
C ALA C 321 15.24 1.29 9.61
N GLY C 322 16.17 2.07 10.13
CA GLY C 322 17.57 1.91 9.77
C GLY C 322 18.14 0.62 10.30
N ILE C 323 19.10 0.07 9.55
CA ILE C 323 19.83 -1.13 9.93
C ILE C 323 21.30 -0.74 10.07
N ASN C 324 21.84 -0.94 11.27
CA ASN C 324 23.22 -0.58 11.52
C ASN C 324 24.15 -1.48 10.72
N VAL C 325 25.13 -0.88 10.06
CA VAL C 325 26.10 -1.60 9.23
C VAL C 325 27.49 -1.12 9.60
N ALA C 326 28.42 -2.07 9.76
CA ALA C 326 29.78 -1.73 10.14
C ALA C 326 30.45 -0.89 9.07
N GLU C 327 31.38 -0.03 9.51
CA GLU C 327 32.08 0.86 8.58
C GLU C 327 32.94 0.09 7.59
N GLN C 328 33.23 -1.18 7.85
CA GLN C 328 34.00 -1.99 6.92
C GLN C 328 33.25 -2.27 5.62
N SER C 329 31.95 -1.98 5.55
CA SER C 329 31.18 -2.20 4.35
C SER C 329 31.59 -1.29 3.19
N ARG C 330 32.37 -0.25 3.46
CA ARG C 330 32.86 0.62 2.38
C ARG C 330 33.78 -0.14 1.42
N GLU C 331 34.33 -1.29 1.85
CA GLU C 331 35.14 -2.11 0.96
C GLU C 331 34.32 -2.71 -0.18
N CYS C 332 32.99 -2.77 -0.03
CA CYS C 332 32.14 -3.29 -1.09
C CYS C 332 32.17 -2.41 -2.33
N ASN C 333 32.63 -1.17 -2.21
CA ASN C 333 32.70 -0.24 -3.33
C ASN C 333 34.11 0.00 -3.82
N ILE C 334 35.07 -0.83 -3.39
CA ILE C 334 36.46 -0.68 -3.81
C ILE C 334 36.92 -1.94 -4.52
N ASN C 335 36.88 -3.07 -3.83
CA ASN C 335 37.34 -4.34 -4.41
C ASN C 335 36.59 -5.47 -3.71
N ILE C 336 35.69 -6.12 -4.43
CA ILE C 336 34.93 -7.23 -3.86
C ILE C 336 35.58 -8.59 -4.13
N SER C 337 36.45 -8.67 -5.14
CA SER C 337 37.11 -9.95 -5.44
C SER C 337 37.99 -10.41 -4.28
N THR C 338 38.73 -9.49 -3.68
CA THR C 338 39.62 -9.79 -2.57
C THR C 338 39.24 -8.99 -1.32
N THR C 339 37.94 -8.82 -1.11
CA THR C 339 37.47 -8.06 0.05
C THR C 339 37.70 -8.84 1.33
N ASN C 340 37.86 -8.09 2.43
CA ASN C 340 37.91 -8.69 3.76
C ASN C 340 36.53 -8.71 4.40
N TYR C 341 35.82 -7.60 4.35
CA TYR C 341 34.44 -7.57 4.82
C TYR C 341 33.58 -8.43 3.90
N PRO C 342 32.70 -9.27 4.46
CA PRO C 342 31.83 -10.10 3.60
C PRO C 342 30.80 -9.26 2.84
N CYS C 343 30.91 -9.24 1.52
CA CYS C 343 30.02 -8.45 0.68
C CYS C 343 28.90 -9.35 0.17
N LYS C 344 27.66 -8.91 0.35
CA LYS C 344 26.50 -9.73 0.01
C LYS C 344 26.23 -9.66 -1.49
N VAL C 345 26.13 -10.84 -2.12
CA VAL C 345 25.78 -10.95 -3.53
C VAL C 345 24.78 -12.08 -3.70
N SER C 346 23.86 -11.91 -4.64
CA SER C 346 22.90 -12.94 -5.03
C SER C 346 23.27 -13.42 -6.43
N THR C 347 23.63 -14.69 -6.54
CA THR C 347 24.10 -15.23 -7.80
C THR C 347 23.05 -16.10 -8.45
N GLY C 348 23.19 -16.29 -9.76
CA GLY C 348 22.29 -17.16 -10.49
C GLY C 348 22.61 -17.15 -11.97
N ARG C 349 22.01 -18.10 -12.67
CA ARG C 349 22.11 -18.17 -14.12
C ARG C 349 20.75 -17.88 -14.73
N HIS C 350 20.72 -17.83 -16.08
CA HIS C 350 19.53 -17.46 -16.82
C HIS C 350 19.10 -16.07 -16.37
N PRO C 351 19.84 -15.03 -16.73
CA PRO C 351 19.64 -13.71 -16.11
C PRO C 351 18.39 -12.99 -16.59
N ILE C 352 18.22 -11.76 -16.11
CA ILE C 352 17.07 -10.92 -16.43
C ILE C 352 17.56 -9.63 -17.05
N SER C 353 16.95 -9.24 -18.17
CA SER C 353 17.29 -7.99 -18.84
C SER C 353 16.43 -6.87 -18.26
N MET C 354 17.09 -5.84 -17.72
CA MET C 354 16.35 -4.76 -17.09
C MET C 354 17.22 -3.50 -17.05
N VAL C 355 16.55 -2.37 -16.86
CA VAL C 355 17.18 -1.07 -16.77
C VAL C 355 16.94 -0.52 -15.38
N ALA C 356 18.03 -0.21 -14.66
CA ALA C 356 17.93 0.43 -13.36
C ALA C 356 18.26 1.90 -13.51
N LEU C 357 17.27 2.76 -13.24
CA LEU C 357 17.40 4.20 -13.44
C LEU C 357 18.09 4.81 -12.23
N SER C 358 19.39 5.08 -12.36
CA SER C 358 20.12 5.77 -11.33
C SER C 358 19.66 7.23 -11.26
N PRO C 359 19.89 7.91 -10.13
CA PRO C 359 19.48 9.32 -10.03
C PRO C 359 20.09 10.20 -11.10
N LEU C 360 21.33 9.95 -11.50
CA LEU C 360 21.97 10.75 -12.55
C LEU C 360 21.80 10.12 -13.92
N GLY C 361 22.30 8.90 -14.10
CA GLY C 361 22.18 8.20 -15.37
C GLY C 361 21.28 6.99 -15.27
N ALA C 362 21.70 5.89 -15.91
CA ALA C 362 20.96 4.63 -15.82
C ALA C 362 21.88 3.50 -16.27
N LEU C 363 21.78 2.36 -15.59
CA LEU C 363 22.57 1.20 -15.96
C LEU C 363 21.66 0.11 -16.49
N VAL C 364 21.96 -0.37 -17.69
CA VAL C 364 21.13 -1.34 -18.39
C VAL C 364 21.87 -2.66 -18.48
N ALA C 365 21.16 -3.76 -18.18
CA ALA C 365 21.74 -5.10 -18.23
C ALA C 365 20.80 -5.96 -19.04
N CYS C 366 21.11 -6.14 -20.33
CA CYS C 366 20.28 -6.94 -21.22
C CYS C 366 21.11 -8.08 -21.81
N TYR C 367 20.51 -9.27 -21.82
CA TYR C 367 21.21 -10.49 -22.16
C TYR C 367 20.33 -11.34 -23.05
N LYS C 368 20.92 -12.40 -23.60
CA LYS C 368 20.23 -13.31 -24.52
C LYS C 368 19.78 -12.50 -25.74
N GLY C 369 18.68 -12.90 -26.36
CA GLY C 369 18.18 -12.21 -27.54
C GLY C 369 17.30 -11.02 -27.20
N VAL C 370 17.92 -9.94 -26.71
CA VAL C 370 17.20 -8.73 -26.34
C VAL C 370 17.84 -7.56 -27.08
N SER C 371 17.03 -6.79 -27.80
CA SER C 371 17.53 -5.62 -28.51
C SER C 371 17.79 -4.49 -27.52
N CYS C 372 18.96 -3.86 -27.61
CA CYS C 372 19.37 -2.82 -26.70
C CYS C 372 19.93 -1.66 -27.50
N SER C 373 19.48 -0.44 -27.19
CA SER C 373 20.00 0.71 -27.91
C SER C 373 19.79 1.96 -27.07
N ILE C 374 20.55 3.00 -27.39
CA ILE C 374 20.35 4.33 -26.81
C ILE C 374 20.39 5.37 -27.91
N GLY C 375 19.68 6.46 -27.68
CA GLY C 375 19.66 7.56 -28.61
C GLY C 375 19.04 8.79 -28.00
N SER C 376 19.43 9.94 -28.54
CA SER C 376 18.92 11.22 -28.09
C SER C 376 17.59 11.53 -28.79
N ASN C 377 17.03 12.69 -28.48
CA ASN C 377 15.77 13.11 -29.08
C ASN C 377 15.95 13.75 -30.44
N ARG C 378 17.18 14.14 -30.81
CA ARG C 378 17.46 14.78 -32.09
C ARG C 378 18.30 13.92 -33.02
N VAL C 379 19.37 13.31 -32.51
CA VAL C 379 20.24 12.48 -33.36
C VAL C 379 19.49 11.24 -33.84
N GLY C 380 18.62 10.69 -33.00
CA GLY C 380 17.91 9.47 -33.35
C GLY C 380 18.33 8.29 -32.50
N ILE C 381 18.83 7.24 -33.12
CA ILE C 381 19.40 6.10 -32.41
C ILE C 381 20.91 6.31 -32.38
N ILE C 382 21.44 6.66 -31.21
CA ILE C 382 22.85 7.00 -31.11
C ILE C 382 23.72 5.76 -31.32
N LYS C 383 23.40 4.67 -30.63
CA LYS C 383 24.21 3.47 -30.77
C LYS C 383 23.46 2.26 -30.22
N GLN C 384 24.00 1.09 -30.51
CA GLN C 384 23.47 -0.20 -30.06
C GLN C 384 24.34 -0.72 -28.93
N LEU C 385 23.70 -1.14 -27.84
CA LEU C 385 24.46 -1.54 -26.66
C LEU C 385 25.01 -2.95 -26.83
N PRO C 386 26.32 -3.14 -26.65
CA PRO C 386 26.86 -4.50 -26.69
C PRO C 386 26.41 -5.32 -25.50
N LYS C 387 26.45 -6.64 -25.67
CA LYS C 387 26.04 -7.55 -24.61
C LYS C 387 26.88 -7.33 -23.36
N GLY C 388 26.21 -7.33 -22.21
CA GLY C 388 26.86 -6.97 -20.97
C GLY C 388 26.27 -5.69 -20.41
N CYS C 389 26.28 -5.54 -19.08
CA CYS C 389 25.67 -4.36 -18.48
C CYS C 389 26.53 -3.13 -18.73
N SER C 390 25.86 -2.00 -18.99
CA SER C 390 26.54 -0.77 -19.35
C SER C 390 25.90 0.41 -18.64
N TYR C 391 26.71 1.43 -18.38
CA TYR C 391 26.28 2.66 -17.72
C TYR C 391 26.11 3.75 -18.76
N ILE C 392 24.99 4.47 -18.69
CA ILE C 392 24.65 5.51 -19.66
C ILE C 392 24.34 6.78 -18.88
N THR C 393 25.13 7.82 -19.10
CA THR C 393 24.88 9.10 -18.47
C THR C 393 23.71 9.79 -19.14
N ASN C 394 23.20 10.83 -18.47
CA ASN C 394 22.09 11.61 -19.02
C ASN C 394 22.56 12.70 -19.97
N GLN C 395 23.87 12.84 -20.19
CA GLN C 395 24.41 13.83 -21.11
C GLN C 395 24.67 13.27 -22.49
N ASP C 396 25.19 12.05 -22.59
CA ASP C 396 25.49 11.43 -23.88
C ASP C 396 24.30 10.71 -24.50
N ALA C 397 23.19 10.60 -23.77
CA ALA C 397 22.00 9.96 -24.31
C ALA C 397 20.78 10.52 -23.60
N ASP C 398 19.62 10.42 -24.24
CA ASP C 398 18.37 10.91 -23.71
C ASP C 398 17.27 9.87 -23.65
N THR C 399 17.45 8.72 -24.28
CA THR C 399 16.42 7.69 -24.33
C THR C 399 17.08 6.33 -24.50
N VAL C 400 16.58 5.36 -23.73
CA VAL C 400 17.12 4.00 -23.74
C VAL C 400 16.01 3.06 -24.18
N THR C 401 16.26 2.27 -25.21
CA THR C 401 15.28 1.34 -25.75
C THR C 401 15.75 -0.09 -25.50
N ILE C 402 14.92 -0.87 -24.82
CA ILE C 402 15.17 -2.29 -24.59
C ILE C 402 14.04 -3.05 -25.27
N ASP C 403 14.37 -3.78 -26.34
CA ASP C 403 13.37 -4.45 -27.16
C ASP C 403 12.33 -3.46 -27.65
N ASN C 404 11.21 -3.35 -26.94
CA ASN C 404 10.16 -2.39 -27.26
C ASN C 404 9.99 -1.32 -26.21
N THR C 405 10.35 -1.61 -24.95
CA THR C 405 10.17 -0.65 -23.88
C THR C 405 11.13 0.53 -24.04
N VAL C 406 10.63 1.73 -23.78
CA VAL C 406 11.39 2.96 -23.91
C VAL C 406 11.45 3.65 -22.56
N TYR C 407 12.66 3.99 -22.12
CA TYR C 407 12.88 4.71 -20.87
C TYR C 407 13.48 6.08 -21.17
N GLN C 408 12.99 7.09 -20.46
CA GLN C 408 13.50 8.45 -20.56
C GLN C 408 14.40 8.73 -19.38
N LEU C 409 15.63 9.16 -19.66
CA LEU C 409 16.60 9.40 -18.60
C LEU C 409 16.31 10.73 -17.91
N SER C 410 16.96 10.92 -16.76
CA SER C 410 16.76 12.13 -15.98
C SER C 410 17.42 13.33 -16.68
N LYS C 411 17.08 14.53 -16.21
CA LYS C 411 17.64 15.76 -16.73
C LYS C 411 18.49 16.50 -15.70
N VAL C 412 18.89 15.84 -14.62
CA VAL C 412 19.71 16.49 -13.60
C VAL C 412 21.17 16.45 -14.02
N GLU C 413 21.95 17.36 -13.46
CA GLU C 413 23.37 17.47 -13.75
C GLU C 413 24.20 17.04 -12.54
N GLY C 414 25.34 16.44 -12.82
CA GLY C 414 26.22 15.98 -11.76
C GLY C 414 27.55 15.54 -12.32
N GLU C 415 28.39 15.02 -11.43
CA GLU C 415 29.72 14.54 -11.79
C GLU C 415 29.66 13.03 -11.94
N GLN C 416 29.86 12.55 -13.17
CA GLN C 416 29.82 11.13 -13.48
C GLN C 416 31.23 10.57 -13.57
N HIS C 417 31.46 9.44 -12.91
CA HIS C 417 32.75 8.77 -12.93
C HIS C 417 32.53 7.29 -13.22
N VAL C 418 33.53 6.66 -13.81
CA VAL C 418 33.51 5.23 -14.10
C VAL C 418 34.76 4.61 -13.48
N ILE C 419 34.57 3.69 -12.54
CA ILE C 419 35.68 3.00 -11.89
C ILE C 419 36.05 1.82 -12.78
N LYS C 420 37.05 2.02 -13.64
CA LYS C 420 37.42 1.02 -14.62
C LYS C 420 37.98 -0.23 -13.93
N GLY C 421 37.69 -1.39 -14.50
CA GLY C 421 38.17 -2.64 -13.95
C GLY C 421 37.57 -3.81 -14.68
N ARG C 422 37.88 -5.01 -14.18
CA ARG C 422 37.36 -6.23 -14.76
C ARG C 422 36.19 -6.74 -13.95
N PRO C 423 35.09 -7.16 -14.58
CA PRO C 423 33.95 -7.69 -13.82
C PRO C 423 34.36 -8.92 -13.03
N VAL C 424 33.83 -9.02 -11.80
CA VAL C 424 34.18 -10.12 -10.93
C VAL C 424 33.61 -11.43 -11.46
N SER C 425 32.33 -11.42 -11.86
CA SER C 425 31.69 -12.64 -12.34
C SER C 425 32.32 -13.16 -13.61
N SER C 426 33.12 -12.35 -14.30
CA SER C 426 33.84 -12.80 -15.48
C SER C 426 34.95 -13.80 -15.14
N SER C 427 35.30 -13.97 -13.86
CA SER C 427 36.40 -14.84 -13.48
C SER C 427 35.95 -15.96 -12.54
N PHE C 428 34.67 -16.30 -12.51
CA PHE C 428 34.17 -17.33 -11.61
C PHE C 428 33.54 -18.51 -12.33
N ASP C 429 34.18 -19.00 -13.40
CA ASP C 429 33.78 -20.24 -14.07
C ASP C 429 32.31 -20.23 -14.47
N PRO C 430 31.93 -19.49 -15.52
CA PRO C 430 30.51 -19.39 -15.87
C PRO C 430 29.86 -20.71 -16.27
N ILE C 431 30.63 -21.78 -16.47
CA ILE C 431 30.04 -23.07 -16.84
C ILE C 431 29.15 -23.59 -15.71
N LYS C 432 29.69 -23.63 -14.49
CA LYS C 432 28.95 -24.08 -13.32
C LYS C 432 29.36 -23.22 -12.13
N PHE C 433 28.40 -22.91 -11.27
CA PHE C 433 28.67 -21.99 -10.17
C PHE C 433 27.89 -22.48 -8.96
N PRO C 434 28.35 -22.19 -7.73
CA PRO C 434 27.65 -22.73 -6.55
C PRO C 434 26.17 -22.39 -6.46
N GLU C 435 25.73 -21.26 -7.01
CA GLU C 435 24.30 -20.93 -7.11
C GLU C 435 23.64 -20.83 -5.73
N CYS C 436 24.04 -19.82 -4.96
CA CYS C 436 23.33 -19.41 -3.76
C CYS C 436 22.74 -18.02 -4.00
N GLN C 437 21.44 -17.89 -3.77
CA GLN C 437 20.72 -16.68 -4.15
C GLN C 437 20.30 -15.81 -2.98
N PHE C 438 19.56 -16.37 -2.02
CA PHE C 438 18.86 -15.52 -1.06
C PHE C 438 19.82 -14.79 -0.14
N ASN C 439 20.81 -15.49 0.42
CA ASN C 439 21.73 -14.86 1.37
C ASN C 439 23.05 -15.63 1.39
N CYS C 440 24.02 -15.12 0.64
CA CYS C 440 25.41 -15.54 0.74
C CYS C 440 26.31 -14.37 0.39
N ALA C 441 27.56 -14.44 0.85
CA ALA C 441 28.54 -13.38 0.64
C ALA C 441 29.63 -13.88 -0.29
N LEU C 442 30.09 -12.99 -1.18
CA LEU C 442 31.07 -13.37 -2.18
C LEU C 442 32.44 -13.70 -1.58
N ASP C 443 32.71 -13.26 -0.35
CA ASP C 443 34.06 -13.38 0.19
C ASP C 443 34.43 -14.84 0.48
N GLN C 444 33.52 -15.61 1.08
CA GLN C 444 33.85 -16.98 1.48
C GLN C 444 32.74 -17.97 1.18
N VAL C 445 31.87 -17.69 0.21
CA VAL C 445 30.88 -18.67 -0.23
C VAL C 445 31.15 -19.02 -1.68
N PHE C 446 31.69 -18.06 -2.43
CA PHE C 446 31.97 -18.22 -3.86
C PHE C 446 33.46 -18.03 -4.14
N GLU C 447 34.30 -18.63 -3.31
CA GLU C 447 35.74 -18.54 -3.49
C GLU C 447 36.20 -19.38 -4.67
N VAL D 21 11.88 -15.13 -42.50
CA VAL D 21 10.77 -14.20 -42.38
C VAL D 21 10.41 -13.57 -43.74
N GLN D 22 9.21 -13.89 -44.23
CA GLN D 22 8.75 -13.37 -45.51
C GLN D 22 7.26 -13.64 -45.65
N LEU D 23 6.63 -12.87 -46.55
CA LEU D 23 5.19 -12.88 -46.74
C LEU D 23 4.87 -13.23 -48.19
N VAL D 24 4.53 -14.50 -48.44
CA VAL D 24 4.15 -14.92 -49.78
C VAL D 24 2.78 -14.37 -50.12
N GLU D 25 2.65 -13.81 -51.32
CA GLU D 25 1.40 -13.24 -51.80
C GLU D 25 0.82 -14.13 -52.91
N SER D 26 -0.51 -14.15 -52.99
CA SER D 26 -1.18 -14.92 -54.02
C SER D 26 -2.58 -14.35 -54.24
N GLY D 27 -3.16 -14.69 -55.40
CA GLY D 27 -4.51 -14.30 -55.73
C GLY D 27 -4.64 -13.13 -56.67
N GLY D 28 -3.53 -12.59 -57.17
CA GLY D 28 -3.59 -11.46 -58.08
C GLY D 28 -3.82 -11.83 -59.52
N GLY D 29 -5.07 -12.19 -59.85
CA GLY D 29 -5.43 -12.56 -61.20
C GLY D 29 -6.34 -11.53 -61.86
N LEU D 30 -6.47 -11.67 -63.17
CA LEU D 30 -7.34 -10.79 -63.94
C LEU D 30 -8.79 -10.97 -63.54
N VAL D 31 -9.51 -9.87 -63.38
CA VAL D 31 -10.91 -9.89 -62.99
C VAL D 31 -11.66 -8.85 -63.79
N LYS D 32 -12.89 -9.18 -64.21
CA LYS D 32 -13.73 -8.23 -64.90
C LYS D 32 -14.24 -7.17 -63.90
N PRO D 33 -14.55 -5.96 -64.38
CA PRO D 33 -15.06 -4.93 -63.48
C PRO D 33 -16.38 -5.37 -62.83
N GLY D 34 -16.55 -4.99 -61.57
CA GLY D 34 -17.73 -5.35 -60.82
C GLY D 34 -17.72 -6.74 -60.22
N GLY D 35 -16.63 -7.47 -60.35
CA GLY D 35 -16.53 -8.82 -59.82
C GLY D 35 -15.97 -8.85 -58.40
N SER D 36 -15.47 -10.02 -58.02
CA SER D 36 -14.89 -10.23 -56.71
C SER D 36 -13.53 -10.90 -56.85
N LEU D 37 -12.61 -10.54 -55.95
CA LEU D 37 -11.26 -11.07 -55.97
C LEU D 37 -10.76 -11.30 -54.56
N ARG D 38 -10.18 -12.48 -54.31
CA ARG D 38 -9.65 -12.84 -53.01
C ARG D 38 -8.14 -12.92 -53.09
N LEU D 39 -7.45 -12.12 -52.27
CA LEU D 39 -5.99 -12.11 -52.21
C LEU D 39 -5.57 -12.69 -50.86
N SER D 40 -4.59 -13.60 -50.90
CA SER D 40 -4.11 -14.28 -49.72
C SER D 40 -2.64 -13.92 -49.48
N CYS D 41 -2.27 -13.79 -48.21
CA CYS D 41 -0.90 -13.51 -47.80
C CYS D 41 -0.54 -14.45 -46.68
N ALA D 42 0.46 -15.29 -46.90
CA ALA D 42 0.92 -16.27 -45.92
C ALA D 42 2.27 -15.81 -45.39
N ALA D 43 2.35 -15.59 -44.08
CA ALA D 43 3.55 -15.07 -43.45
C ALA D 43 4.28 -16.19 -42.72
N SER D 44 5.58 -16.33 -42.98
CA SER D 44 6.39 -17.36 -42.36
C SER D 44 7.63 -16.74 -41.74
N GLY D 45 7.90 -17.09 -40.50
CA GLY D 45 9.10 -16.63 -39.81
C GLY D 45 8.86 -15.79 -38.57
N PHE D 46 7.63 -15.55 -38.16
CA PHE D 46 7.37 -14.75 -36.97
C PHE D 46 6.00 -15.11 -36.41
N THR D 47 5.75 -14.65 -35.19
CA THR D 47 4.47 -14.87 -34.52
C THR D 47 3.41 -14.03 -35.21
N PHE D 48 2.60 -14.67 -36.06
CA PHE D 48 1.60 -13.95 -36.84
C PHE D 48 0.47 -13.39 -35.97
N SER D 49 0.28 -13.92 -34.76
CA SER D 49 -0.85 -13.55 -33.93
C SER D 49 -0.59 -12.31 -33.07
N SER D 50 0.61 -11.74 -33.12
CA SER D 50 0.94 -10.58 -32.30
C SER D 50 1.25 -9.33 -33.10
N TYR D 51 1.26 -9.41 -34.43
CA TYR D 51 1.60 -8.27 -35.28
C TYR D 51 0.36 -7.82 -36.06
N SER D 52 0.07 -6.52 -35.99
CA SER D 52 -0.96 -5.96 -36.85
C SER D 52 -0.49 -6.00 -38.31
N MET D 53 -1.45 -6.06 -39.22
CA MET D 53 -1.14 -6.18 -40.64
C MET D 53 -1.91 -5.14 -41.43
N ASN D 54 -1.41 -4.86 -42.63
CA ASN D 54 -1.94 -3.79 -43.46
C ASN D 54 -1.82 -4.17 -44.94
N TRP D 55 -2.67 -3.54 -45.74
CA TRP D 55 -2.63 -3.66 -47.20
C TRP D 55 -2.25 -2.32 -47.80
N VAL D 56 -1.28 -2.32 -48.71
CA VAL D 56 -0.85 -1.11 -49.40
C VAL D 56 -0.89 -1.38 -50.89
N ARG D 57 -1.64 -0.57 -51.63
CA ARG D 57 -1.75 -0.73 -53.07
C ARG D 57 -0.98 0.38 -53.77
N GLN D 58 -0.33 0.04 -54.87
CA GLN D 58 0.43 0.99 -55.67
C GLN D 58 -0.03 0.89 -57.11
N ALA D 59 -0.54 2.00 -57.65
CA ALA D 59 -0.97 2.01 -59.04
C ALA D 59 0.25 1.93 -59.97
N PRO D 60 0.07 1.42 -61.19
CA PRO D 60 1.20 1.31 -62.11
C PRO D 60 1.66 2.65 -62.64
N GLY D 61 2.43 3.38 -61.84
CA GLY D 61 2.96 4.67 -62.27
C GLY D 61 2.81 5.77 -61.25
N LYS D 62 2.06 5.51 -60.18
CA LYS D 62 1.84 6.50 -59.14
C LYS D 62 2.36 5.97 -57.79
N GLY D 63 2.11 6.73 -56.73
CA GLY D 63 2.64 6.41 -55.43
C GLY D 63 1.82 5.37 -54.67
N LEU D 64 2.36 4.96 -53.53
CA LEU D 64 1.71 3.98 -52.69
C LEU D 64 0.45 4.57 -52.05
N GLU D 65 -0.53 3.70 -51.81
CA GLU D 65 -1.79 4.09 -51.21
C GLU D 65 -2.22 3.05 -50.19
N TRP D 66 -2.72 3.53 -49.06
CA TRP D 66 -3.17 2.65 -47.99
C TRP D 66 -4.55 2.08 -48.32
N VAL D 67 -4.79 0.84 -47.87
CA VAL D 67 -6.03 0.15 -48.22
C VAL D 67 -6.81 -0.24 -46.98
N SER D 68 -6.24 -1.08 -46.12
CA SER D 68 -6.96 -1.59 -44.97
C SER D 68 -5.99 -2.07 -43.91
N SER D 69 -6.51 -2.24 -42.70
CA SER D 69 -5.73 -2.66 -41.55
C SER D 69 -6.40 -3.85 -40.88
N ILE D 70 -5.66 -4.50 -39.99
CA ILE D 70 -6.21 -5.55 -39.14
C ILE D 70 -5.31 -5.69 -37.92
N SER D 71 -5.94 -5.87 -36.76
CA SER D 71 -5.23 -5.94 -35.49
C SER D 71 -4.68 -7.35 -35.28
N ALA D 72 -4.10 -7.60 -34.11
CA ALA D 72 -3.50 -8.89 -33.81
C ALA D 72 -4.52 -9.96 -33.46
N SER D 73 -5.78 -9.59 -33.22
CA SER D 73 -6.81 -10.58 -32.93
C SER D 73 -8.12 -10.28 -33.66
N SER D 74 -8.06 -9.49 -34.74
CA SER D 74 -9.21 -9.26 -35.61
C SER D 74 -10.38 -8.61 -34.89
N SER D 75 -10.11 -7.84 -33.83
CA SER D 75 -11.16 -7.12 -33.13
C SER D 75 -11.29 -5.68 -33.59
N TYR D 76 -10.18 -5.02 -33.93
CA TYR D 76 -10.19 -3.66 -34.46
C TYR D 76 -9.68 -3.69 -35.89
N SER D 77 -10.43 -3.11 -36.80
CA SER D 77 -10.06 -3.05 -38.21
C SER D 77 -10.48 -1.71 -38.79
N ASP D 78 -9.52 -0.98 -39.34
CA ASP D 78 -9.77 0.35 -39.89
C ASP D 78 -9.54 0.30 -41.40
N TYR D 79 -10.27 1.15 -42.12
CA TYR D 79 -10.25 1.14 -43.58
C TYR D 79 -9.92 2.53 -44.09
N ALA D 80 -9.23 2.57 -45.23
CA ALA D 80 -9.00 3.84 -45.90
C ALA D 80 -10.33 4.44 -46.37
N ASP D 81 -10.42 5.76 -46.33
CA ASP D 81 -11.68 6.41 -46.67
C ASP D 81 -11.83 6.54 -48.18
N SER D 82 -11.65 5.44 -48.89
CA SER D 82 -11.94 5.36 -50.32
C SER D 82 -12.61 4.07 -50.72
N ALA D 83 -12.60 3.03 -49.89
CA ALA D 83 -13.22 1.75 -50.20
C ALA D 83 -13.90 1.14 -48.99
N LYS D 84 -14.47 1.96 -48.11
CA LYS D 84 -15.18 1.44 -46.95
C LYS D 84 -16.41 0.67 -47.38
N GLY D 85 -16.56 -0.55 -46.87
CA GLY D 85 -17.68 -1.39 -47.25
C GLY D 85 -17.42 -2.16 -48.53
N ARG D 86 -16.78 -1.50 -49.49
CA ARG D 86 -16.46 -2.15 -50.76
C ARG D 86 -15.51 -3.32 -50.56
N PHE D 87 -14.50 -3.15 -49.71
CA PHE D 87 -13.51 -4.18 -49.44
C PHE D 87 -13.75 -4.79 -48.07
N THR D 88 -13.15 -5.95 -47.82
CA THR D 88 -13.13 -6.52 -46.48
C THR D 88 -11.81 -7.24 -46.26
N ILE D 89 -11.40 -7.29 -44.99
CA ILE D 89 -10.13 -7.88 -44.60
C ILE D 89 -10.36 -8.83 -43.44
N SER D 90 -9.63 -9.95 -43.44
CA SER D 90 -9.73 -10.92 -42.37
C SER D 90 -8.40 -11.65 -42.24
N ARG D 91 -8.24 -12.37 -41.13
CA ARG D 91 -7.04 -13.16 -40.92
C ARG D 91 -7.39 -14.38 -40.08
N ASP D 92 -6.63 -15.45 -40.29
CA ASP D 92 -6.75 -16.68 -39.50
C ASP D 92 -5.38 -17.01 -38.94
N ASN D 93 -5.30 -17.10 -37.61
CA ASN D 93 -4.03 -17.37 -36.95
C ASN D 93 -3.70 -18.85 -36.86
N ALA D 94 -4.63 -19.73 -37.24
CA ALA D 94 -4.36 -21.17 -37.18
C ALA D 94 -3.24 -21.56 -38.13
N LYS D 95 -3.36 -21.16 -39.40
CA LYS D 95 -2.32 -21.41 -40.39
C LYS D 95 -1.51 -20.17 -40.71
N THR D 96 -1.67 -19.10 -39.93
CA THR D 96 -0.96 -17.84 -40.12
C THR D 96 -1.18 -17.31 -41.54
N SER D 97 -2.44 -17.02 -41.85
CA SER D 97 -2.82 -16.55 -43.17
C SER D 97 -3.69 -15.30 -43.05
N LEU D 98 -3.68 -14.48 -44.08
CA LEU D 98 -4.48 -13.27 -44.11
C LEU D 98 -5.15 -13.14 -45.47
N PHE D 99 -6.36 -12.60 -45.51
CA PHE D 99 -7.13 -12.54 -46.73
C PHE D 99 -7.76 -11.16 -46.89
N LEU D 100 -7.82 -10.70 -48.13
CA LEU D 100 -8.54 -9.48 -48.50
C LEU D 100 -9.51 -9.83 -49.62
N GLN D 101 -10.79 -9.55 -49.42
CA GLN D 101 -11.82 -9.79 -50.41
C GLN D 101 -12.29 -8.45 -50.95
N MET D 102 -12.12 -8.25 -52.25
CA MET D 102 -12.56 -7.05 -52.93
C MET D 102 -13.83 -7.38 -53.71
N ASN D 103 -14.91 -6.67 -53.40
CA ASN D 103 -16.22 -6.89 -54.01
C ASN D 103 -16.59 -5.69 -54.86
N SER D 104 -16.95 -5.93 -56.12
CA SER D 104 -17.38 -4.88 -57.04
C SER D 104 -16.31 -3.79 -57.18
N LEU D 105 -15.09 -4.23 -57.49
CA LEU D 105 -13.99 -3.28 -57.67
C LEU D 105 -14.21 -2.43 -58.92
N ARG D 106 -13.76 -1.19 -58.85
CA ARG D 106 -13.91 -0.26 -59.96
C ARG D 106 -12.75 -0.44 -60.94
N ALA D 107 -12.64 0.47 -61.91
CA ALA D 107 -11.57 0.40 -62.90
C ALA D 107 -10.29 1.07 -62.42
N GLU D 108 -10.32 1.76 -61.27
CA GLU D 108 -9.15 2.41 -60.71
C GLU D 108 -8.42 1.54 -59.69
N ASP D 109 -8.85 0.30 -59.50
CA ASP D 109 -8.24 -0.59 -58.51
C ASP D 109 -7.10 -1.42 -59.08
N THR D 110 -6.74 -1.22 -60.34
CA THR D 110 -5.61 -1.92 -60.93
C THR D 110 -4.33 -1.45 -60.25
N ALA D 111 -3.73 -2.34 -59.44
CA ALA D 111 -2.57 -1.94 -58.65
C ALA D 111 -1.84 -3.20 -58.19
N ILE D 112 -0.63 -2.99 -57.69
CA ILE D 112 0.13 -4.03 -57.01
C ILE D 112 -0.14 -3.91 -55.52
N TYR D 113 -0.59 -5.02 -54.91
CA TYR D 113 -0.99 -5.05 -53.52
C TYR D 113 0.10 -5.71 -52.68
N PHE D 114 0.46 -5.07 -51.58
CA PHE D 114 1.48 -5.54 -50.66
C PHE D 114 0.85 -5.77 -49.30
N CYS D 115 1.08 -6.95 -48.72
CA CYS D 115 0.72 -7.21 -47.34
C CYS D 115 1.91 -6.90 -46.46
N ALA D 116 1.74 -5.96 -45.53
CA ALA D 116 2.84 -5.43 -44.76
C ALA D 116 2.58 -5.56 -43.27
N ARG D 117 3.62 -5.93 -42.52
CA ARG D 117 3.53 -5.95 -41.07
C ARG D 117 3.42 -4.52 -40.54
N ALA D 118 3.06 -4.41 -39.26
CA ALA D 118 2.95 -3.09 -38.64
C ALA D 118 3.48 -3.15 -37.22
N ARG D 119 4.34 -2.18 -36.89
CA ARG D 119 4.86 -2.02 -35.54
C ARG D 119 4.70 -0.57 -35.13
N ALA D 120 4.39 -0.36 -33.85
CA ALA D 120 4.18 0.99 -33.32
C ALA D 120 4.91 1.10 -31.99
N THR D 121 5.89 2.00 -31.93
CA THR D 121 6.61 2.22 -30.67
C THR D 121 5.68 2.79 -29.61
N GLY D 122 4.87 3.77 -29.99
CA GLY D 122 3.88 4.32 -29.10
C GLY D 122 4.42 5.14 -27.95
N TYR D 123 5.68 5.56 -28.01
CA TYR D 123 6.24 6.36 -26.93
C TYR D 123 5.67 7.77 -26.91
N SER D 124 5.57 8.40 -28.07
CA SER D 124 5.01 9.75 -28.19
C SER D 124 3.71 9.77 -28.96
N SER D 125 3.64 9.08 -30.10
CA SER D 125 2.42 8.99 -30.89
C SER D 125 2.36 7.61 -31.53
N ILE D 126 1.14 7.16 -31.81
CA ILE D 126 0.92 5.84 -32.39
C ILE D 126 0.85 6.01 -33.91
N THR D 127 1.99 5.81 -34.57
CA THR D 127 2.09 5.87 -36.02
C THR D 127 2.79 4.61 -36.50
N PRO D 128 2.03 3.58 -36.87
CA PRO D 128 2.66 2.32 -37.29
C PRO D 128 3.52 2.50 -38.53
N TYR D 129 4.64 1.78 -38.57
CA TYR D 129 5.56 1.79 -39.69
C TYR D 129 5.68 0.39 -40.26
N PHE D 130 5.77 0.30 -41.59
CA PHE D 130 5.62 -0.96 -42.30
C PHE D 130 7.01 -1.53 -42.52
N ASP D 131 7.51 -2.30 -41.54
CA ASP D 131 8.89 -2.73 -41.57
C ASP D 131 9.15 -3.83 -42.59
N ILE D 132 8.26 -4.81 -42.70
CA ILE D 132 8.44 -5.93 -43.62
C ILE D 132 7.28 -5.93 -44.60
N TRP D 133 7.60 -5.98 -45.89
CA TRP D 133 6.62 -5.97 -46.97
C TRP D 133 6.69 -7.27 -47.75
N GLY D 134 5.54 -7.67 -48.30
CA GLY D 134 5.50 -8.76 -49.24
C GLY D 134 5.84 -8.30 -50.65
N GLN D 135 5.99 -9.28 -51.55
CA GLN D 135 6.28 -8.96 -52.94
C GLN D 135 5.08 -8.36 -53.66
N GLY D 136 3.86 -8.63 -53.19
CA GLY D 136 2.68 -8.06 -53.78
C GLY D 136 2.18 -8.84 -54.98
N THR D 137 0.91 -8.60 -55.32
CA THR D 137 0.27 -9.23 -56.47
C THR D 137 -0.44 -8.17 -57.30
N LEU D 138 -0.47 -8.40 -58.61
CA LEU D 138 -1.04 -7.43 -59.55
C LEU D 138 -2.52 -7.72 -59.75
N VAL D 139 -3.35 -6.69 -59.60
CA VAL D 139 -4.79 -6.78 -59.82
C VAL D 139 -5.16 -5.81 -60.93
N THR D 140 -5.85 -6.32 -61.95
CA THR D 140 -6.22 -5.52 -63.11
C THR D 140 -7.68 -5.78 -63.48
N VAL D 141 -8.25 -4.85 -64.25
CA VAL D 141 -9.62 -4.99 -64.72
C VAL D 141 -9.64 -4.96 -66.24
N SER D 142 -10.82 -5.06 -66.82
CA SER D 142 -10.96 -5.02 -68.29
C SER D 142 -11.99 -4.00 -68.71
N SER D 165 -6.00 16.41 -46.52
CA SER D 165 -4.89 16.49 -45.58
C SER D 165 -3.77 15.54 -45.98
N VAL D 166 -3.70 15.23 -47.27
CA VAL D 166 -2.68 14.31 -47.78
C VAL D 166 -1.32 15.00 -47.74
N VAL D 167 -0.31 14.26 -47.30
CA VAL D 167 1.06 14.79 -47.28
C VAL D 167 1.60 14.83 -48.70
N THR D 168 2.41 15.85 -48.98
CA THR D 168 3.03 16.01 -50.29
C THR D 168 4.50 16.36 -50.11
N GLN D 169 5.30 16.04 -51.12
CA GLN D 169 6.74 16.26 -51.09
C GLN D 169 7.20 16.65 -52.49
N THR D 170 8.51 16.81 -52.64
CA THR D 170 9.06 17.31 -53.90
C THR D 170 8.77 16.33 -55.03
N PRO D 171 8.42 16.83 -56.22
CA PRO D 171 8.15 15.90 -57.33
C PRO D 171 9.36 15.06 -57.72
N SER D 172 10.56 15.63 -57.69
CA SER D 172 11.76 14.91 -58.08
C SER D 172 12.98 15.73 -57.68
N VAL D 173 14.10 15.03 -57.49
CA VAL D 173 15.40 15.65 -57.22
C VAL D 173 16.44 14.99 -58.11
N SER D 174 17.52 15.71 -58.36
CA SER D 174 18.61 15.23 -59.21
C SER D 174 19.92 15.71 -58.62
N GLY D 175 20.99 15.54 -59.39
CA GLY D 175 22.30 15.98 -58.98
C GLY D 175 23.37 15.03 -59.50
N ALA D 176 24.48 14.99 -58.78
CA ALA D 176 25.64 14.18 -59.11
C ALA D 176 26.09 13.41 -57.88
N PRO D 177 26.79 12.29 -58.07
CA PRO D 177 27.30 11.55 -56.91
C PRO D 177 28.32 12.37 -56.13
N GLY D 178 28.31 12.19 -54.81
CA GLY D 178 29.32 12.80 -53.97
C GLY D 178 28.81 13.81 -52.95
N GLN D 179 27.88 14.67 -53.34
CA GLN D 179 27.38 15.71 -52.46
C GLN D 179 26.07 15.28 -51.80
N ARG D 180 25.51 16.19 -51.02
CA ARG D 180 24.33 15.92 -50.20
C ARG D 180 23.07 16.42 -50.89
N VAL D 181 21.98 15.67 -50.72
CA VAL D 181 20.67 16.03 -51.26
C VAL D 181 19.65 15.97 -50.14
N THR D 182 18.58 16.75 -50.28
CA THR D 182 17.53 16.83 -49.27
C THR D 182 16.17 16.63 -49.92
N ILE D 183 15.27 16.00 -49.18
CA ILE D 183 13.90 15.77 -49.60
C ILE D 183 12.99 16.25 -48.49
N SER D 184 12.04 17.12 -48.82
CA SER D 184 11.16 17.74 -47.84
C SER D 184 9.73 17.23 -48.06
N CYS D 185 9.14 16.68 -46.99
CA CYS D 185 7.78 16.19 -47.00
C CYS D 185 6.96 17.06 -46.04
N THR D 186 6.07 17.87 -46.59
CA THR D 186 5.27 18.79 -45.80
C THR D 186 3.86 18.24 -45.61
N GLY D 187 3.26 18.57 -44.47
CA GLY D 187 1.94 18.09 -44.16
C GLY D 187 1.14 19.15 -43.42
N SER D 188 -0.17 18.94 -43.37
CA SER D 188 -1.08 19.85 -42.72
C SER D 188 -1.02 19.66 -41.20
N SER D 189 -1.93 20.30 -40.48
CA SER D 189 -1.95 20.22 -39.02
C SER D 189 -2.55 18.93 -38.50
N SER D 190 -3.14 18.10 -39.36
CA SER D 190 -3.76 16.86 -38.93
C SER D 190 -2.83 15.65 -39.02
N ASN D 191 -1.79 15.72 -39.87
CA ASN D 191 -0.87 14.60 -40.06
C ASN D 191 0.43 14.75 -39.28
N ILE D 192 1.18 15.83 -39.48
CA ILE D 192 2.40 16.05 -38.73
C ILE D 192 2.20 17.08 -37.62
N GLY D 193 1.32 18.06 -37.80
CA GLY D 193 1.05 19.03 -36.75
C GLY D 193 0.21 18.51 -35.61
N ALA D 194 -0.31 17.29 -35.72
CA ALA D 194 -1.07 16.67 -34.65
C ALA D 194 -0.20 15.81 -33.73
N GLY D 195 1.11 15.77 -33.96
CA GLY D 195 2.03 15.03 -33.14
C GLY D 195 2.42 13.67 -33.68
N TYR D 196 1.81 13.23 -34.77
CA TYR D 196 2.14 11.93 -35.34
C TYR D 196 3.54 11.93 -35.93
N ASP D 197 4.20 10.79 -35.85
CA ASP D 197 5.57 10.66 -36.35
C ASP D 197 5.56 10.58 -37.88
N VAL D 198 6.76 10.56 -38.46
CA VAL D 198 6.95 10.48 -39.90
C VAL D 198 7.96 9.38 -40.19
N HIS D 199 7.62 8.48 -41.10
CA HIS D 199 8.50 7.41 -41.51
C HIS D 199 8.84 7.56 -42.99
N TRP D 200 10.00 7.06 -43.38
CA TRP D 200 10.50 7.18 -44.75
C TRP D 200 10.82 5.79 -45.29
N TYR D 201 10.24 5.46 -46.44
CA TYR D 201 10.49 4.21 -47.13
C TYR D 201 11.17 4.48 -48.46
N GLN D 202 12.07 3.58 -48.85
CA GLN D 202 12.76 3.65 -50.12
C GLN D 202 12.34 2.47 -50.99
N GLN D 203 11.88 2.76 -52.20
CA GLN D 203 11.38 1.74 -53.12
C GLN D 203 12.17 1.82 -54.42
N LEU D 204 12.88 0.74 -54.73
CA LEU D 204 13.56 0.62 -56.01
C LEU D 204 12.55 0.36 -57.11
N PRO D 205 12.90 0.67 -58.36
CA PRO D 205 11.98 0.37 -59.47
C PRO D 205 11.70 -1.12 -59.58
N GLY D 206 10.42 -1.47 -59.58
CA GLY D 206 10.02 -2.87 -59.62
C GLY D 206 10.48 -3.68 -58.44
N THR D 207 10.37 -3.11 -57.24
CA THR D 207 10.83 -3.77 -56.03
C THR D 207 9.89 -3.40 -54.88
N ALA D 208 9.77 -4.30 -53.91
CA ALA D 208 8.97 -4.02 -52.73
C ALA D 208 9.61 -2.90 -51.92
N PRO D 209 8.82 -1.97 -51.38
CA PRO D 209 9.39 -0.89 -50.58
C PRO D 209 10.08 -1.42 -49.34
N LYS D 210 11.13 -0.71 -48.92
CA LYS D 210 11.92 -1.09 -47.75
C LYS D 210 11.92 0.07 -46.76
N LEU D 211 11.69 -0.24 -45.50
CA LEU D 211 11.74 0.79 -44.46
C LEU D 211 13.14 1.36 -44.36
N LEU D 212 13.23 2.69 -44.37
CA LEU D 212 14.50 3.41 -44.32
C LEU D 212 14.68 4.19 -43.03
N ILE D 213 13.67 4.95 -42.63
CA ILE D 213 13.69 5.70 -41.38
C ILE D 213 12.36 5.46 -40.68
N TYR D 214 12.42 5.12 -39.39
CA TYR D 214 11.21 4.91 -38.61
C TYR D 214 11.26 5.77 -37.36
N ASP D 215 10.08 6.21 -36.92
CA ASP D 215 9.94 7.03 -35.71
C ASP D 215 10.79 8.30 -35.81
N ASN D 216 10.43 9.14 -36.78
CA ASN D 216 11.03 10.46 -36.98
C ASN D 216 12.44 10.36 -37.54
N ASN D 217 13.41 9.99 -36.70
CA ASN D 217 14.81 10.06 -37.07
C ASN D 217 15.62 8.82 -36.70
N ASN D 218 14.98 7.75 -36.27
CA ASN D 218 15.72 6.53 -35.96
C ASN D 218 16.12 5.84 -37.26
N ARG D 219 16.74 4.66 -37.13
CA ARG D 219 17.18 3.93 -38.31
C ARG D 219 17.24 2.44 -37.99
N PRO D 220 16.78 1.57 -38.89
CA PRO D 220 16.85 0.14 -38.64
C PRO D 220 18.21 -0.43 -39.00
N SER D 221 18.40 -1.69 -38.64
CA SER D 221 19.64 -2.39 -38.97
C SER D 221 19.72 -2.65 -40.46
N GLY D 222 20.95 -2.59 -40.99
CA GLY D 222 21.19 -2.81 -42.41
C GLY D 222 21.11 -1.58 -43.28
N VAL D 223 20.75 -0.44 -42.72
CA VAL D 223 20.65 0.82 -43.47
C VAL D 223 21.90 1.65 -43.17
N PRO D 224 22.61 2.14 -44.19
CA PRO D 224 23.80 2.94 -43.93
C PRO D 224 23.46 4.22 -43.18
N ASP D 225 24.42 4.68 -42.37
CA ASP D 225 24.22 5.87 -41.55
C ASP D 225 24.20 7.16 -42.35
N ARG D 226 24.53 7.11 -43.65
CA ARG D 226 24.53 8.32 -44.47
C ARG D 226 23.12 8.90 -44.62
N PHE D 227 22.09 8.11 -44.38
CA PHE D 227 20.72 8.62 -44.40
C PHE D 227 20.40 9.25 -43.05
N SER D 228 19.83 10.46 -43.07
CA SER D 228 19.41 11.13 -41.86
C SER D 228 18.01 11.71 -42.06
N ALA D 229 17.30 11.92 -40.96
CA ALA D 229 15.97 12.47 -41.03
C ALA D 229 15.74 13.41 -39.84
N SER D 230 14.81 14.35 -40.02
CA SER D 230 14.48 15.29 -38.97
C SER D 230 13.09 15.85 -39.20
N LYS D 231 12.27 15.87 -38.16
CA LYS D 231 10.91 16.39 -38.23
C LYS D 231 10.83 17.68 -37.41
N SER D 232 10.26 18.73 -37.99
CA SER D 232 10.14 20.03 -37.33
C SER D 232 8.74 20.57 -37.56
N GLY D 233 7.95 20.62 -36.49
CA GLY D 233 6.71 21.37 -36.48
C GLY D 233 5.62 20.75 -37.32
N THR D 234 5.78 20.84 -38.64
CA THR D 234 4.83 20.25 -39.56
C THR D 234 5.49 19.65 -40.79
N SER D 235 6.82 19.65 -40.87
CA SER D 235 7.50 19.18 -42.08
C SER D 235 8.68 18.29 -41.71
N ALA D 236 8.88 17.23 -42.49
CA ALA D 236 9.99 16.32 -42.29
C ALA D 236 10.99 16.47 -43.42
N SER D 237 12.25 16.12 -43.14
CA SER D 237 13.33 16.25 -44.11
C SER D 237 14.21 15.03 -44.03
N LEU D 238 14.53 14.47 -45.20
CA LEU D 238 15.43 13.34 -45.35
C LEU D 238 16.68 13.82 -46.09
N ALA D 239 17.84 13.65 -45.48
CA ALA D 239 19.11 14.07 -46.04
C ALA D 239 19.93 12.85 -46.41
N ILE D 240 20.39 12.80 -47.66
CA ILE D 240 21.26 11.75 -48.16
C ILE D 240 22.61 12.37 -48.44
N THR D 241 23.63 11.91 -47.72
CA THR D 241 24.97 12.47 -47.82
C THR D 241 25.86 11.54 -48.64
N GLY D 242 26.49 12.10 -49.68
CA GLY D 242 27.41 11.33 -50.50
C GLY D 242 26.75 10.15 -51.19
N LEU D 243 25.61 10.38 -51.84
CA LEU D 243 24.85 9.30 -52.44
C LEU D 243 25.66 8.60 -53.53
N GLN D 244 25.47 7.29 -53.63
CA GLN D 244 26.10 6.48 -54.66
C GLN D 244 25.17 6.35 -55.86
N ALA D 245 25.54 5.48 -56.79
CA ALA D 245 24.72 5.26 -57.98
C ALA D 245 23.57 4.29 -57.72
N GLU D 246 23.60 3.55 -56.63
CA GLU D 246 22.53 2.62 -56.29
C GLU D 246 21.43 3.26 -55.45
N ASP D 247 21.53 4.55 -55.18
CA ASP D 247 20.50 5.26 -54.42
C ASP D 247 19.37 5.77 -55.30
N GLU D 248 19.41 5.50 -56.60
CA GLU D 248 18.36 5.96 -57.51
C GLU D 248 17.08 5.17 -57.28
N ALA D 249 16.20 5.69 -56.44
CA ALA D 249 14.95 5.02 -56.11
C ALA D 249 13.96 6.04 -55.58
N ASP D 250 12.68 5.65 -55.57
CA ASP D 250 11.66 6.52 -55.04
C ASP D 250 11.69 6.54 -53.51
N TYR D 251 11.31 7.67 -52.93
CA TYR D 251 11.24 7.82 -51.49
C TYR D 251 9.85 8.32 -51.11
N TYR D 252 9.24 7.66 -50.12
CA TYR D 252 7.89 7.98 -49.69
C TYR D 252 7.88 8.30 -48.20
N CYS D 253 7.12 9.33 -47.83
CA CYS D 253 6.92 9.69 -46.44
C CYS D 253 5.53 9.26 -46.01
N GLN D 254 5.45 8.59 -44.86
CA GLN D 254 4.20 8.07 -44.35
C GLN D 254 3.96 8.62 -42.94
N SER D 255 2.77 9.14 -42.72
CA SER D 255 2.35 9.65 -41.42
C SER D 255 0.92 9.18 -41.19
N TYR D 256 0.33 9.61 -40.08
CA TYR D 256 -1.02 9.20 -39.69
C TYR D 256 -1.92 10.42 -39.63
N ASP D 257 -3.15 10.26 -40.12
CA ASP D 257 -4.15 11.31 -40.08
C ASP D 257 -5.21 10.99 -39.03
N ARG D 258 -5.87 12.04 -38.55
CA ARG D 258 -7.05 11.84 -37.72
C ARG D 258 -8.27 11.49 -38.58
N ASN D 259 -8.33 11.99 -39.81
CA ASN D 259 -9.46 11.70 -40.69
C ASN D 259 -9.29 10.37 -41.42
N LEU D 260 -8.26 10.27 -42.26
CA LEU D 260 -8.02 9.07 -43.07
C LEU D 260 -6.66 8.50 -42.70
N SER D 261 -6.67 7.33 -42.04
CA SER D 261 -5.47 6.78 -41.44
C SER D 261 -4.45 6.37 -42.49
N GLY D 262 -3.18 6.36 -42.08
CA GLY D 262 -2.10 5.82 -42.88
C GLY D 262 -1.84 6.49 -44.21
N VAL D 263 -1.79 7.82 -44.23
CA VAL D 263 -1.55 8.54 -45.47
C VAL D 263 -0.10 8.38 -45.90
N PHE D 264 0.12 8.25 -47.20
CA PHE D 264 1.46 8.18 -47.77
C PHE D 264 1.77 9.46 -48.53
N GLY D 265 3.06 9.66 -48.81
CA GLY D 265 3.48 10.82 -49.57
C GLY D 265 3.21 10.68 -51.05
N THR D 266 3.40 11.79 -51.77
CA THR D 266 3.15 11.79 -53.20
C THR D 266 4.25 11.06 -53.98
N GLY D 267 5.42 10.87 -53.39
CA GLY D 267 6.48 10.13 -54.04
C GLY D 267 7.49 11.00 -54.77
N THR D 268 8.71 11.07 -54.25
CA THR D 268 9.80 11.79 -54.88
C THR D 268 10.73 10.80 -55.58
N LYS D 269 11.27 11.24 -56.71
CA LYS D 269 12.16 10.41 -57.52
C LYS D 269 13.52 11.09 -57.58
N VAL D 270 14.56 10.38 -57.12
CA VAL D 270 15.92 10.87 -57.17
C VAL D 270 16.62 10.24 -58.37
N THR D 271 17.50 11.01 -59.02
CA THR D 271 18.24 10.55 -60.17
C THR D 271 19.72 10.85 -59.98
N VAL D 272 20.56 10.02 -60.60
CA VAL D 272 22.01 10.13 -60.49
C VAL D 272 22.58 10.31 -61.88
N LEU D 273 23.43 11.31 -62.05
CA LEU D 273 24.06 11.58 -63.34
C LEU D 273 25.05 10.47 -63.70
N VAL E 21 41.12 8.67 19.54
CA VAL E 21 40.19 9.78 19.34
C VAL E 21 40.63 10.98 20.16
N GLN E 22 41.26 11.94 19.51
CA GLN E 22 41.74 13.14 20.18
C GLN E 22 42.01 14.22 19.14
N LEU E 23 42.18 15.45 19.62
CA LEU E 23 42.41 16.60 18.77
C LEU E 23 43.71 17.28 19.17
N VAL E 24 44.45 17.77 18.18
CA VAL E 24 45.79 18.30 18.37
C VAL E 24 45.83 19.79 18.07
N GLU E 25 44.74 20.48 18.43
CA GLU E 25 44.58 21.92 18.18
C GLU E 25 45.87 22.70 18.36
N SER E 26 46.14 23.60 17.41
CA SER E 26 47.29 24.47 17.47
C SER E 26 46.99 25.72 16.64
N GLY E 27 47.76 26.78 16.89
CA GLY E 27 47.63 28.00 16.12
C GLY E 27 47.15 29.20 16.92
N GLY E 28 47.48 29.23 18.21
CA GLY E 28 47.07 30.34 19.06
C GLY E 28 48.22 31.10 19.67
N GLY E 29 48.29 32.40 19.38
CA GLY E 29 49.36 33.23 19.92
C GLY E 29 48.88 34.65 20.12
N LEU E 30 49.69 35.41 20.86
CA LEU E 30 49.34 36.80 21.15
C LEU E 30 49.40 37.64 19.88
N VAL E 31 48.41 38.53 19.73
CA VAL E 31 48.29 39.40 18.56
C VAL E 31 47.96 40.81 19.02
N LYS E 32 48.19 41.76 18.13
CA LYS E 32 47.78 43.14 18.41
C LYS E 32 46.26 43.24 18.40
N PRO E 33 45.68 44.03 19.31
CA PRO E 33 44.21 44.19 19.29
C PRO E 33 43.74 44.76 17.96
N GLY E 34 42.56 44.28 17.53
CA GLY E 34 42.02 44.67 16.24
C GLY E 34 42.56 43.89 15.06
N GLY E 35 43.35 42.86 15.29
CA GLY E 35 43.92 42.05 14.23
C GLY E 35 43.07 40.84 13.91
N SER E 36 43.73 39.82 13.38
CA SER E 36 43.07 38.57 13.00
C SER E 36 43.91 37.40 13.48
N LEU E 37 43.24 36.26 13.68
CA LEU E 37 43.91 35.05 14.14
C LEU E 37 43.18 33.84 13.58
N ARG E 38 43.95 32.83 13.19
CA ARG E 38 43.44 31.60 12.59
C ARG E 38 43.73 30.45 13.52
N LEU E 39 42.69 29.88 14.12
CA LEU E 39 42.83 28.71 14.99
C LEU E 39 42.38 27.46 14.25
N SER E 40 43.08 26.36 14.51
CA SER E 40 42.86 25.13 13.74
C SER E 40 42.77 23.93 14.67
N CYS E 41 41.76 23.09 14.44
CA CYS E 41 41.64 21.77 15.03
C CYS E 41 41.98 20.74 13.97
N ALA E 42 42.87 19.80 14.30
CA ALA E 42 43.22 18.70 13.41
C ALA E 42 42.75 17.41 14.06
N ALA E 43 41.50 17.03 13.79
CA ALA E 43 40.89 15.88 14.43
C ALA E 43 41.32 14.60 13.72
N SER E 44 41.82 13.64 14.50
CA SER E 44 42.26 12.35 13.98
C SER E 44 41.74 11.24 14.87
N GLY E 45 41.14 10.23 14.27
CA GLY E 45 40.62 9.07 15.00
C GLY E 45 39.15 8.79 14.80
N PHE E 46 38.43 9.55 13.98
CA PHE E 46 37.02 9.32 13.76
C PHE E 46 36.61 9.97 12.45
N THR E 47 35.38 9.69 12.02
CA THR E 47 34.83 10.27 10.79
C THR E 47 34.54 11.74 11.04
N PHE E 48 35.45 12.61 10.57
CA PHE E 48 35.30 14.04 10.81
C PHE E 48 34.16 14.65 10.00
N SER E 49 33.74 14.00 8.92
CA SER E 49 32.68 14.54 8.08
C SER E 49 31.29 14.24 8.60
N SER E 50 31.16 13.43 9.65
CA SER E 50 29.86 13.07 10.19
C SER E 50 29.54 13.76 11.51
N TYR E 51 30.54 14.22 12.25
CA TYR E 51 30.34 14.84 13.54
C TYR E 51 30.40 16.36 13.42
N SER E 52 29.41 17.02 14.02
CA SER E 52 29.45 18.47 14.10
C SER E 52 30.56 18.92 15.06
N MET E 53 31.09 20.11 14.79
CA MET E 53 32.20 20.64 15.58
C MET E 53 31.83 22.00 16.14
N ASN E 54 32.31 22.28 17.34
CA ASN E 54 32.04 23.54 18.02
C ASN E 54 33.33 24.12 18.58
N TRP E 55 33.34 25.44 18.72
CA TRP E 55 34.42 26.20 19.33
C TRP E 55 33.90 26.80 20.61
N VAL E 56 34.57 26.50 21.74
CA VAL E 56 34.15 26.98 23.04
C VAL E 56 35.34 27.66 23.72
N ARG E 57 35.18 28.92 24.11
CA ARG E 57 36.26 29.65 24.75
C ARG E 57 36.03 29.77 26.25
N GLN E 58 37.13 29.88 26.99
CA GLN E 58 37.11 30.04 28.44
C GLN E 58 38.04 31.17 28.81
N ALA E 59 37.49 32.20 29.44
CA ALA E 59 38.32 33.29 29.94
C ALA E 59 39.16 32.80 31.13
N PRO E 60 40.35 33.35 31.33
CA PRO E 60 41.19 32.89 32.45
C PRO E 60 40.64 33.29 33.80
N GLY E 61 40.17 32.31 34.57
CA GLY E 61 39.60 32.53 35.87
C GLY E 61 38.09 32.54 35.92
N LYS E 62 37.43 32.46 34.78
CA LYS E 62 35.96 32.45 34.71
C LYS E 62 35.49 31.16 34.03
N GLY E 63 34.18 31.07 33.82
CA GLY E 63 33.58 29.87 33.28
C GLY E 63 33.63 29.79 31.77
N LEU E 64 33.20 28.64 31.27
CA LEU E 64 33.16 28.40 29.84
C LEU E 64 32.08 29.26 29.18
N GLU E 65 32.31 29.58 27.91
CA GLU E 65 31.33 30.34 27.14
C GLU E 65 31.35 29.83 25.70
N TRP E 66 30.17 29.52 25.17
CA TRP E 66 30.05 29.02 23.82
C TRP E 66 30.43 30.11 22.82
N VAL E 67 31.09 29.71 21.74
CA VAL E 67 31.56 30.68 20.75
C VAL E 67 30.95 30.40 19.38
N SER E 68 31.15 29.19 18.85
CA SER E 68 30.74 28.95 17.48
C SER E 68 30.43 27.47 17.27
N SER E 69 29.72 27.20 16.17
CA SER E 69 29.39 25.84 15.76
C SER E 69 29.46 25.74 14.25
N ILE E 70 29.46 24.50 13.76
CA ILE E 70 29.43 24.22 12.33
C ILE E 70 28.73 22.88 12.13
N SER E 71 28.00 22.77 11.02
CA SER E 71 27.23 21.57 10.73
C SER E 71 28.17 20.43 10.35
N ALA E 72 27.58 19.26 10.06
CA ALA E 72 28.39 18.10 9.72
C ALA E 72 29.09 18.27 8.37
N SER E 73 28.43 18.92 7.41
CA SER E 73 29.00 19.15 6.09
C SER E 73 29.13 20.63 5.78
N SER E 74 29.35 21.46 6.80
CA SER E 74 29.57 22.90 6.65
C SER E 74 28.43 23.56 5.87
N SER E 75 27.20 23.26 6.27
CA SER E 75 26.02 23.86 5.66
C SER E 75 25.39 24.92 6.54
N TYR E 76 25.05 24.57 7.78
CA TYR E 76 24.49 25.52 8.74
C TYR E 76 25.56 25.87 9.77
N SER E 77 25.83 27.16 9.93
CA SER E 77 26.80 27.64 10.89
C SER E 77 26.12 28.65 11.82
N ASP E 78 26.30 28.47 13.12
CA ASP E 78 25.71 29.35 14.12
C ASP E 78 26.83 29.96 14.96
N TYR E 79 26.63 31.21 15.36
CA TYR E 79 27.60 31.93 16.16
C TYR E 79 26.92 32.51 17.39
N ALA E 80 27.71 32.77 18.42
CA ALA E 80 27.20 33.45 19.59
C ALA E 80 26.92 34.91 19.27
N ASP E 81 26.04 35.51 20.08
CA ASP E 81 25.65 36.90 19.84
C ASP E 81 26.85 37.84 19.99
N SER E 82 27.72 37.57 20.97
CA SER E 82 28.89 38.41 21.15
C SER E 82 29.92 38.20 20.05
N ALA E 83 30.02 36.98 19.50
CA ALA E 83 31.02 36.65 18.50
C ALA E 83 30.49 36.74 17.07
N LYS E 84 29.27 37.21 16.89
CA LYS E 84 28.69 37.29 15.55
C LYS E 84 29.42 38.37 14.73
N GLY E 85 29.63 38.07 13.45
CA GLY E 85 30.25 39.02 12.55
C GLY E 85 31.76 38.97 12.57
N ARG E 86 32.36 39.21 13.74
CA ARG E 86 33.82 39.19 13.86
C ARG E 86 34.38 37.80 13.58
N PHE E 87 33.72 36.76 14.07
CA PHE E 87 34.23 35.39 14.00
C PHE E 87 33.55 34.65 12.87
N THR E 88 34.32 33.83 12.16
CA THR E 88 33.76 32.91 11.17
C THR E 88 34.39 31.54 11.34
N ILE E 89 33.65 30.51 10.92
CA ILE E 89 34.04 29.12 11.13
C ILE E 89 33.93 28.38 9.81
N SER E 90 34.85 27.45 9.57
CA SER E 90 34.84 26.63 8.37
C SER E 90 35.46 25.28 8.69
N ARG E 91 35.24 24.32 7.80
CA ARG E 91 35.82 22.99 7.96
C ARG E 91 36.20 22.44 6.59
N ASP E 92 37.26 21.63 6.59
CA ASP E 92 37.73 20.95 5.39
C ASP E 92 37.75 19.45 5.67
N ASN E 93 36.83 18.72 5.04
CA ASN E 93 36.72 17.29 5.27
C ASN E 93 37.79 16.48 4.54
N ALA E 94 38.51 17.08 3.60
CA ALA E 94 39.53 16.34 2.87
C ALA E 94 40.68 15.93 3.79
N LYS E 95 41.23 16.88 4.54
CA LYS E 95 42.27 16.59 5.51
C LYS E 95 41.76 16.59 6.95
N THR E 96 40.44 16.61 7.13
CA THR E 96 39.81 16.55 8.46
C THR E 96 40.33 17.66 9.38
N SER E 97 40.03 18.89 8.99
CA SER E 97 40.48 20.06 9.74
C SER E 97 39.32 21.03 9.95
N LEU E 98 39.42 21.80 11.03
CA LEU E 98 38.44 22.81 11.36
C LEU E 98 39.17 24.12 11.63
N PHE E 99 38.63 25.22 11.10
CA PHE E 99 39.30 26.52 11.18
C PHE E 99 38.34 27.58 11.70
N LEU E 100 38.88 28.46 12.55
CA LEU E 100 38.15 29.63 13.04
C LEU E 100 38.98 30.87 12.74
N GLN E 101 38.37 31.84 12.07
CA GLN E 101 38.99 33.12 11.76
C GLN E 101 38.39 34.19 12.64
N MET E 102 39.23 34.88 13.41
CA MET E 102 38.81 35.96 14.29
C MET E 102 39.37 37.27 13.73
N ASN E 103 38.48 38.17 13.34
CA ASN E 103 38.86 39.46 12.77
C ASN E 103 38.45 40.58 13.71
N SER E 104 39.37 41.51 13.94
CA SER E 104 39.13 42.68 14.81
C SER E 104 38.68 42.23 16.20
N LEU E 105 39.39 41.25 16.75
CA LEU E 105 39.07 40.75 18.07
C LEU E 105 39.34 41.82 19.13
N ARG E 106 38.51 41.84 20.16
CA ARG E 106 38.58 42.86 21.20
C ARG E 106 39.53 42.41 22.31
N ALA E 107 39.58 43.18 23.41
CA ALA E 107 40.47 42.85 24.51
C ALA E 107 39.93 41.74 25.40
N GLU E 108 38.64 41.47 25.36
CA GLU E 108 38.03 40.44 26.18
C GLU E 108 38.18 39.05 25.60
N ASP E 109 38.77 38.91 24.41
CA ASP E 109 38.94 37.62 23.77
C ASP E 109 40.18 36.87 24.24
N THR E 110 40.87 37.38 25.26
CA THR E 110 41.97 36.65 25.90
C THR E 110 41.38 35.41 26.55
N ALA E 111 41.61 34.24 25.96
CA ALA E 111 40.90 33.06 26.44
C ALA E 111 41.55 31.81 25.87
N ILE E 112 41.23 30.68 26.48
CA ILE E 112 41.65 29.36 25.99
C ILE E 112 40.52 28.79 25.17
N TYR E 113 40.80 28.43 23.92
CA TYR E 113 39.80 27.93 23.00
C TYR E 113 39.89 26.41 22.91
N PHE E 114 38.75 25.75 23.00
CA PHE E 114 38.64 24.30 22.95
C PHE E 114 37.81 23.90 21.74
N CYS E 115 38.32 22.93 20.99
CA CYS E 115 37.52 22.23 20.00
C CYS E 115 36.57 21.28 20.73
N ALA E 116 35.42 21.00 20.10
CA ALA E 116 34.45 20.14 20.76
C ALA E 116 33.64 19.38 19.72
N ARG E 117 33.79 18.06 19.69
CA ARG E 117 32.91 17.24 18.88
C ARG E 117 31.52 17.19 19.54
N ALA E 118 30.47 17.46 18.76
CA ALA E 118 29.14 17.61 19.30
C ALA E 118 28.24 16.50 18.79
N ARG E 119 27.52 15.87 19.71
CA ARG E 119 26.53 14.84 19.38
C ARG E 119 25.20 15.21 20.01
N ALA E 120 24.12 14.84 19.34
CA ALA E 120 22.77 15.14 19.81
C ALA E 120 21.92 13.89 19.67
N THR E 121 21.34 13.43 20.79
CA THR E 121 20.47 12.27 20.75
C THR E 121 19.19 12.57 19.97
N GLY E 122 18.57 13.72 20.23
CA GLY E 122 17.41 14.14 19.48
C GLY E 122 16.16 13.32 19.71
N TYR E 123 16.04 12.67 20.86
CA TYR E 123 14.84 11.90 21.14
C TYR E 123 13.71 12.78 21.63
N SER E 124 13.99 13.65 22.61
CA SER E 124 13.00 14.59 23.12
C SER E 124 13.30 16.03 22.71
N SER E 125 14.56 16.44 22.76
CA SER E 125 14.96 17.78 22.35
C SER E 125 16.36 17.70 21.77
N ILE E 126 16.70 18.71 20.97
CA ILE E 126 17.98 18.76 20.27
C ILE E 126 18.91 19.64 21.09
N THR E 127 19.68 19.03 21.97
CA THR E 127 20.71 19.73 22.74
C THR E 127 22.05 19.04 22.52
N PRO E 128 22.92 19.59 21.68
CA PRO E 128 24.22 18.93 21.45
C PRO E 128 25.10 19.02 22.70
N TYR E 129 25.74 17.90 23.02
CA TYR E 129 26.67 17.82 24.13
C TYR E 129 28.06 17.52 23.62
N PHE E 130 29.05 18.21 24.17
CA PHE E 130 30.44 18.12 23.70
C PHE E 130 31.14 17.03 24.51
N ASP E 131 31.25 15.84 23.94
CA ASP E 131 31.86 14.72 24.65
C ASP E 131 33.37 14.66 24.46
N ILE E 132 33.86 14.97 23.27
CA ILE E 132 35.30 14.95 22.96
C ILE E 132 35.77 16.40 22.87
N TRP E 133 36.67 16.77 23.76
CA TRP E 133 37.19 18.14 23.85
C TRP E 133 38.66 18.15 23.47
N GLY E 134 39.07 19.19 22.75
CA GLY E 134 40.46 19.40 22.46
C GLY E 134 41.20 19.97 23.66
N GLN E 135 42.54 19.91 23.59
CA GLN E 135 43.35 20.43 24.68
C GLN E 135 43.17 21.95 24.81
N GLY E 136 43.05 22.65 23.69
CA GLY E 136 42.81 24.07 23.71
C GLY E 136 44.06 24.90 23.50
N THR E 137 43.91 26.06 22.86
CA THR E 137 45.02 26.97 22.62
C THR E 137 44.68 28.33 23.21
N LEU E 138 45.68 28.99 23.80
CA LEU E 138 45.47 30.21 24.55
C LEU E 138 45.77 31.42 23.66
N VAL E 139 44.84 32.37 23.63
CA VAL E 139 44.99 33.63 22.92
C VAL E 139 45.13 34.74 23.95
N THR E 140 46.22 35.49 23.86
CA THR E 140 46.60 36.47 24.86
C THR E 140 46.25 37.90 24.46
N VAL E 141 46.26 38.20 23.16
CA VAL E 141 46.16 39.55 22.60
C VAL E 141 46.89 40.59 23.46
N SER E 142 46.34 40.92 24.63
CA SER E 142 46.96 41.92 25.50
C SER E 142 46.45 41.79 26.93
N SER E 165 19.73 35.80 29.96
CA SER E 165 19.02 34.52 30.02
C SER E 165 20.00 33.36 30.16
N VAL E 166 21.10 33.61 30.86
CA VAL E 166 22.11 32.58 31.08
C VAL E 166 21.68 31.70 32.25
N VAL E 167 22.13 30.45 32.23
CA VAL E 167 21.89 29.53 33.34
C VAL E 167 22.89 29.83 34.45
N THR E 168 22.39 29.93 35.68
CA THR E 168 23.23 30.21 36.84
C THR E 168 23.12 29.06 37.83
N GLN E 169 24.19 28.86 38.61
CA GLN E 169 24.25 27.80 39.59
C GLN E 169 25.01 28.30 40.82
N THR E 170 25.20 27.40 41.78
CA THR E 170 25.79 27.79 43.05
C THR E 170 27.22 28.28 42.84
N PRO E 171 27.61 29.38 43.50
CA PRO E 171 29.00 29.86 43.34
C PRO E 171 30.05 28.86 43.80
N SER E 172 29.76 28.10 44.86
CA SER E 172 30.72 27.14 45.40
C SER E 172 30.01 26.25 46.41
N VAL E 173 30.38 24.97 46.43
CA VAL E 173 29.86 24.01 47.39
C VAL E 173 31.05 23.34 48.06
N SER E 174 31.06 23.35 49.39
CA SER E 174 32.17 22.79 50.16
C SER E 174 31.63 21.85 51.23
N GLY E 175 32.46 20.87 51.60
CA GLY E 175 32.07 19.93 52.63
C GLY E 175 33.18 18.93 52.87
N ALA E 176 33.00 18.15 53.94
CA ALA E 176 33.95 17.11 54.28
C ALA E 176 33.87 15.95 53.29
N PRO E 177 34.91 15.15 53.18
CA PRO E 177 34.86 13.97 52.30
C PRO E 177 33.94 12.90 52.88
N GLY E 178 33.51 12.00 52.00
CA GLY E 178 32.67 10.89 52.38
C GLY E 178 31.17 11.07 52.18
N GLN E 179 30.59 12.15 52.67
CA GLN E 179 29.15 12.35 52.54
C GLN E 179 28.85 12.94 51.17
N ARG E 180 27.58 13.28 50.93
CA ARG E 180 27.10 13.73 49.64
C ARG E 180 26.81 15.22 49.65
N VAL E 181 26.98 15.84 48.48
CA VAL E 181 26.66 17.24 48.26
C VAL E 181 25.82 17.34 47.00
N THR E 182 25.13 18.47 46.85
CA THR E 182 24.25 18.70 45.71
C THR E 182 24.68 19.96 44.98
N ILE E 183 24.56 19.93 43.65
CA ILE E 183 24.84 21.08 42.80
C ILE E 183 23.61 21.32 41.94
N SER E 184 23.05 22.53 42.02
CA SER E 184 21.80 22.87 41.36
C SER E 184 22.04 23.98 40.34
N CYS E 185 21.53 23.77 39.12
CA CYS E 185 21.66 24.73 38.03
C CYS E 185 20.24 25.07 37.56
N THR E 186 19.87 26.34 37.70
CA THR E 186 18.54 26.81 37.34
C THR E 186 18.58 27.59 36.03
N GLY E 187 17.47 27.54 35.31
CA GLY E 187 17.38 28.21 34.03
C GLY E 187 16.02 28.86 33.85
N SER E 188 15.96 29.76 32.88
CA SER E 188 14.74 30.50 32.57
C SER E 188 13.82 29.64 31.72
N SER E 189 12.77 30.26 31.17
CA SER E 189 11.82 29.54 30.33
C SER E 189 12.50 29.02 29.06
N SER E 190 13.33 29.84 28.43
CA SER E 190 14.04 29.41 27.24
C SER E 190 15.21 28.49 27.54
N ASN E 191 15.67 28.45 28.78
CA ASN E 191 16.79 27.60 29.15
C ASN E 191 16.36 26.14 29.34
N ILE E 192 15.49 25.91 30.32
CA ILE E 192 15.13 24.55 30.71
C ILE E 192 13.64 24.34 30.50
N GLY E 193 12.87 25.43 30.55
CA GLY E 193 11.43 25.34 30.42
C GLY E 193 10.93 25.08 29.02
N ALA E 194 11.81 25.15 28.02
CA ALA E 194 11.45 24.84 26.65
C ALA E 194 11.59 23.36 26.33
N GLY E 195 12.04 22.54 27.30
CA GLY E 195 12.22 21.12 27.09
C GLY E 195 13.63 20.70 26.76
N TYR E 196 14.60 21.62 26.79
CA TYR E 196 15.97 21.30 26.44
C TYR E 196 16.63 20.50 27.55
N ASP E 197 17.27 19.40 27.19
CA ASP E 197 17.96 18.56 28.17
C ASP E 197 19.21 19.26 28.69
N VAL E 198 19.61 18.90 29.91
CA VAL E 198 20.71 19.55 30.61
C VAL E 198 21.90 18.60 30.63
N HIS E 199 23.08 19.12 30.29
CA HIS E 199 24.30 18.34 30.31
C HIS E 199 25.29 18.95 31.31
N TRP E 200 25.99 18.09 32.04
CA TRP E 200 26.92 18.49 33.07
C TRP E 200 28.33 18.05 32.69
N TYR E 201 29.28 18.97 32.77
CA TYR E 201 30.69 18.69 32.54
C TYR E 201 31.50 18.95 33.80
N GLN E 202 32.56 18.17 33.99
CA GLN E 202 33.50 18.34 35.07
C GLN E 202 34.85 18.72 34.51
N GLN E 203 35.46 19.76 35.05
CA GLN E 203 36.73 20.29 34.55
C GLN E 203 37.69 20.45 35.71
N LEU E 204 38.78 19.67 35.68
CA LEU E 204 39.84 19.86 36.64
C LEU E 204 40.60 21.15 36.35
N PRO E 205 41.25 21.74 37.35
CA PRO E 205 42.03 22.95 37.10
C PRO E 205 43.15 22.70 36.09
N GLY E 206 43.28 23.58 35.12
CA GLY E 206 44.27 23.41 34.07
C GLY E 206 44.08 22.14 33.26
N THR E 207 42.84 21.80 32.93
CA THR E 207 42.55 20.56 32.22
C THR E 207 41.34 20.80 31.31
N ALA E 208 41.31 20.07 30.20
CA ALA E 208 40.17 20.16 29.30
C ALA E 208 38.95 19.53 29.97
N PRO E 209 37.80 20.20 29.94
CA PRO E 209 36.60 19.62 30.55
C PRO E 209 36.15 18.36 29.83
N LYS E 210 35.53 17.46 30.59
CA LYS E 210 35.05 16.19 30.06
C LYS E 210 33.56 16.05 30.36
N LEU E 211 32.87 15.31 29.49
CA LEU E 211 31.43 15.11 29.64
C LEU E 211 31.18 14.20 30.83
N LEU E 212 30.54 14.74 31.87
CA LEU E 212 30.22 13.97 33.07
C LEU E 212 28.86 13.29 32.97
N ILE E 213 27.84 14.05 32.56
CA ILE E 213 26.48 13.53 32.43
C ILE E 213 25.85 14.15 31.19
N TYR E 214 25.33 13.32 30.30
CA TYR E 214 24.69 13.79 29.08
C TYR E 214 23.23 13.35 29.07
N ASP E 215 22.40 14.15 28.37
CA ASP E 215 20.99 13.86 28.21
C ASP E 215 20.30 13.69 29.57
N ASN E 216 20.28 14.79 30.32
CA ASN E 216 19.54 14.90 31.58
C ASN E 216 20.18 14.09 32.69
N ASN E 217 19.98 12.76 32.66
CA ASN E 217 20.40 11.90 33.77
C ASN E 217 21.20 10.69 33.33
N ASN E 218 21.54 10.58 32.05
CA ASN E 218 22.30 9.44 31.58
C ASN E 218 23.77 9.57 32.02
N ARG E 219 24.60 8.63 31.58
CA ARG E 219 26.00 8.67 31.98
C ARG E 219 26.86 7.96 30.95
N PRO E 220 28.01 8.53 30.58
CA PRO E 220 28.88 7.89 29.59
C PRO E 220 29.76 6.81 30.23
N SER E 221 30.39 6.03 29.37
CA SER E 221 31.30 4.99 29.84
C SER E 221 32.54 5.61 30.45
N GLY E 222 33.08 4.96 31.48
CA GLY E 222 34.24 5.45 32.18
C GLY E 222 33.97 6.38 33.34
N VAL E 223 32.73 6.81 33.50
CA VAL E 223 32.32 7.67 34.62
C VAL E 223 31.69 6.80 35.69
N PRO E 224 32.17 6.86 36.94
CA PRO E 224 31.59 6.00 37.99
C PRO E 224 30.15 6.37 38.27
N ASP E 225 29.40 5.38 38.76
CA ASP E 225 28.00 5.57 39.11
C ASP E 225 27.81 6.45 40.34
N ARG E 226 28.89 7.00 40.90
CA ARG E 226 28.78 7.93 42.00
C ARG E 226 28.00 9.17 41.60
N PHE E 227 28.29 9.71 40.41
CA PHE E 227 27.58 10.89 39.92
C PHE E 227 26.20 10.51 39.41
N SER E 228 25.22 11.36 39.72
CA SER E 228 23.85 11.13 39.30
C SER E 228 23.10 12.44 39.34
N ALA E 229 22.43 12.78 38.24
CA ALA E 229 21.72 14.05 38.10
C ALA E 229 20.26 13.81 37.75
N SER E 230 19.51 14.90 37.78
CA SER E 230 18.09 14.88 37.45
C SER E 230 17.67 16.29 37.06
N LYS E 231 16.49 16.40 36.45
CA LYS E 231 15.94 17.68 36.03
C LYS E 231 14.47 17.72 36.37
N SER E 232 13.99 18.88 36.83
CA SER E 232 12.60 19.07 37.22
C SER E 232 12.14 20.44 36.74
N GLY E 233 11.24 20.45 35.76
CA GLY E 233 10.50 21.64 35.40
C GLY E 233 11.34 22.71 34.74
N THR E 234 12.21 23.34 35.54
CA THR E 234 13.10 24.36 35.03
C THR E 234 14.49 24.33 35.66
N SER E 235 14.79 23.36 36.52
CA SER E 235 16.07 23.34 37.20
C SER E 235 16.61 21.91 37.25
N ALA E 236 17.91 21.77 37.01
CA ALA E 236 18.57 20.48 37.12
C ALA E 236 19.49 20.47 38.33
N SER E 237 19.92 19.27 38.72
CA SER E 237 20.79 19.14 39.88
C SER E 237 21.44 17.77 39.87
N LEU E 238 22.71 17.73 40.24
CA LEU E 238 23.43 16.48 40.43
C LEU E 238 23.84 16.32 41.89
N ALA E 239 24.16 15.08 42.26
CA ALA E 239 24.56 14.75 43.61
C ALA E 239 25.88 13.98 43.56
N ILE E 240 26.85 14.42 44.37
CA ILE E 240 28.12 13.70 44.50
C ILE E 240 27.93 12.72 45.64
N THR E 241 27.36 11.56 45.30
CA THR E 241 27.04 10.54 46.30
C THR E 241 28.33 9.85 46.72
N GLY E 242 28.88 10.27 47.86
CA GLY E 242 30.14 9.73 48.32
C GLY E 242 31.33 10.54 47.86
N LEU E 243 31.31 11.84 48.16
CA LEU E 243 32.36 12.74 47.70
C LEU E 243 33.74 12.27 48.17
N GLN E 244 34.69 12.30 47.25
CA GLN E 244 36.06 11.88 47.50
C GLN E 244 37.01 13.06 47.36
N ALA E 245 38.27 12.83 47.74
CA ALA E 245 39.26 13.90 47.71
C ALA E 245 39.56 14.36 46.29
N GLU E 246 39.62 13.42 45.34
CA GLU E 246 39.98 13.74 43.96
C GLU E 246 38.80 14.24 43.14
N ASP E 247 37.61 14.32 43.71
CA ASP E 247 36.43 14.74 42.98
C ASP E 247 36.29 16.26 42.90
N GLU E 248 37.18 17.01 43.52
CA GLU E 248 37.09 18.47 43.48
C GLU E 248 37.46 18.98 42.08
N ALA E 249 36.60 19.80 41.51
CA ALA E 249 36.77 20.33 40.16
C ALA E 249 35.73 21.44 39.98
N ASP E 250 35.59 21.92 38.75
CA ASP E 250 34.57 22.89 38.38
C ASP E 250 33.49 22.19 37.56
N TYR E 251 32.24 22.31 37.99
CA TYR E 251 31.12 21.65 37.33
C TYR E 251 30.27 22.68 36.59
N TYR E 252 30.03 22.42 35.31
CA TYR E 252 29.30 23.34 34.45
C TYR E 252 28.05 22.67 33.90
N CYS E 253 26.98 23.44 33.76
CA CYS E 253 25.73 22.98 33.18
C CYS E 253 25.47 23.71 31.88
N GLN E 254 24.92 23.02 30.90
CA GLN E 254 24.51 23.66 29.65
C GLN E 254 23.38 22.87 29.02
N SER E 255 22.25 23.53 28.74
CA SER E 255 21.19 22.89 27.98
C SER E 255 21.11 23.42 26.55
N TYR E 256 20.61 24.65 26.36
CA TYR E 256 20.50 25.31 25.06
C TYR E 256 19.76 26.63 25.26
N ASP E 257 19.61 27.44 24.21
CA ASP E 257 18.73 28.59 24.28
C ASP E 257 18.05 28.81 22.93
N ARG E 258 16.83 29.36 22.98
CA ARG E 258 16.17 29.79 21.74
C ARG E 258 16.77 31.07 21.22
N ASN E 259 17.03 32.04 22.09
CA ASN E 259 17.65 33.30 21.67
C ASN E 259 19.16 33.14 21.54
N LEU E 260 19.82 32.73 22.62
CA LEU E 260 21.23 32.39 22.59
C LEU E 260 21.38 30.97 22.04
N SER E 261 22.54 30.37 22.20
CA SER E 261 22.74 28.98 21.82
C SER E 261 23.82 28.37 22.68
N GLY E 262 23.58 27.15 23.16
CA GLY E 262 24.59 26.44 23.93
C GLY E 262 25.07 27.19 25.16
N VAL E 263 24.17 27.84 25.88
CA VAL E 263 24.57 28.64 27.03
C VAL E 263 25.14 27.73 28.12
N PHE E 264 26.25 28.15 28.70
CA PHE E 264 26.94 27.38 29.74
C PHE E 264 26.63 27.97 31.11
N GLY E 265 26.85 27.16 32.14
CA GLY E 265 26.61 27.60 33.49
C GLY E 265 27.67 28.57 33.99
N THR E 266 27.38 29.17 35.13
CA THR E 266 28.30 30.15 35.71
C THR E 266 29.52 29.51 36.35
N GLY E 267 29.46 28.21 36.65
CA GLY E 267 30.61 27.52 37.20
C GLY E 267 30.62 27.42 38.71
N THR E 268 30.45 26.22 39.23
CA THR E 268 30.53 25.97 40.65
C THR E 268 31.90 25.39 41.00
N LYS E 269 32.45 25.84 42.11
CA LYS E 269 33.80 25.43 42.55
C LYS E 269 33.64 24.55 43.79
N VAL E 270 33.59 23.24 43.58
CA VAL E 270 33.49 22.29 44.67
C VAL E 270 34.88 22.03 45.22
N THR E 271 34.95 21.74 46.51
CA THR E 271 36.23 21.47 47.17
C THR E 271 35.99 20.49 48.32
N VAL E 272 37.07 19.86 48.74
CA VAL E 272 37.03 18.86 49.81
C VAL E 272 37.95 19.33 50.94
N LEU E 273 37.48 19.20 52.18
CA LEU E 273 38.25 19.61 53.33
C LEU E 273 39.24 18.52 53.74
N VAL F 21 -12.74 -39.66 21.01
CA VAL F 21 -13.53 -38.52 21.45
C VAL F 21 -14.71 -38.98 22.29
N GLN F 22 -14.85 -38.43 23.50
CA GLN F 22 -15.94 -38.81 24.38
C GLN F 22 -16.18 -37.67 25.36
N LEU F 23 -17.44 -37.54 25.78
CA LEU F 23 -17.85 -36.54 26.77
C LEU F 23 -18.56 -37.27 27.90
N VAL F 24 -17.79 -37.73 28.89
CA VAL F 24 -18.36 -38.45 30.02
C VAL F 24 -19.03 -37.44 30.94
N GLU F 25 -20.10 -37.87 31.61
CA GLU F 25 -20.87 -36.98 32.46
C GLU F 25 -21.08 -37.60 33.83
N SER F 26 -21.33 -36.74 34.81
CA SER F 26 -21.57 -37.18 36.18
C SER F 26 -22.34 -36.09 36.92
N GLY F 27 -22.90 -36.47 38.06
CA GLY F 27 -23.62 -35.54 38.91
C GLY F 27 -25.13 -35.59 38.81
N GLY F 28 -25.68 -36.52 38.04
CA GLY F 28 -27.13 -36.59 37.86
C GLY F 28 -27.84 -37.45 38.89
N GLY F 29 -27.98 -36.96 40.11
CA GLY F 29 -28.65 -37.67 41.17
C GLY F 29 -30.03 -37.11 41.46
N LEU F 30 -30.74 -37.80 42.36
CA LEU F 30 -32.07 -37.37 42.76
C LEU F 30 -31.98 -36.11 43.60
N VAL F 31 -32.85 -35.14 43.31
CA VAL F 31 -32.85 -33.85 43.98
C VAL F 31 -34.27 -33.54 44.45
N LYS F 32 -34.37 -32.91 45.63
CA LYS F 32 -35.65 -32.44 46.11
C LYS F 32 -36.13 -31.25 45.28
N PRO F 33 -37.44 -31.00 45.25
CA PRO F 33 -37.97 -29.89 44.44
C PRO F 33 -37.60 -28.53 45.02
N GLY F 34 -36.40 -28.05 44.71
CA GLY F 34 -35.95 -26.77 45.21
C GLY F 34 -34.52 -26.80 45.73
N GLY F 35 -33.80 -27.89 45.48
CA GLY F 35 -32.42 -28.01 45.86
C GLY F 35 -31.47 -27.48 44.82
N SER F 36 -30.23 -27.96 44.89
CA SER F 36 -29.18 -27.56 43.96
C SER F 36 -28.50 -28.80 43.39
N LEU F 37 -28.08 -28.71 42.14
CA LEU F 37 -27.44 -29.83 41.46
C LEU F 37 -26.25 -29.36 40.63
N ARG F 38 -25.20 -30.17 40.64
CA ARG F 38 -24.00 -29.95 39.86
C ARG F 38 -23.89 -31.04 38.80
N LEU F 39 -23.77 -30.65 37.54
CA LEU F 39 -23.52 -31.60 36.45
C LEU F 39 -22.15 -31.30 35.86
N SER F 40 -21.30 -32.33 35.82
CA SER F 40 -19.96 -32.20 35.28
C SER F 40 -19.84 -33.05 34.01
N CYS F 41 -19.13 -32.50 33.02
CA CYS F 41 -18.90 -33.18 31.74
C CYS F 41 -17.42 -33.05 31.42
N ALA F 42 -16.71 -34.18 31.44
CA ALA F 42 -15.30 -34.24 31.11
C ALA F 42 -15.15 -34.73 29.68
N ALA F 43 -14.48 -33.94 28.85
CA ALA F 43 -14.30 -34.23 27.45
C ALA F 43 -12.87 -34.68 27.20
N SER F 44 -12.71 -35.83 26.56
CA SER F 44 -11.41 -36.38 26.24
C SER F 44 -11.34 -36.71 24.75
N GLY F 45 -10.28 -36.25 24.10
CA GLY F 45 -10.04 -36.54 22.69
C GLY F 45 -9.92 -35.34 21.79
N PHE F 46 -10.02 -34.11 22.29
CA PHE F 46 -9.93 -32.93 21.44
C PHE F 46 -9.57 -31.72 22.30
N THR F 47 -9.26 -30.62 21.62
CA THR F 47 -8.93 -29.37 22.29
C THR F 47 -10.20 -28.77 22.87
N PHE F 48 -10.36 -28.90 24.19
CA PHE F 48 -11.56 -28.40 24.85
C PHE F 48 -11.66 -26.89 24.87
N SER F 49 -10.54 -26.18 24.69
CA SER F 49 -10.51 -24.73 24.83
C SER F 49 -10.92 -24.00 23.56
N SER F 50 -11.18 -24.71 22.46
CA SER F 50 -11.52 -24.07 21.19
C SER F 50 -12.94 -24.37 20.74
N TYR F 51 -13.67 -25.22 21.46
CA TYR F 51 -15.03 -25.58 21.09
C TYR F 51 -16.02 -25.03 22.11
N SER F 52 -17.12 -24.48 21.62
CA SER F 52 -18.15 -23.88 22.47
C SER F 52 -19.14 -24.96 22.88
N MET F 53 -19.03 -25.42 24.12
CA MET F 53 -19.91 -26.47 24.61
C MET F 53 -21.34 -25.95 24.79
N ASN F 54 -22.28 -26.89 24.83
CA ASN F 54 -23.68 -26.58 25.05
C ASN F 54 -24.32 -27.67 25.90
N TRP F 55 -25.44 -27.33 26.52
CA TRP F 55 -26.23 -28.29 27.28
C TRP F 55 -27.59 -28.45 26.64
N VAL F 56 -28.06 -29.69 26.53
CA VAL F 56 -29.33 -30.00 25.91
C VAL F 56 -30.15 -30.87 26.86
N ARG F 57 -31.42 -30.54 27.01
CA ARG F 57 -32.32 -31.25 27.91
C ARG F 57 -33.33 -32.04 27.08
N GLN F 58 -33.54 -33.31 27.45
CA GLN F 58 -34.48 -34.19 26.75
C GLN F 58 -35.42 -34.79 27.79
N ALA F 59 -36.70 -34.45 27.69
CA ALA F 59 -37.69 -34.96 28.61
C ALA F 59 -37.95 -36.44 28.35
N PRO F 60 -38.43 -37.17 29.37
CA PRO F 60 -38.69 -38.60 29.17
C PRO F 60 -39.92 -38.85 28.30
N GLY F 61 -39.74 -38.77 26.98
CA GLY F 61 -40.82 -39.00 26.03
C GLY F 61 -41.18 -37.81 25.17
N LYS F 62 -40.54 -36.65 25.33
CA LYS F 62 -40.80 -35.47 24.52
C LYS F 62 -39.54 -35.07 23.77
N GLY F 63 -39.63 -33.94 23.07
CA GLY F 63 -38.54 -33.50 22.22
C GLY F 63 -37.39 -32.89 22.99
N LEU F 64 -36.26 -32.75 22.29
CA LEU F 64 -35.07 -32.15 22.87
C LEU F 64 -35.30 -30.66 23.13
N GLU F 65 -34.61 -30.15 24.14
CA GLU F 65 -34.71 -28.74 24.51
C GLU F 65 -33.33 -28.19 24.82
N TRP F 66 -33.05 -26.98 24.33
CA TRP F 66 -31.76 -26.34 24.53
C TRP F 66 -31.85 -25.40 25.72
N VAL F 67 -30.91 -25.53 26.66
CA VAL F 67 -30.97 -24.86 27.94
C VAL F 67 -29.88 -23.81 28.11
N SER F 68 -28.63 -24.16 27.79
CA SER F 68 -27.54 -23.23 28.08
C SER F 68 -26.39 -23.44 27.10
N SER F 69 -25.60 -22.38 26.94
CA SER F 69 -24.44 -22.35 26.06
C SER F 69 -23.24 -21.80 26.81
N ILE F 70 -22.08 -21.87 26.17
CA ILE F 70 -20.86 -21.28 26.70
C ILE F 70 -19.89 -21.09 25.55
N SER F 71 -19.14 -19.98 25.59
CA SER F 71 -18.20 -19.67 24.54
C SER F 71 -16.93 -20.52 24.70
N ALA F 72 -15.96 -20.28 23.82
CA ALA F 72 -14.72 -21.04 23.86
C ALA F 72 -13.81 -20.60 25.00
N SER F 73 -14.04 -19.43 25.59
CA SER F 73 -13.25 -18.96 26.72
C SER F 73 -14.14 -18.32 27.78
N SER F 74 -15.39 -18.77 27.89
CA SER F 74 -16.33 -18.35 28.92
C SER F 74 -16.63 -16.85 28.87
N SER F 75 -16.35 -16.19 27.75
CA SER F 75 -16.66 -14.77 27.65
C SER F 75 -18.15 -14.53 27.47
N TYR F 76 -18.82 -15.34 26.65
CA TYR F 76 -20.25 -15.24 26.41
C TYR F 76 -20.92 -16.54 26.79
N SER F 77 -22.14 -16.44 27.32
CA SER F 77 -22.89 -17.63 27.71
C SER F 77 -24.37 -17.29 27.65
N ASP F 78 -25.07 -17.82 26.66
CA ASP F 78 -26.49 -17.58 26.50
C ASP F 78 -27.29 -18.64 27.25
N TYR F 79 -28.53 -18.28 27.58
CA TYR F 79 -29.44 -19.17 28.31
C TYR F 79 -30.81 -19.15 27.66
N ALA F 80 -31.53 -20.26 27.81
CA ALA F 80 -32.92 -20.31 27.36
C ALA F 80 -33.78 -19.43 28.25
N ASP F 81 -34.87 -18.90 27.68
CA ASP F 81 -35.74 -18.01 28.43
C ASP F 81 -36.42 -18.70 29.60
N SER F 82 -36.46 -20.03 29.61
CA SER F 82 -37.03 -20.80 30.71
C SER F 82 -35.98 -21.16 31.76
N ALA F 83 -34.73 -20.72 31.59
CA ALA F 83 -33.68 -21.06 32.54
C ALA F 83 -32.75 -19.89 32.83
N LYS F 84 -33.14 -18.67 32.49
CA LYS F 84 -32.28 -17.52 32.74
C LYS F 84 -32.20 -17.22 34.23
N GLY F 85 -30.98 -17.07 34.73
CA GLY F 85 -30.77 -16.76 36.14
C GLY F 85 -30.92 -17.97 37.04
N ARG F 86 -31.93 -18.79 36.77
CA ARG F 86 -32.16 -19.99 37.57
C ARG F 86 -31.00 -20.98 37.41
N PHE F 87 -30.48 -21.13 36.20
CA PHE F 87 -29.34 -21.99 35.93
C PHE F 87 -28.11 -21.15 35.67
N THR F 88 -26.94 -21.79 35.73
CA THR F 88 -25.70 -21.13 35.31
C THR F 88 -24.74 -22.18 34.78
N ILE F 89 -23.78 -21.72 33.97
CA ILE F 89 -22.85 -22.59 33.28
C ILE F 89 -21.44 -22.05 33.47
N SER F 90 -20.47 -22.95 33.43
CA SER F 90 -19.06 -22.56 33.53
C SER F 90 -18.21 -23.68 32.93
N ARG F 91 -16.93 -23.40 32.76
CA ARG F 91 -16.01 -24.40 32.25
C ARG F 91 -14.61 -24.11 32.76
N ASP F 92 -13.80 -25.16 32.82
CA ASP F 92 -12.39 -25.08 33.20
C ASP F 92 -11.57 -25.72 32.10
N ASN F 93 -10.83 -24.89 31.36
CA ASN F 93 -10.05 -25.41 30.24
C ASN F 93 -8.80 -26.15 30.72
N ALA F 94 -8.29 -25.80 31.90
CA ALA F 94 -7.09 -26.46 32.40
C ALA F 94 -7.32 -27.95 32.63
N LYS F 95 -8.43 -28.31 33.27
CA LYS F 95 -8.80 -29.69 33.48
C LYS F 95 -9.75 -30.22 32.41
N THR F 96 -10.12 -29.38 31.43
CA THR F 96 -11.02 -29.76 30.35
C THR F 96 -12.34 -30.32 30.89
N SER F 97 -13.06 -29.46 31.60
CA SER F 97 -14.34 -29.85 32.20
C SER F 97 -15.37 -28.75 31.98
N LEU F 98 -16.64 -29.16 31.95
CA LEU F 98 -17.76 -28.25 31.80
C LEU F 98 -18.76 -28.49 32.93
N PHE F 99 -19.19 -27.43 33.59
CA PHE F 99 -20.03 -27.55 34.77
C PHE F 99 -21.33 -26.77 34.58
N LEU F 100 -22.43 -27.37 35.04
CA LEU F 100 -23.74 -26.73 35.03
C LEU F 100 -24.29 -26.74 36.45
N GLN F 101 -24.67 -25.58 36.95
CA GLN F 101 -25.29 -25.43 38.26
C GLN F 101 -26.77 -25.16 38.08
N MET F 102 -27.61 -26.01 38.66
CA MET F 102 -29.06 -25.79 38.68
C MET F 102 -29.48 -25.51 40.11
N ASN F 103 -30.03 -24.31 40.34
CA ASN F 103 -30.55 -23.91 41.63
C ASN F 103 -32.05 -23.71 41.55
N SER F 104 -32.75 -24.07 42.63
CA SER F 104 -34.21 -23.95 42.72
C SER F 104 -34.88 -24.75 41.60
N LEU F 105 -34.68 -26.06 41.65
CA LEU F 105 -35.23 -26.95 40.63
C LEU F 105 -36.76 -26.94 40.70
N ARG F 106 -37.39 -27.07 39.54
CA ARG F 106 -38.84 -27.14 39.43
C ARG F 106 -39.27 -28.58 39.15
N ALA F 107 -40.57 -28.76 38.95
CA ALA F 107 -41.11 -30.08 38.68
C ALA F 107 -41.04 -30.47 37.21
N GLU F 108 -40.65 -29.55 36.33
CA GLU F 108 -40.55 -29.83 34.90
C GLU F 108 -39.12 -30.08 34.45
N ASP F 109 -38.18 -30.23 35.38
CA ASP F 109 -36.78 -30.44 35.05
C ASP F 109 -36.38 -31.90 35.06
N THR F 110 -37.32 -32.82 35.28
CA THR F 110 -37.03 -34.25 35.22
C THR F 110 -36.74 -34.62 33.78
N ALA F 111 -35.47 -34.84 33.46
CA ALA F 111 -35.05 -35.08 32.08
C ALA F 111 -33.62 -35.57 32.07
N ILE F 112 -33.15 -35.94 30.87
CA ILE F 112 -31.77 -36.37 30.67
C ILE F 112 -31.00 -35.23 30.00
N TYR F 113 -29.81 -34.97 30.51
CA TYR F 113 -28.99 -33.85 30.06
C TYR F 113 -27.79 -34.35 29.28
N PHE F 114 -27.56 -33.75 28.11
CA PHE F 114 -26.40 -34.04 27.28
C PHE F 114 -25.50 -32.81 27.19
N CYS F 115 -24.20 -33.02 27.31
CA CYS F 115 -23.22 -31.99 27.00
C CYS F 115 -22.76 -32.23 25.57
N ALA F 116 -22.97 -31.22 24.71
CA ALA F 116 -22.76 -31.38 23.28
C ALA F 116 -21.80 -30.32 22.76
N ARG F 117 -20.76 -30.77 22.06
CA ARG F 117 -19.86 -29.87 21.37
C ARG F 117 -20.60 -29.18 20.23
N ALA F 118 -20.19 -27.94 19.93
CA ALA F 118 -20.84 -27.16 18.89
C ALA F 118 -19.82 -26.60 17.93
N ARG F 119 -20.18 -26.60 16.64
CA ARG F 119 -19.37 -26.00 15.59
C ARG F 119 -20.28 -25.15 14.71
N ALA F 120 -19.71 -24.10 14.13
CA ALA F 120 -20.45 -23.19 13.27
C ALA F 120 -19.61 -22.83 12.07
N THR F 121 -20.10 -23.15 10.87
CA THR F 121 -19.37 -22.82 9.66
C THR F 121 -19.31 -21.30 9.46
N GLY F 122 -20.45 -20.64 9.61
CA GLY F 122 -20.49 -19.19 9.54
C GLY F 122 -20.36 -18.60 8.16
N TYR F 123 -20.46 -19.42 7.11
CA TYR F 123 -20.36 -18.88 5.75
C TYR F 123 -21.54 -17.98 5.43
N SER F 124 -22.75 -18.38 5.82
CA SER F 124 -23.95 -17.58 5.59
C SER F 124 -24.60 -17.11 6.88
N SER F 125 -24.58 -17.92 7.93
CA SER F 125 -25.15 -17.56 9.21
C SER F 125 -24.52 -18.42 10.29
N ILE F 126 -24.63 -17.96 11.54
CA ILE F 126 -24.13 -18.71 12.69
C ILE F 126 -25.30 -19.52 13.22
N THR F 127 -25.33 -20.81 12.87
CA THR F 127 -26.32 -21.75 13.38
C THR F 127 -25.56 -22.97 13.88
N PRO F 128 -25.08 -22.95 15.12
CA PRO F 128 -24.24 -24.04 15.61
C PRO F 128 -24.99 -25.37 15.61
N TYR F 129 -24.27 -26.43 15.26
CA TYR F 129 -24.82 -27.78 15.22
C TYR F 129 -24.03 -28.66 16.16
N PHE F 130 -24.73 -29.50 16.92
CA PHE F 130 -24.12 -30.31 17.96
C PHE F 130 -23.72 -31.65 17.34
N ASP F 131 -22.49 -31.72 16.86
CA ASP F 131 -22.03 -32.92 16.15
C ASP F 131 -21.77 -34.08 17.11
N ILE F 132 -21.15 -33.79 18.26
CA ILE F 132 -20.78 -34.82 19.23
C ILE F 132 -21.56 -34.58 20.51
N TRP F 133 -22.28 -35.60 20.96
CA TRP F 133 -23.12 -35.52 22.14
C TRP F 133 -22.61 -36.44 23.22
N GLY F 134 -22.90 -36.08 24.48
CA GLY F 134 -22.63 -36.96 25.58
C GLY F 134 -23.71 -38.02 25.75
N GLN F 135 -23.45 -38.95 26.66
CA GLN F 135 -24.43 -40.02 26.89
C GLN F 135 -25.66 -39.51 27.63
N GLY F 136 -25.51 -38.48 28.45
CA GLY F 136 -26.63 -37.92 29.17
C GLY F 136 -26.71 -38.43 30.60
N THR F 137 -27.26 -37.59 31.47
CA THR F 137 -27.44 -37.93 32.88
C THR F 137 -28.87 -37.62 33.30
N LEU F 138 -29.43 -38.49 34.14
CA LEU F 138 -30.79 -38.32 34.64
C LEU F 138 -30.83 -37.24 35.70
N VAL F 139 -31.88 -36.42 35.67
CA VAL F 139 -32.16 -35.44 36.70
C VAL F 139 -33.64 -35.56 37.03
N THR F 140 -33.96 -35.79 38.30
CA THR F 140 -35.34 -36.02 38.72
C THR F 140 -35.63 -35.22 39.99
N VAL F 141 -36.90 -34.91 40.18
CA VAL F 141 -37.39 -34.21 41.36
C VAL F 141 -38.57 -34.98 41.93
N SER F 142 -38.90 -34.70 43.19
CA SER F 142 -40.00 -35.36 43.86
C SER F 142 -41.24 -34.47 43.88
N SER F 165 -42.54 -19.05 18.99
CA SER F 165 -41.85 -19.05 17.71
C SER F 165 -41.05 -20.33 17.52
N VAL F 166 -41.38 -21.36 18.30
CA VAL F 166 -40.67 -22.63 18.20
C VAL F 166 -41.07 -23.33 16.91
N VAL F 167 -40.11 -24.02 16.29
CA VAL F 167 -40.40 -24.77 15.08
C VAL F 167 -41.22 -26.01 15.43
N THR F 168 -41.90 -26.54 14.42
CA THR F 168 -42.68 -27.76 14.57
C THR F 168 -42.60 -28.56 13.28
N GLN F 169 -42.86 -29.87 13.40
CA GLN F 169 -42.74 -30.78 12.27
C GLN F 169 -43.79 -31.87 12.42
N THR F 170 -43.78 -32.81 11.47
CA THR F 170 -44.79 -33.85 11.43
C THR F 170 -44.72 -34.71 12.70
N PRO F 171 -45.85 -34.94 13.37
CA PRO F 171 -45.80 -35.76 14.60
C PRO F 171 -45.29 -37.17 14.37
N SER F 172 -45.62 -37.77 13.23
CA SER F 172 -45.18 -39.13 12.94
C SER F 172 -45.33 -39.38 11.44
N VAL F 173 -44.62 -40.40 10.97
CA VAL F 173 -44.74 -40.86 9.59
C VAL F 173 -44.45 -42.36 9.57
N SER F 174 -45.15 -43.07 8.68
CA SER F 174 -45.00 -44.52 8.60
C SER F 174 -44.84 -44.97 7.16
N GLY F 175 -44.85 -46.27 6.94
CA GLY F 175 -44.73 -46.82 5.60
C GLY F 175 -44.08 -48.18 5.63
N ALA F 176 -43.43 -48.52 4.53
CA ALA F 176 -42.77 -49.80 4.32
C ALA F 176 -41.38 -49.54 3.74
N PRO F 177 -40.46 -50.49 3.90
CA PRO F 177 -39.14 -50.34 3.27
C PRO F 177 -39.27 -50.21 1.76
N GLY F 178 -38.37 -49.43 1.17
CA GLY F 178 -38.51 -49.10 -0.23
C GLY F 178 -38.92 -47.65 -0.45
N GLN F 179 -40.22 -47.43 -0.71
CA GLN F 179 -40.73 -46.12 -1.06
C GLN F 179 -40.20 -45.03 -0.14
N ARG F 180 -40.01 -43.84 -0.71
CA ARG F 180 -39.42 -42.71 -0.01
C ARG F 180 -40.41 -42.06 0.94
N VAL F 181 -39.90 -41.54 2.05
CA VAL F 181 -40.68 -40.77 3.01
C VAL F 181 -40.03 -39.41 3.18
N THR F 182 -40.84 -38.42 3.57
CA THR F 182 -40.40 -37.05 3.73
C THR F 182 -40.81 -36.52 5.08
N ILE F 183 -39.98 -35.65 5.64
CA ILE F 183 -40.23 -34.99 6.92
C ILE F 183 -40.05 -33.50 6.70
N SER F 184 -41.05 -32.72 7.10
CA SER F 184 -41.07 -31.27 6.86
C SER F 184 -41.00 -30.54 8.19
N CYS F 185 -40.02 -29.65 8.32
CA CYS F 185 -39.84 -28.81 9.51
C CYS F 185 -40.16 -27.37 9.10
N THR F 186 -41.33 -26.89 9.52
CA THR F 186 -41.76 -25.55 9.16
C THR F 186 -41.20 -24.53 10.15
N GLY F 187 -41.71 -23.30 10.08
CA GLY F 187 -41.20 -22.22 10.90
C GLY F 187 -40.77 -21.08 9.99
N SER F 188 -40.95 -19.85 10.48
CA SER F 188 -40.69 -18.67 9.67
C SER F 188 -40.22 -17.55 10.58
N SER F 189 -40.24 -16.32 10.05
CA SER F 189 -39.84 -15.12 10.76
C SER F 189 -38.39 -15.21 11.23
N SER F 190 -38.19 -15.59 12.49
CA SER F 190 -36.84 -15.61 13.05
C SER F 190 -36.17 -16.97 12.94
N ASN F 191 -36.93 -18.06 12.97
CA ASN F 191 -36.36 -19.40 12.91
C ASN F 191 -35.61 -19.63 11.61
N ILE F 192 -36.33 -19.62 10.50
CA ILE F 192 -35.72 -19.86 9.20
C ILE F 192 -35.87 -18.68 8.25
N GLY F 193 -36.86 -17.80 8.44
CA GLY F 193 -37.00 -16.65 7.59
C GLY F 193 -35.95 -15.58 7.78
N ALA F 194 -35.13 -15.69 8.82
CA ALA F 194 -34.03 -14.77 9.06
C ALA F 194 -32.74 -15.20 8.38
N GLY F 195 -32.74 -16.34 7.69
CA GLY F 195 -31.56 -16.83 7.01
C GLY F 195 -30.79 -17.90 7.76
N TYR F 196 -31.26 -18.30 8.94
CA TYR F 196 -30.55 -19.31 9.71
C TYR F 196 -30.69 -20.69 9.04
N ASP F 197 -29.59 -21.45 9.07
CA ASP F 197 -29.61 -22.79 8.49
C ASP F 197 -30.42 -23.73 9.37
N VAL F 198 -30.67 -24.93 8.83
CA VAL F 198 -31.45 -25.95 9.51
C VAL F 198 -30.64 -27.24 9.52
N HIS F 199 -30.48 -27.83 10.71
CA HIS F 199 -29.78 -29.10 10.87
C HIS F 199 -30.75 -30.18 11.34
N TRP F 200 -30.43 -31.42 11.00
CA TRP F 200 -31.28 -32.57 11.31
C TRP F 200 -30.49 -33.59 12.10
N TYR F 201 -31.02 -33.98 13.26
CA TYR F 201 -30.42 -34.99 14.12
C TYR F 201 -31.32 -36.21 14.16
N GLN F 202 -30.71 -37.39 14.23
CA GLN F 202 -31.42 -38.65 14.35
C GLN F 202 -31.11 -39.27 15.71
N GLN F 203 -32.14 -39.60 16.47
CA GLN F 203 -32.00 -40.14 17.82
C GLN F 203 -32.75 -41.46 17.91
N LEU F 204 -32.01 -42.55 18.11
CA LEU F 204 -32.62 -43.84 18.36
C LEU F 204 -33.24 -43.86 19.76
N PRO F 205 -34.22 -44.74 19.98
CA PRO F 205 -34.80 -44.83 21.33
C PRO F 205 -33.76 -45.25 22.35
N GLY F 206 -33.69 -44.49 23.44
CA GLY F 206 -32.70 -44.74 24.47
C GLY F 206 -31.27 -44.60 23.99
N THR F 207 -30.99 -43.60 23.16
CA THR F 207 -29.67 -43.39 22.60
C THR F 207 -29.41 -41.91 22.48
N ALA F 208 -28.13 -41.54 22.51
CA ALA F 208 -27.77 -40.14 22.33
C ALA F 208 -28.04 -39.71 20.89
N PRO F 209 -28.52 -38.49 20.67
CA PRO F 209 -28.76 -38.02 19.31
C PRO F 209 -27.47 -37.95 18.51
N LYS F 210 -27.59 -38.17 17.20
CA LYS F 210 -26.46 -38.16 16.29
C LYS F 210 -26.74 -37.17 15.17
N LEU F 211 -25.75 -36.34 14.86
CA LEU F 211 -25.91 -35.38 13.76
C LEU F 211 -26.05 -36.11 12.44
N LEU F 212 -27.15 -35.86 11.74
CA LEU F 212 -27.44 -36.51 10.47
C LEU F 212 -27.21 -35.59 9.28
N ILE F 213 -27.71 -34.36 9.33
CA ILE F 213 -27.50 -33.37 8.30
C ILE F 213 -27.10 -32.06 8.97
N TYR F 214 -26.02 -31.45 8.50
CA TYR F 214 -25.56 -30.18 9.05
C TYR F 214 -25.44 -29.17 7.92
N ASP F 215 -25.67 -27.90 8.27
CA ASP F 215 -25.57 -26.79 7.33
C ASP F 215 -26.47 -27.01 6.11
N ASN F 216 -27.77 -27.03 6.38
CA ASN F 216 -28.82 -27.09 5.35
C ASN F 216 -28.90 -28.46 4.69
N ASN F 217 -27.96 -28.75 3.78
CA ASN F 217 -28.03 -29.97 2.99
C ASN F 217 -26.73 -30.77 2.96
N ASN F 218 -25.71 -30.37 3.71
CA ASN F 218 -24.47 -31.11 3.73
C ASN F 218 -24.65 -32.43 4.48
N ARG F 219 -23.56 -33.19 4.63
CA ARG F 219 -23.65 -34.46 5.31
C ARG F 219 -22.29 -34.82 5.92
N PRO F 220 -22.25 -35.30 7.15
CA PRO F 220 -20.99 -35.66 7.77
C PRO F 220 -20.52 -37.05 7.33
N SER F 221 -19.26 -37.33 7.65
CA SER F 221 -18.70 -38.64 7.35
C SER F 221 -19.36 -39.71 8.21
N GLY F 222 -19.53 -40.90 7.62
CA GLY F 222 -20.17 -42.01 8.31
C GLY F 222 -21.68 -42.08 8.15
N VAL F 223 -22.30 -41.07 7.57
CA VAL F 223 -23.73 -41.06 7.29
C VAL F 223 -23.92 -41.42 5.82
N PRO F 224 -24.72 -42.44 5.51
CA PRO F 224 -24.91 -42.81 4.11
C PRO F 224 -25.61 -41.71 3.32
N ASP F 225 -25.35 -41.69 2.01
CA ASP F 225 -26.00 -40.75 1.09
C ASP F 225 -27.48 -41.06 0.88
N ARG F 226 -27.99 -42.03 1.63
CA ARG F 226 -29.41 -42.37 1.57
C ARG F 226 -30.27 -41.19 1.98
N PHE F 227 -29.89 -40.49 3.05
CA PHE F 227 -30.63 -39.34 3.51
C PHE F 227 -30.31 -38.11 2.67
N SER F 228 -31.32 -37.30 2.38
CA SER F 228 -31.15 -36.05 1.67
C SER F 228 -31.90 -34.95 2.41
N ALA F 229 -31.46 -33.71 2.22
CA ALA F 229 -32.09 -32.60 2.90
C ALA F 229 -32.08 -31.38 1.99
N SER F 230 -33.02 -30.47 2.24
CA SER F 230 -33.13 -29.25 1.46
C SER F 230 -33.90 -28.22 2.27
N LYS F 231 -33.67 -26.95 1.93
CA LYS F 231 -34.37 -25.83 2.53
C LYS F 231 -34.88 -24.91 1.43
N SER F 232 -36.17 -24.56 1.51
CA SER F 232 -36.79 -23.67 0.54
C SER F 232 -37.67 -22.67 1.27
N GLY F 233 -37.44 -21.38 1.02
CA GLY F 233 -38.23 -20.35 1.69
C GLY F 233 -38.03 -20.43 3.18
N THR F 234 -39.12 -20.58 3.92
CA THR F 234 -39.09 -20.78 5.36
C THR F 234 -39.69 -22.16 5.63
N SER F 235 -38.85 -23.19 5.52
CA SER F 235 -39.26 -24.58 5.66
C SER F 235 -38.01 -25.45 5.56
N ALA F 236 -38.19 -26.74 5.75
CA ALA F 236 -37.11 -27.70 5.59
C ALA F 236 -37.70 -29.03 5.17
N SER F 237 -36.85 -29.86 4.56
CA SER F 237 -37.32 -31.15 4.06
C SER F 237 -36.20 -32.17 4.16
N LEU F 238 -36.50 -33.31 4.78
CA LEU F 238 -35.59 -34.45 4.86
C LEU F 238 -36.24 -35.63 4.17
N ALA F 239 -35.55 -36.17 3.16
CA ALA F 239 -36.06 -37.28 2.36
C ALA F 239 -35.24 -38.53 2.63
N ILE F 240 -35.93 -39.63 2.94
CA ILE F 240 -35.30 -40.92 3.16
C ILE F 240 -35.90 -41.90 2.17
N THR F 241 -35.08 -42.41 1.26
CA THR F 241 -35.52 -43.38 0.27
C THR F 241 -34.84 -44.71 0.51
N GLY F 242 -35.60 -45.80 0.30
CA GLY F 242 -35.09 -47.12 0.59
C GLY F 242 -34.86 -47.33 2.07
N LEU F 243 -35.91 -47.19 2.86
CA LEU F 243 -35.80 -47.27 4.31
C LEU F 243 -35.37 -48.66 4.75
N GLN F 244 -34.59 -48.71 5.83
CA GLN F 244 -34.26 -49.95 6.52
C GLN F 244 -35.16 -50.12 7.74
N ALA F 245 -35.43 -51.38 8.09
CA ALA F 245 -36.25 -51.66 9.25
C ALA F 245 -35.57 -51.18 10.54
N GLU F 246 -34.26 -51.36 10.64
CA GLU F 246 -33.51 -50.97 11.83
C GLU F 246 -33.16 -49.49 11.85
N ASP F 247 -33.40 -48.77 10.77
CA ASP F 247 -33.03 -47.36 10.67
C ASP F 247 -34.20 -46.42 10.97
N GLU F 248 -35.09 -46.84 11.87
CA GLU F 248 -36.19 -46.00 12.32
C GLU F 248 -35.84 -45.38 13.67
N ALA F 249 -36.10 -44.09 13.80
CA ALA F 249 -35.73 -43.32 15.00
C ALA F 249 -36.52 -42.01 14.97
N ASP F 250 -36.17 -41.11 15.88
CA ASP F 250 -36.80 -39.80 15.95
C ASP F 250 -35.91 -38.75 15.30
N TYR F 251 -36.46 -37.97 14.39
CA TYR F 251 -35.71 -36.98 13.63
C TYR F 251 -36.11 -35.59 14.12
N TYR F 252 -35.12 -34.81 14.56
CA TYR F 252 -35.34 -33.48 15.10
C TYR F 252 -34.67 -32.45 14.20
N CYS F 253 -35.35 -31.32 14.01
CA CYS F 253 -34.79 -30.19 13.27
C CYS F 253 -34.41 -29.09 14.25
N GLN F 254 -33.23 -28.51 14.03
CA GLN F 254 -32.71 -27.46 14.90
C GLN F 254 -32.25 -26.29 14.05
N SER F 255 -32.66 -25.09 14.45
CA SER F 255 -32.25 -23.87 13.76
C SER F 255 -32.25 -22.73 14.76
N TYR F 256 -31.25 -21.85 14.62
CA TYR F 256 -31.14 -20.71 15.53
C TYR F 256 -32.30 -19.76 15.32
N ASP F 257 -32.76 -19.14 16.41
CA ASP F 257 -33.89 -18.23 16.39
C ASP F 257 -33.48 -16.92 17.07
N ARG F 258 -33.89 -15.80 16.47
CA ARG F 258 -33.47 -14.50 16.97
C ARG F 258 -34.02 -14.23 18.37
N ASN F 259 -35.29 -14.55 18.61
CA ASN F 259 -35.91 -14.28 19.90
C ASN F 259 -35.29 -15.14 20.99
N LEU F 260 -35.41 -16.47 20.87
CA LEU F 260 -34.82 -17.40 21.81
C LEU F 260 -33.88 -18.33 21.05
N SER F 261 -32.65 -18.46 21.55
CA SER F 261 -31.62 -19.16 20.80
C SER F 261 -31.88 -20.66 20.77
N GLY F 262 -31.48 -21.27 19.65
CA GLY F 262 -31.45 -22.72 19.52
C GLY F 262 -32.74 -23.46 19.74
N VAL F 263 -33.71 -23.29 18.84
CA VAL F 263 -34.95 -24.06 18.94
C VAL F 263 -34.70 -25.49 18.48
N PHE F 264 -35.63 -26.38 18.81
CA PHE F 264 -35.59 -27.76 18.38
C PHE F 264 -36.96 -28.17 17.87
N GLY F 265 -36.99 -29.16 16.99
CA GLY F 265 -38.24 -29.62 16.44
C GLY F 265 -39.07 -30.37 17.47
N THR F 266 -40.36 -30.54 17.14
CA THR F 266 -41.27 -31.22 18.05
C THR F 266 -41.04 -32.73 18.07
N GLY F 267 -40.36 -33.28 17.08
CA GLY F 267 -40.06 -34.70 17.07
C GLY F 267 -40.92 -35.50 16.11
N THR F 268 -40.29 -36.01 15.04
CA THR F 268 -40.98 -36.85 14.07
C THR F 268 -40.70 -38.30 14.39
N LYS F 269 -41.76 -39.07 14.64
CA LYS F 269 -41.64 -40.48 14.97
C LYS F 269 -41.73 -41.29 13.69
N VAL F 270 -40.58 -41.84 13.25
CA VAL F 270 -40.51 -42.63 12.03
C VAL F 270 -40.59 -44.10 12.41
N THR F 271 -41.55 -44.81 11.82
CA THR F 271 -41.72 -46.24 12.05
C THR F 271 -41.83 -46.95 10.71
N VAL F 272 -41.35 -48.19 10.67
CA VAL F 272 -41.34 -49.00 9.47
C VAL F 272 -42.03 -50.32 9.75
N LEU F 273 -42.93 -50.72 8.86
CA LEU F 273 -43.66 -51.98 9.02
C LEU F 273 -42.70 -53.17 8.91
#